data_7A27
#
_entry.id   7A27
#
_cell.length_a   81.240
_cell.length_b   92.580
_cell.length_c   221.100
_cell.angle_alpha   90.000
_cell.angle_beta   90.000
_cell.angle_gamma   90.000
#
_symmetry.space_group_name_H-M   'P 21 21 21'
#
loop_
_entity.id
_entity.type
_entity.pdbx_description
1 polymer SmhA
2 water water
#
_entity_poly.entity_id   1
_entity_poly.type   'polypeptide(L)'
_entity_poly.pdbx_seq_one_letter_code
;MNNLTSIDLSPQTLMAMHISISSQALLNQSYSNLLLSQQLLTSQSMDPGLTVKIKAYQNQLRQQAQVFKQNTVAELIGLY
TKASNFAALVNAVNALYSTEDPQVSQKGAEMVAALSDVAQHYQAAAQAVHTQLQAKREMLEPLMGNFLNVIDAIEQGLNA
EAKQQAQTIAELNEAIAKNIQSIADAGFKAGEGVVQLGQSIVAAVPLGPTDKKPKEAPTAPPKPLSDQASYMISGIQAIS
AGASGAQQAVNELKANYAKLAVAYRALATANALLSVAKSVQAQAQLFVDTYVLTEQRMALLPTEWGKVAEAYLTAAPIIN
QAGSAAEIKQAKQIISLNAEKWQLFSKSIDNAKANYAGNNILPEVLEHHHHHH
;
_entity_poly.pdbx_strand_id   GGG,AAA,BBB,CCC
#
# COMPACT_ATOMS: atom_id res chain seq x y z
N ASN A 3 38.43 13.67 -35.94
CA ASN A 3 38.93 12.46 -36.67
C ASN A 3 37.74 11.52 -37.02
N LEU A 4 37.96 10.59 -37.97
CA LEU A 4 37.00 9.64 -38.59
C LEU A 4 36.29 8.78 -37.56
N THR A 5 37.04 8.32 -36.57
CA THR A 5 36.64 7.51 -35.40
C THR A 5 35.30 7.99 -34.78
N SER A 6 34.85 9.21 -35.07
CA SER A 6 33.66 9.85 -34.44
C SER A 6 32.45 9.98 -35.40
N ILE A 7 32.59 9.71 -36.71
CA ILE A 7 31.45 9.86 -37.65
C ILE A 7 30.48 8.69 -37.47
N ASP A 8 29.20 9.02 -37.55
CA ASP A 8 28.04 8.10 -37.38
C ASP A 8 27.21 8.19 -38.68
N LEU A 9 27.40 7.25 -39.59
CA LEU A 9 26.64 7.16 -40.87
C LEU A 9 25.52 6.11 -40.73
N SER A 10 25.15 5.77 -39.50
CA SER A 10 24.14 4.72 -39.18
C SER A 10 22.72 5.26 -39.36
N PRO A 11 21.74 4.34 -39.42
CA PRO A 11 20.32 4.68 -39.42
C PRO A 11 19.81 5.19 -38.08
N GLN A 12 20.66 5.18 -37.06
CA GLN A 12 20.30 5.57 -35.67
C GLN A 12 19.11 4.69 -35.27
N THR A 13 18.14 5.21 -34.52
CA THR A 13 17.00 4.39 -34.03
C THR A 13 15.88 4.32 -35.06
N LEU A 14 16.13 4.60 -36.35
CA LEU A 14 15.08 4.50 -37.42
C LEU A 14 14.49 3.10 -37.49
N MET A 15 15.30 2.04 -37.40
CA MET A 15 14.80 0.65 -37.57
C MET A 15 13.75 0.37 -36.50
N ALA A 16 14.11 0.58 -35.23
CA ALA A 16 13.22 0.36 -34.08
C ALA A 16 12.01 1.30 -34.17
N MET A 17 12.25 2.56 -34.50
CA MET A 17 11.20 3.59 -34.56
C MET A 17 10.15 3.18 -35.59
N HIS A 18 10.54 2.61 -36.74
CA HIS A 18 9.60 2.15 -37.80
C HIS A 18 8.85 0.92 -37.29
N ILE A 19 9.51 0.01 -36.60
CA ILE A 19 8.88 -1.20 -35.99
C ILE A 19 7.81 -0.76 -34.97
N SER A 20 8.08 0.21 -34.10
CA SER A 20 7.11 0.65 -33.07
C SER A 20 5.93 1.33 -33.78
N ILE A 21 6.13 1.91 -34.98
CA ILE A 21 5.02 2.52 -35.78
C ILE A 21 4.20 1.38 -36.38
N SER A 22 4.84 0.47 -37.10
CA SER A 22 4.18 -0.70 -37.73
C SER A 22 3.24 -1.34 -36.69
N SER A 23 3.72 -1.60 -35.48
CA SER A 23 2.98 -2.27 -34.40
C SER A 23 1.58 -1.69 -34.21
N GLN A 24 1.43 -0.37 -34.15
CA GLN A 24 0.13 0.28 -33.89
C GLN A 24 -0.62 0.48 -35.19
N ALA A 25 0.03 0.95 -36.25
CA ALA A 25 -0.60 1.20 -37.57
C ALA A 25 -1.20 -0.09 -38.11
N LEU A 26 -0.50 -1.22 -38.04
CA LEU A 26 -1.01 -2.53 -38.54
C LEU A 26 -2.25 -2.90 -37.73
N LEU A 27 -2.18 -2.81 -36.42
CA LEU A 27 -3.32 -3.13 -35.53
C LEU A 27 -4.47 -2.17 -35.88
N ASN A 28 -4.21 -0.89 -36.08
CA ASN A 28 -5.26 0.12 -36.36
C ASN A 28 -5.88 -0.18 -37.73
N GLN A 29 -5.13 -0.84 -38.61
CA GLN A 29 -5.61 -1.28 -39.95
C GLN A 29 -6.72 -2.31 -39.70
N SER A 30 -6.49 -3.24 -38.76
CA SER A 30 -7.42 -4.34 -38.39
C SER A 30 -8.64 -3.76 -37.66
N TYR A 31 -8.45 -2.75 -36.80
CA TYR A 31 -9.57 -2.09 -36.08
C TYR A 31 -10.41 -1.27 -37.07
N SER A 32 -9.82 -0.76 -38.14
CA SER A 32 -10.57 -0.08 -39.23
C SER A 32 -11.42 -1.12 -39.94
N ASN A 33 -10.85 -2.28 -40.26
CA ASN A 33 -11.57 -3.36 -40.97
C ASN A 33 -12.73 -3.85 -40.09
N LEU A 34 -12.55 -3.86 -38.78
CA LEU A 34 -13.59 -4.33 -37.83
C LEU A 34 -14.77 -3.36 -37.89
N LEU A 35 -14.50 -2.05 -37.85
CA LEU A 35 -15.56 -0.99 -37.90
C LEU A 35 -16.34 -1.04 -39.21
N LEU A 36 -15.67 -1.41 -40.31
CA LEU A 36 -16.26 -1.45 -41.68
C LEU A 36 -16.97 -2.78 -41.93
N SER A 37 -16.66 -3.84 -41.18
CA SER A 37 -17.27 -5.19 -41.32
C SER A 37 -18.52 -5.27 -40.46
N GLN A 38 -18.52 -4.58 -39.34
CA GLN A 38 -19.63 -4.55 -38.36
C GLN A 38 -20.92 -4.20 -39.08
N GLN A 39 -21.95 -5.03 -38.88
CA GLN A 39 -23.34 -4.82 -39.34
C GLN A 39 -23.79 -3.45 -38.83
N LEU A 40 -24.40 -2.63 -39.66
CA LEU A 40 -25.00 -1.32 -39.29
C LEU A 40 -26.29 -1.58 -38.50
N LEU A 41 -26.77 -0.56 -37.80
CA LEU A 41 -28.07 -0.62 -37.08
C LEU A 41 -29.12 -0.19 -38.11
N THR A 42 -30.07 -1.04 -38.44
CA THR A 42 -31.13 -0.71 -39.46
C THR A 42 -32.42 -0.30 -38.73
N SER A 43 -32.77 -1.02 -37.65
CA SER A 43 -34.05 -0.90 -36.90
C SER A 43 -34.48 0.55 -36.70
N GLN A 44 -35.77 0.83 -36.93
CA GLN A 44 -36.41 2.15 -36.70
C GLN A 44 -37.67 1.91 -35.85
N SER A 45 -37.62 0.93 -34.96
CA SER A 45 -38.71 0.53 -34.04
C SER A 45 -38.25 0.70 -32.60
N MET A 46 -37.30 1.63 -32.36
CA MET A 46 -36.69 1.91 -31.03
C MET A 46 -36.57 3.43 -30.82
N ASP A 47 -36.09 3.88 -29.66
CA ASP A 47 -36.07 5.34 -29.33
C ASP A 47 -35.64 6.11 -30.58
N PRO A 48 -36.52 6.94 -31.20
CA PRO A 48 -36.13 7.70 -32.39
C PRO A 48 -34.90 8.58 -32.15
N GLY A 49 -34.86 9.28 -31.00
CA GLY A 49 -33.80 10.24 -30.60
C GLY A 49 -32.42 9.61 -30.46
N LEU A 50 -32.32 8.42 -29.84
CA LEU A 50 -31.05 7.69 -29.59
C LEU A 50 -30.66 6.89 -30.84
N THR A 51 -31.63 6.34 -31.57
CA THR A 51 -31.38 5.58 -32.83
C THR A 51 -30.56 6.48 -33.78
N VAL A 52 -30.97 7.74 -33.95
CA VAL A 52 -30.27 8.69 -34.89
C VAL A 52 -28.84 9.00 -34.39
N LYS A 53 -28.58 9.00 -33.08
CA LYS A 53 -27.25 9.33 -32.50
C LYS A 53 -26.27 8.18 -32.75
N ILE A 54 -26.76 6.93 -32.65
CA ILE A 54 -25.95 5.70 -32.93
C ILE A 54 -25.64 5.62 -34.42
N LYS A 55 -26.67 5.61 -35.29
CA LYS A 55 -26.51 5.54 -36.77
C LYS A 55 -25.54 6.63 -37.24
N ALA A 56 -25.63 7.86 -36.70
CA ALA A 56 -24.78 9.02 -37.05
C ALA A 56 -23.34 8.75 -36.64
N TYR A 57 -23.12 8.22 -35.42
CA TYR A 57 -21.78 7.91 -34.88
C TYR A 57 -21.18 6.75 -35.67
N GLN A 58 -21.96 5.69 -35.89
CA GLN A 58 -21.48 4.49 -36.61
C GLN A 58 -21.04 4.91 -38.02
N ASN A 59 -21.80 5.81 -38.65
CA ASN A 59 -21.52 6.32 -40.02
C ASN A 59 -20.22 7.14 -39.99
N GLN A 60 -20.10 8.07 -39.03
CA GLN A 60 -18.94 8.98 -38.94
C GLN A 60 -17.66 8.16 -38.68
N LEU A 61 -17.76 7.01 -37.99
CA LEU A 61 -16.60 6.12 -37.70
C LEU A 61 -16.18 5.36 -38.96
N ARG A 62 -17.12 4.82 -39.73
CA ARG A 62 -16.82 4.09 -40.98
C ARG A 62 -16.11 5.03 -41.95
N GLN A 63 -16.51 6.31 -42.01
CA GLN A 63 -15.85 7.32 -42.87
C GLN A 63 -14.37 7.43 -42.45
N GLN A 64 -14.09 7.52 -41.15
CA GLN A 64 -12.70 7.70 -40.66
C GLN A 64 -11.89 6.41 -40.80
N ALA A 65 -12.55 5.25 -40.71
CA ALA A 65 -11.94 3.92 -40.89
C ALA A 65 -11.52 3.78 -42.35
N GLN A 66 -12.42 4.10 -43.28
CA GLN A 66 -12.11 4.08 -44.75
C GLN A 66 -10.94 5.04 -45.03
N VAL A 67 -10.95 6.25 -44.48
CA VAL A 67 -9.86 7.23 -44.73
C VAL A 67 -8.52 6.64 -44.26
N PHE A 68 -8.46 6.14 -43.03
CA PHE A 68 -7.23 5.50 -42.50
C PHE A 68 -6.79 4.37 -43.44
N LYS A 69 -7.70 3.46 -43.77
CA LYS A 69 -7.42 2.22 -44.54
C LYS A 69 -6.88 2.55 -45.93
N GLN A 70 -7.52 3.47 -46.67
CA GLN A 70 -7.22 3.78 -48.10
C GLN A 70 -6.19 4.90 -48.28
N ASN A 71 -6.23 5.97 -47.47
CA ASN A 71 -5.32 7.15 -47.62
C ASN A 71 -4.12 7.09 -46.66
N THR A 72 -4.35 7.08 -45.35
CA THR A 72 -3.29 7.15 -44.31
C THR A 72 -2.30 5.97 -44.42
N VAL A 73 -2.77 4.76 -44.70
CA VAL A 73 -1.85 3.59 -44.84
C VAL A 73 -0.90 3.86 -46.00
N ALA A 74 -1.40 4.40 -47.12
CA ALA A 74 -0.62 4.72 -48.34
C ALA A 74 0.42 5.79 -47.99
N GLU A 75 0.01 6.82 -47.25
CA GLU A 75 0.91 7.91 -46.78
C GLU A 75 2.10 7.26 -46.03
N LEU A 76 1.84 6.30 -45.14
CA LEU A 76 2.90 5.61 -44.34
C LEU A 76 3.79 4.77 -45.26
N ILE A 77 3.20 3.95 -46.13
CA ILE A 77 3.99 3.09 -47.07
C ILE A 77 4.97 4.00 -47.83
N GLY A 78 4.54 5.23 -48.12
CA GLY A 78 5.37 6.25 -48.77
C GLY A 78 6.62 6.56 -47.96
N LEU A 79 6.49 6.80 -46.66
CA LEU A 79 7.63 7.14 -45.76
C LEU A 79 8.57 5.94 -45.62
N TYR A 80 8.02 4.72 -45.60
CA TYR A 80 8.83 3.50 -45.47
C TYR A 80 9.71 3.36 -46.73
N THR A 81 9.10 3.56 -47.91
CA THR A 81 9.81 3.45 -49.22
C THR A 81 11.01 4.40 -49.21
N LYS A 82 10.83 5.60 -48.65
CA LYS A 82 11.88 6.64 -48.58
C LYS A 82 13.09 6.06 -47.83
N ALA A 83 12.87 5.28 -46.78
CA ALA A 83 13.94 4.60 -46.01
C ALA A 83 14.66 3.58 -46.92
N SER A 84 13.96 2.71 -47.62
CA SER A 84 14.58 1.76 -48.58
C SER A 84 15.48 2.55 -49.52
N ASN A 85 14.89 3.59 -50.13
CA ASN A 85 15.56 4.48 -51.10
C ASN A 85 16.88 4.95 -50.49
N PHE A 86 16.85 5.41 -49.24
CA PHE A 86 18.06 5.92 -48.55
C PHE A 86 19.08 4.78 -48.42
N ALA A 87 18.64 3.57 -48.06
CA ALA A 87 19.55 2.41 -47.94
C ALA A 87 20.27 2.21 -49.27
N ALA A 88 19.49 2.22 -50.36
CA ALA A 88 20.02 2.04 -51.74
C ALA A 88 21.11 3.07 -52.02
N LEU A 89 20.90 4.31 -51.62
CA LEU A 89 21.88 5.41 -51.84
C LEU A 89 23.16 5.14 -51.03
N VAL A 90 23.06 4.62 -49.81
CA VAL A 90 24.25 4.32 -48.97
C VAL A 90 25.08 3.22 -49.65
N ASN A 91 24.46 2.20 -50.23
CA ASN A 91 25.16 1.14 -51.02
C ASN A 91 26.04 1.78 -52.11
N ALA A 92 25.50 2.78 -52.79
CA ALA A 92 26.19 3.50 -53.87
C ALA A 92 27.50 4.07 -53.33
N VAL A 93 27.46 4.68 -52.14
CA VAL A 93 28.66 5.27 -51.47
C VAL A 93 29.65 4.15 -51.22
N ASN A 94 29.14 2.99 -50.80
CA ASN A 94 29.99 1.81 -50.55
C ASN A 94 30.74 1.47 -51.85
N ALA A 95 29.99 1.29 -52.95
CA ALA A 95 30.51 0.93 -54.29
C ALA A 95 31.56 1.95 -54.78
N LEU A 96 31.36 3.24 -54.47
CA LEU A 96 32.29 4.34 -54.84
C LEU A 96 33.66 4.10 -54.21
N TYR A 97 33.72 3.46 -53.04
CA TYR A 97 34.98 3.19 -52.30
C TYR A 97 35.63 1.88 -52.78
N SER A 98 35.62 1.65 -54.10
CA SER A 98 36.41 0.60 -54.80
C SER A 98 37.86 1.10 -55.00
N THR A 99 38.27 2.13 -54.24
CA THR A 99 39.58 2.84 -54.20
C THR A 99 40.30 2.67 -55.55
N GLU A 100 39.61 3.07 -56.62
CA GLU A 100 40.15 3.09 -58.00
C GLU A 100 40.50 4.57 -58.27
N ASP A 101 39.81 5.46 -57.55
CA ASP A 101 39.73 6.92 -57.80
C ASP A 101 40.79 7.66 -56.99
N PRO A 102 41.65 8.50 -57.64
CA PRO A 102 42.68 9.25 -56.90
C PRO A 102 42.15 10.41 -56.03
N GLN A 103 40.90 10.83 -56.25
CA GLN A 103 40.20 11.93 -55.51
C GLN A 103 39.04 11.32 -54.69
N VAL A 104 39.12 10.02 -54.37
CA VAL A 104 38.02 9.23 -53.75
C VAL A 104 37.43 9.94 -52.52
N SER A 105 38.24 10.59 -51.67
CA SER A 105 37.77 11.25 -50.43
C SER A 105 36.99 12.56 -50.67
N GLN A 106 37.30 13.34 -51.70
CA GLN A 106 36.52 14.58 -52.02
C GLN A 106 35.15 14.16 -52.60
N LYS A 107 35.11 13.12 -53.43
CA LYS A 107 33.87 12.61 -54.09
C LYS A 107 32.98 11.94 -53.04
N GLY A 108 33.59 11.28 -52.05
CA GLY A 108 32.89 10.64 -50.93
C GLY A 108 32.19 11.70 -50.08
N ALA A 109 32.93 12.73 -49.71
CA ALA A 109 32.44 13.89 -48.91
C ALA A 109 31.23 14.50 -49.62
N GLU A 110 31.35 14.77 -50.92
CA GLU A 110 30.27 15.37 -51.76
C GLU A 110 28.98 14.54 -51.64
N MET A 111 29.06 13.22 -51.70
CA MET A 111 27.87 12.36 -51.68
C MET A 111 27.26 12.29 -50.28
N VAL A 112 28.10 12.15 -49.26
CA VAL A 112 27.60 12.14 -47.87
C VAL A 112 26.85 13.45 -47.64
N ALA A 113 27.42 14.59 -48.06
CA ALA A 113 26.79 15.93 -47.97
C ALA A 113 25.43 15.89 -48.70
N ALA A 114 25.35 15.23 -49.86
CA ALA A 114 24.10 15.11 -50.65
C ALA A 114 23.06 14.28 -49.89
N LEU A 115 23.45 13.18 -49.24
CA LEU A 115 22.50 12.33 -48.48
C LEU A 115 21.97 13.11 -47.27
N SER A 116 22.76 14.03 -46.71
CA SER A 116 22.33 14.93 -45.62
C SER A 116 21.08 15.68 -46.09
N ASP A 117 21.14 16.22 -47.30
CA ASP A 117 20.04 16.94 -47.99
C ASP A 117 18.81 16.02 -48.10
N VAL A 118 18.98 14.80 -48.62
CA VAL A 118 17.88 13.83 -48.84
C VAL A 118 17.22 13.55 -47.49
N ALA A 119 18.01 13.27 -46.47
CA ALA A 119 17.53 13.00 -45.10
C ALA A 119 16.69 14.19 -44.65
N GLN A 120 17.12 15.42 -44.94
CA GLN A 120 16.38 16.64 -44.53
C GLN A 120 15.02 16.66 -45.24
N HIS A 121 14.94 16.18 -46.50
CA HIS A 121 13.68 16.10 -47.28
C HIS A 121 12.78 15.03 -46.65
N TYR A 122 13.34 13.87 -46.31
CA TYR A 122 12.59 12.75 -45.69
C TYR A 122 12.09 13.20 -44.30
N GLN A 123 12.82 14.06 -43.60
CA GLN A 123 12.37 14.62 -42.30
C GLN A 123 11.08 15.41 -42.56
N ALA A 124 11.12 16.34 -43.50
CA ALA A 124 9.99 17.24 -43.86
C ALA A 124 8.82 16.41 -44.38
N ALA A 125 9.08 15.31 -45.09
CA ALA A 125 8.04 14.40 -45.63
C ALA A 125 7.31 13.75 -44.46
N ALA A 126 8.06 13.28 -43.47
CA ALA A 126 7.52 12.67 -42.24
C ALA A 126 6.71 13.73 -41.48
N GLN A 127 7.24 14.94 -41.34
CA GLN A 127 6.49 15.99 -40.60
C GLN A 127 5.10 16.14 -41.23
N ALA A 128 5.03 16.19 -42.57
CA ALA A 128 3.77 16.39 -43.32
C ALA A 128 2.74 15.32 -42.93
N VAL A 129 3.19 14.07 -42.85
CA VAL A 129 2.31 12.93 -42.47
C VAL A 129 1.89 13.07 -41.02
N HIS A 130 2.80 13.42 -40.11
CA HIS A 130 2.48 13.58 -38.67
C HIS A 130 1.42 14.68 -38.48
N THR A 131 1.55 15.78 -39.21
CA THR A 131 0.62 16.92 -39.09
C THR A 131 -0.79 16.46 -39.46
N GLN A 132 -0.94 15.56 -40.46
CA GLN A 132 -2.27 15.03 -40.86
C GLN A 132 -2.81 14.13 -39.73
N LEU A 133 -1.98 13.26 -39.17
CA LEU A 133 -2.39 12.34 -38.07
C LEU A 133 -2.85 13.16 -36.86
N GLN A 134 -2.12 14.23 -36.55
CA GLN A 134 -2.39 15.14 -35.41
C GLN A 134 -3.76 15.80 -35.61
N ALA A 135 -4.08 16.22 -36.83
CA ALA A 135 -5.35 16.87 -37.22
C ALA A 135 -6.51 15.89 -36.99
N LYS A 136 -6.39 14.65 -37.48
CA LYS A 136 -7.42 13.61 -37.30
C LYS A 136 -7.59 13.37 -35.80
N ARG A 137 -6.52 13.17 -35.06
CA ARG A 137 -6.61 12.91 -33.60
C ARG A 137 -7.52 13.98 -32.96
N GLU A 138 -7.26 15.25 -33.27
CA GLU A 138 -7.97 16.41 -32.67
C GLU A 138 -9.45 16.41 -33.05
N MET A 139 -9.86 15.67 -34.10
CA MET A 139 -11.28 15.57 -34.52
C MET A 139 -11.90 14.29 -33.97
N LEU A 140 -11.12 13.21 -33.86
CA LEU A 140 -11.58 11.89 -33.34
C LEU A 140 -11.85 11.94 -31.82
N GLU A 141 -10.98 12.57 -31.02
CA GLU A 141 -11.13 12.57 -29.53
C GLU A 141 -12.48 13.16 -29.16
N PRO A 142 -12.84 14.40 -29.59
CA PRO A 142 -14.14 14.98 -29.30
C PRO A 142 -15.35 14.22 -29.86
N LEU A 143 -15.18 13.50 -30.98
CA LEU A 143 -16.27 12.71 -31.61
C LEU A 143 -16.65 11.57 -30.66
N MET A 144 -15.64 10.84 -30.16
CA MET A 144 -15.82 9.73 -29.21
C MET A 144 -16.25 10.29 -27.84
N GLY A 145 -15.61 11.39 -27.43
CA GLY A 145 -15.92 12.07 -26.16
C GLY A 145 -17.40 12.43 -26.06
N ASN A 146 -17.99 12.91 -27.16
CA ASN A 146 -19.40 13.36 -27.22
C ASN A 146 -20.33 12.13 -27.15
N PHE A 147 -19.94 11.02 -27.76
CA PHE A 147 -20.79 9.82 -27.78
C PHE A 147 -20.74 9.20 -26.37
N LEU A 148 -19.61 9.28 -25.67
CA LEU A 148 -19.48 8.76 -24.28
C LEU A 148 -20.43 9.53 -23.35
N ASN A 149 -20.48 10.87 -23.45
CA ASN A 149 -21.40 11.72 -22.65
C ASN A 149 -22.86 11.32 -22.93
N VAL A 150 -23.13 10.74 -24.11
CA VAL A 150 -24.49 10.29 -24.53
C VAL A 150 -24.80 8.97 -23.82
N ILE A 151 -23.86 8.03 -23.82
CA ILE A 151 -24.01 6.70 -23.13
C ILE A 151 -24.17 6.95 -21.62
N ASP A 152 -23.37 7.88 -21.10
CA ASP A 152 -23.30 8.16 -19.65
C ASP A 152 -24.62 8.74 -19.14
N ALA A 153 -25.15 9.75 -19.82
CA ALA A 153 -26.45 10.39 -19.48
C ALA A 153 -27.55 9.32 -19.37
N ILE A 154 -27.55 8.34 -20.27
CA ILE A 154 -28.53 7.22 -20.29
C ILE A 154 -28.30 6.34 -19.06
N GLU A 155 -27.05 5.92 -18.81
CA GLU A 155 -26.68 5.00 -17.70
C GLU A 155 -26.99 5.64 -16.34
N GLN A 156 -26.72 6.94 -16.15
CA GLN A 156 -26.94 7.69 -14.87
C GLN A 156 -28.41 7.64 -14.42
N GLY A 157 -29.34 7.21 -15.27
CA GLY A 157 -30.77 7.16 -14.95
C GLY A 157 -31.29 5.75 -14.82
N LEU A 158 -30.42 4.73 -14.87
CA LEU A 158 -30.83 3.30 -14.77
C LEU A 158 -30.94 2.87 -13.31
N ASN A 159 -31.71 1.81 -13.04
CA ASN A 159 -31.80 1.17 -11.70
C ASN A 159 -30.46 0.47 -11.45
N ALA A 160 -30.24 -0.10 -10.26
CA ALA A 160 -28.97 -0.75 -9.84
C ALA A 160 -28.70 -2.03 -10.65
N GLU A 161 -29.71 -2.84 -10.95
CA GLU A 161 -29.56 -4.13 -11.68
C GLU A 161 -29.00 -3.89 -13.08
N ALA A 162 -29.44 -2.82 -13.77
CA ALA A 162 -29.02 -2.48 -15.15
C ALA A 162 -27.61 -1.87 -15.14
N LYS A 163 -27.30 -1.04 -14.14
CA LYS A 163 -25.95 -0.43 -14.02
C LYS A 163 -24.91 -1.54 -13.88
N GLN A 164 -25.24 -2.61 -13.14
CA GLN A 164 -24.31 -3.74 -12.90
C GLN A 164 -24.13 -4.50 -14.21
N GLN A 165 -25.22 -4.75 -14.93
CA GLN A 165 -25.19 -5.46 -16.24
C GLN A 165 -24.33 -4.65 -17.23
N ALA A 166 -24.42 -3.32 -17.16
CA ALA A 166 -23.66 -2.38 -18.03
C ALA A 166 -22.18 -2.39 -17.66
N GLN A 167 -21.86 -2.44 -16.36
CA GLN A 167 -20.46 -2.43 -15.86
C GLN A 167 -19.81 -3.75 -16.26
N THR A 168 -20.52 -4.88 -16.10
CA THR A 168 -20.04 -6.23 -16.50
C THR A 168 -19.55 -6.16 -17.94
N ILE A 169 -20.34 -5.54 -18.82
CA ILE A 169 -20.04 -5.37 -20.27
C ILE A 169 -18.80 -4.47 -20.41
N ALA A 170 -18.78 -3.30 -19.77
CA ALA A 170 -17.66 -2.33 -19.85
C ALA A 170 -16.37 -3.04 -19.45
N GLU A 171 -16.41 -3.82 -18.36
CA GLU A 171 -15.25 -4.54 -17.79
C GLU A 171 -14.77 -5.60 -18.78
N LEU A 172 -15.68 -6.34 -19.40
CA LEU A 172 -15.33 -7.42 -20.37
C LEU A 172 -14.69 -6.80 -21.63
N ASN A 173 -15.24 -5.73 -22.20
CA ASN A 173 -14.66 -5.04 -23.38
C ASN A 173 -13.22 -4.62 -23.05
N GLU A 174 -12.97 -4.12 -21.84
CA GLU A 174 -11.64 -3.68 -21.38
C GLU A 174 -10.68 -4.89 -21.33
N ALA A 175 -11.17 -6.06 -20.90
CA ALA A 175 -10.38 -7.31 -20.78
C ALA A 175 -10.02 -7.84 -22.17
N ILE A 176 -11.01 -7.88 -23.07
CA ILE A 176 -10.90 -8.39 -24.46
C ILE A 176 -9.85 -7.58 -25.22
N ALA A 177 -9.80 -6.27 -25.00
CA ALA A 177 -8.84 -5.34 -25.64
C ALA A 177 -7.42 -5.75 -25.24
N LYS A 178 -7.21 -6.08 -23.95
CA LYS A 178 -5.88 -6.51 -23.43
C LYS A 178 -5.48 -7.83 -24.10
N ASN A 179 -6.42 -8.74 -24.30
CA ASN A 179 -6.20 -10.06 -24.95
C ASN A 179 -5.79 -9.84 -26.41
N ILE A 180 -6.54 -9.05 -27.17
CA ILE A 180 -6.25 -8.78 -28.61
C ILE A 180 -4.83 -8.24 -28.71
N GLN A 181 -4.51 -7.23 -27.90
CA GLN A 181 -3.17 -6.59 -27.89
C GLN A 181 -2.11 -7.67 -27.69
N SER A 182 -2.34 -8.61 -26.76
CA SER A 182 -1.36 -9.69 -26.44
C SER A 182 -1.13 -10.60 -27.67
N ILE A 183 -2.20 -10.88 -28.41
CA ILE A 183 -2.24 -11.77 -29.60
C ILE A 183 -1.50 -11.09 -30.75
N ALA A 184 -1.82 -9.81 -30.98
CA ALA A 184 -1.22 -9.01 -32.06
C ALA A 184 0.30 -8.93 -31.85
N ASP A 185 0.76 -8.76 -30.59
CA ASP A 185 2.20 -8.66 -30.24
C ASP A 185 2.92 -9.94 -30.68
N ALA A 186 2.34 -11.09 -30.37
CA ALA A 186 2.86 -12.44 -30.67
C ALA A 186 2.91 -12.67 -32.18
N GLY A 187 1.86 -12.25 -32.91
CA GLY A 187 1.81 -12.36 -34.38
C GLY A 187 2.88 -11.49 -35.04
N PHE A 188 3.10 -10.30 -34.48
CA PHE A 188 4.02 -9.26 -35.00
C PHE A 188 5.51 -9.62 -34.83
N LYS A 189 5.84 -10.44 -33.85
CA LYS A 189 7.22 -10.91 -33.55
C LYS A 189 8.25 -9.78 -33.63
N ALA A 190 7.96 -8.63 -33.01
CA ALA A 190 8.84 -7.44 -32.91
C ALA A 190 9.40 -7.04 -34.29
N GLY A 191 8.52 -7.05 -35.32
CA GLY A 191 8.84 -6.57 -36.67
C GLY A 191 9.14 -7.66 -37.68
N GLU A 192 9.58 -8.83 -37.21
CA GLU A 192 10.00 -9.95 -38.09
C GLU A 192 8.82 -10.88 -38.39
N GLY A 193 7.62 -10.57 -37.91
CA GLY A 193 6.45 -11.44 -38.10
C GLY A 193 5.72 -11.13 -39.39
N VAL A 194 4.85 -12.05 -39.81
CA VAL A 194 3.93 -11.92 -40.97
C VAL A 194 2.50 -11.91 -40.40
N VAL A 195 1.99 -10.70 -40.13
CA VAL A 195 0.77 -10.47 -39.33
C VAL A 195 -0.49 -10.86 -40.09
N GLN A 196 -1.46 -11.36 -39.33
CA GLN A 196 -2.82 -11.72 -39.74
C GLN A 196 -3.68 -11.75 -38.46
N LEU A 197 -4.83 -11.06 -38.49
CA LEU A 197 -5.90 -11.17 -37.46
C LEU A 197 -7.20 -11.47 -38.19
N GLY A 198 -8.11 -12.24 -37.59
CA GLY A 198 -9.39 -12.61 -38.22
C GLY A 198 -10.54 -11.88 -37.55
N GLN A 199 -11.77 -12.34 -37.81
CA GLN A 199 -13.01 -11.79 -37.21
C GLN A 199 -14.11 -12.85 -37.27
N SER A 200 -15.14 -12.71 -36.44
CA SER A 200 -16.34 -13.59 -36.40
C SER A 200 -17.41 -12.91 -35.55
N ILE A 201 -18.64 -13.37 -35.64
CA ILE A 201 -19.72 -12.86 -34.74
C ILE A 201 -19.40 -13.45 -33.36
N VAL A 202 -19.42 -12.64 -32.30
CA VAL A 202 -19.04 -13.08 -30.92
C VAL A 202 -20.21 -12.93 -29.94
N ALA A 203 -21.15 -12.03 -30.26
CA ALA A 203 -22.32 -11.71 -29.43
C ALA A 203 -23.46 -11.20 -30.29
N ALA A 204 -24.62 -10.98 -29.68
CA ALA A 204 -25.85 -10.54 -30.36
C ALA A 204 -26.76 -9.82 -29.37
N VAL A 205 -27.57 -8.90 -29.88
CA VAL A 205 -28.52 -8.08 -29.09
C VAL A 205 -29.93 -8.27 -29.63
N PRO A 206 -30.77 -9.12 -29.01
CA PRO A 206 -32.19 -9.19 -29.39
C PRO A 206 -32.86 -7.81 -29.30
N LEU A 207 -33.68 -7.44 -30.29
CA LEU A 207 -34.39 -6.14 -30.40
C LEU A 207 -35.91 -6.37 -30.24
N GLY A 208 -36.55 -5.73 -29.25
CA GLY A 208 -37.99 -5.85 -28.90
C GLY A 208 -38.91 -6.09 -30.11
N PRO A 209 -39.91 -7.02 -30.06
CA PRO A 209 -40.73 -7.36 -31.22
C PRO A 209 -41.70 -6.26 -31.72
N SER A 226 -41.05 -8.67 -39.81
CA SER A 226 -39.77 -8.63 -39.05
C SER A 226 -38.92 -7.44 -39.53
N ASP A 227 -38.22 -6.79 -38.58
CA ASP A 227 -37.30 -5.64 -38.81
C ASP A 227 -35.87 -6.22 -38.83
N GLN A 228 -35.09 -5.98 -37.76
CA GLN A 228 -33.73 -6.55 -37.50
C GLN A 228 -33.91 -7.40 -36.25
N ALA A 229 -34.22 -8.70 -36.42
CA ALA A 229 -34.39 -9.68 -35.32
C ALA A 229 -33.30 -9.43 -34.26
N SER A 230 -32.03 -9.24 -34.68
CA SER A 230 -30.91 -9.00 -33.74
C SER A 230 -29.72 -8.28 -34.39
N TYR A 231 -29.09 -7.42 -33.59
CA TYR A 231 -27.85 -6.68 -33.96
C TYR A 231 -26.65 -7.61 -33.70
N MET A 232 -25.98 -8.08 -34.75
CA MET A 232 -24.83 -9.03 -34.67
C MET A 232 -23.51 -8.28 -34.45
N ILE A 233 -22.81 -8.62 -33.37
CA ILE A 233 -21.53 -7.97 -32.92
C ILE A 233 -20.33 -8.75 -33.45
N SER A 234 -19.50 -8.08 -34.24
CA SER A 234 -18.27 -8.63 -34.83
C SER A 234 -17.12 -8.34 -33.86
N GLY A 235 -16.20 -9.30 -33.71
CA GLY A 235 -15.03 -9.15 -32.85
C GLY A 235 -13.80 -9.73 -33.50
N ILE A 236 -12.63 -9.17 -33.20
CA ILE A 236 -11.31 -9.68 -33.70
C ILE A 236 -11.13 -11.10 -33.16
N GLN A 237 -10.42 -11.96 -33.89
CA GLN A 237 -10.10 -13.34 -33.47
C GLN A 237 -8.68 -13.66 -33.93
N ALA A 238 -8.00 -14.59 -33.26
CA ALA A 238 -6.68 -15.04 -33.69
C ALA A 238 -6.91 -15.96 -34.89
N ILE A 239 -5.95 -16.08 -35.79
CA ILE A 239 -6.08 -16.98 -36.98
C ILE A 239 -6.09 -18.45 -36.55
N SER A 240 -5.22 -18.88 -35.64
CA SER A 240 -5.10 -20.31 -35.19
C SER A 240 -5.39 -20.43 -33.70
N ALA A 241 -6.54 -21.03 -33.35
CA ALA A 241 -7.00 -21.27 -31.96
C ALA A 241 -6.07 -22.24 -31.21
N GLY A 242 -4.88 -22.57 -31.76
CA GLY A 242 -3.94 -23.48 -31.08
C GLY A 242 -2.52 -23.46 -31.62
N ALA A 243 -2.10 -22.46 -32.41
CA ALA A 243 -0.72 -22.36 -32.98
C ALA A 243 -0.18 -20.92 -32.93
N SER A 244 -0.97 -19.94 -32.46
CA SER A 244 -0.58 -18.53 -32.14
C SER A 244 0.39 -18.67 -30.98
N GLY A 245 1.37 -17.79 -30.82
CA GLY A 245 2.40 -17.96 -29.77
C GLY A 245 2.05 -17.14 -28.51
N ALA A 246 0.74 -17.03 -28.28
CA ALA A 246 0.10 -16.37 -27.12
C ALA A 246 -1.13 -17.19 -26.72
N GLN A 247 -0.92 -18.47 -26.41
CA GLN A 247 -2.02 -19.45 -26.17
C GLN A 247 -2.92 -18.97 -25.03
N GLN A 248 -2.33 -18.42 -23.97
CA GLN A 248 -3.11 -17.98 -22.76
C GLN A 248 -4.07 -16.86 -23.18
N ALA A 249 -3.59 -15.88 -23.94
CA ALA A 249 -4.44 -14.75 -24.41
C ALA A 249 -5.57 -15.31 -25.27
N VAL A 250 -5.30 -16.26 -26.18
CA VAL A 250 -6.33 -16.87 -27.07
C VAL A 250 -7.41 -17.56 -26.25
N ASN A 251 -7.00 -18.24 -25.16
CA ASN A 251 -7.91 -18.97 -24.25
C ASN A 251 -8.76 -17.94 -23.48
N GLU A 252 -8.16 -16.87 -22.97
CA GLU A 252 -8.88 -15.77 -22.25
C GLU A 252 -9.88 -15.13 -23.22
N LEU A 253 -9.47 -14.88 -24.45
CA LEU A 253 -10.33 -14.24 -25.48
C LEU A 253 -11.57 -15.11 -25.71
N LYS A 254 -11.41 -16.42 -25.83
CA LYS A 254 -12.55 -17.36 -26.07
C LYS A 254 -13.52 -17.25 -24.88
N ALA A 255 -13.00 -17.41 -23.67
CA ALA A 255 -13.73 -17.34 -22.38
C ALA A 255 -14.45 -16.00 -22.25
N ASN A 256 -13.75 -14.89 -22.51
CA ASN A 256 -14.32 -13.52 -22.38
C ASN A 256 -15.45 -13.31 -23.40
N TYR A 257 -15.29 -13.77 -24.66
CA TYR A 257 -16.37 -13.62 -25.68
C TYR A 257 -17.61 -14.39 -25.19
N ALA A 258 -17.42 -15.58 -24.63
CA ALA A 258 -18.54 -16.40 -24.09
C ALA A 258 -19.33 -15.54 -23.08
N LYS A 259 -18.63 -14.93 -22.12
CA LYS A 259 -19.23 -14.09 -21.05
C LYS A 259 -19.86 -12.82 -21.64
N LEU A 260 -19.22 -12.24 -22.66
CA LEU A 260 -19.73 -11.01 -23.32
C LEU A 260 -21.10 -11.29 -23.92
N ALA A 261 -21.25 -12.44 -24.58
CA ALA A 261 -22.51 -12.87 -25.24
C ALA A 261 -23.64 -12.87 -24.21
N VAL A 262 -23.39 -13.54 -23.08
CA VAL A 262 -24.33 -13.72 -21.94
C VAL A 262 -24.72 -12.33 -21.38
N ALA A 263 -23.75 -11.44 -21.21
CA ALA A 263 -23.93 -10.11 -20.57
C ALA A 263 -24.81 -9.21 -21.45
N TYR A 264 -24.69 -9.26 -22.79
CA TYR A 264 -25.52 -8.44 -23.71
C TYR A 264 -26.96 -8.98 -23.67
N ARG A 265 -27.13 -10.30 -23.63
CA ARG A 265 -28.47 -10.94 -23.56
C ARG A 265 -29.20 -10.39 -22.33
N ALA A 266 -28.48 -10.24 -21.21
CA ALA A 266 -29.00 -9.73 -19.92
C ALA A 266 -29.43 -8.26 -20.02
N LEU A 267 -28.53 -7.37 -20.43
CA LEU A 267 -28.80 -5.92 -20.52
C LEU A 267 -29.91 -5.64 -21.56
N ALA A 268 -29.97 -6.46 -22.62
CA ALA A 268 -30.90 -6.32 -23.75
C ALA A 268 -32.37 -6.50 -23.33
N THR A 269 -32.65 -7.40 -22.38
CA THR A 269 -34.05 -7.68 -21.94
C THR A 269 -34.81 -6.35 -21.77
N ALA A 270 -34.23 -5.38 -21.08
CA ALA A 270 -34.87 -4.07 -20.74
C ALA A 270 -34.27 -2.92 -21.57
N ASN A 271 -32.94 -2.87 -21.76
CA ASN A 271 -32.22 -1.79 -22.49
C ASN A 271 -31.43 -2.40 -23.67
N ALA A 272 -32.09 -2.62 -24.80
CA ALA A 272 -31.54 -3.23 -26.04
C ALA A 272 -30.73 -2.20 -26.82
N LEU A 273 -31.26 -0.98 -26.94
CA LEU A 273 -30.64 0.09 -27.75
C LEU A 273 -29.34 0.56 -27.07
N LEU A 274 -29.30 0.57 -25.74
CA LEU A 274 -28.07 0.96 -25.00
C LEU A 274 -27.00 -0.10 -25.24
N SER A 275 -27.38 -1.39 -25.20
CA SER A 275 -26.50 -2.54 -25.49
C SER A 275 -25.78 -2.30 -26.83
N VAL A 276 -26.53 -1.88 -27.85
CA VAL A 276 -25.99 -1.58 -29.21
C VAL A 276 -24.96 -0.45 -29.08
N ALA A 277 -25.38 0.70 -28.52
CA ALA A 277 -24.53 1.89 -28.33
C ALA A 277 -23.19 1.50 -27.69
N LYS A 278 -23.22 0.62 -26.68
CA LYS A 278 -22.02 0.15 -25.95
C LYS A 278 -21.13 -0.69 -26.86
N SER A 279 -21.74 -1.58 -27.65
CA SER A 279 -21.04 -2.47 -28.62
C SER A 279 -20.25 -1.65 -29.65
N VAL A 280 -20.85 -0.55 -30.13
CA VAL A 280 -20.25 0.36 -31.15
C VAL A 280 -19.08 1.11 -30.51
N GLN A 281 -19.32 1.69 -29.33
CA GLN A 281 -18.33 2.51 -28.58
C GLN A 281 -17.10 1.66 -28.25
N ALA A 282 -17.26 0.36 -27.96
CA ALA A 282 -16.14 -0.55 -27.65
C ALA A 282 -15.20 -0.65 -28.87
N GLN A 283 -15.79 -0.73 -30.07
CA GLN A 283 -15.06 -0.82 -31.37
C GLN A 283 -14.39 0.53 -31.66
N ALA A 284 -15.09 1.65 -31.41
CA ALA A 284 -14.56 3.01 -31.61
C ALA A 284 -13.32 3.20 -30.74
N GLN A 285 -13.44 2.84 -29.45
CA GLN A 285 -12.37 2.95 -28.42
C GLN A 285 -11.10 2.31 -29.00
N LEU A 286 -11.16 1.06 -29.51
CA LEU A 286 -9.96 0.37 -30.01
C LEU A 286 -9.32 1.19 -31.12
N PHE A 287 -10.14 1.67 -32.07
CA PHE A 287 -9.70 2.47 -33.24
C PHE A 287 -9.06 3.78 -32.78
N VAL A 288 -9.76 4.57 -31.97
CA VAL A 288 -9.30 5.91 -31.54
C VAL A 288 -8.08 5.79 -30.62
N ASP A 289 -8.05 4.82 -29.69
CA ASP A 289 -6.91 4.65 -28.77
C ASP A 289 -5.66 4.35 -29.61
N THR A 290 -5.71 3.40 -30.54
CA THR A 290 -4.50 3.00 -31.29
C THR A 290 -4.20 4.07 -32.35
N TYR A 291 -5.18 4.87 -32.76
CA TYR A 291 -4.91 6.00 -33.69
C TYR A 291 -4.00 6.98 -32.95
N VAL A 292 -4.33 7.26 -31.69
CA VAL A 292 -3.57 8.18 -30.81
C VAL A 292 -2.13 7.64 -30.66
N LEU A 293 -1.97 6.33 -30.43
CA LEU A 293 -0.63 5.72 -30.26
C LEU A 293 0.13 5.82 -31.58
N THR A 294 -0.58 5.71 -32.72
CA THR A 294 0.05 5.80 -34.06
C THR A 294 0.61 7.22 -34.18
N GLU A 295 -0.21 8.24 -33.91
CA GLU A 295 0.19 9.67 -33.95
C GLU A 295 1.41 9.90 -33.06
N GLN A 296 1.44 9.33 -31.85
CA GLN A 296 2.52 9.56 -30.86
C GLN A 296 3.85 8.93 -31.30
N ARG A 297 3.84 7.73 -31.87
CA ARG A 297 5.10 7.07 -32.34
C ARG A 297 5.63 7.82 -33.56
N MET A 298 4.72 8.34 -34.39
CA MET A 298 5.02 9.08 -35.63
C MET A 298 5.59 10.47 -35.29
N ALA A 299 5.27 11.02 -34.13
CA ALA A 299 5.74 12.36 -33.69
C ALA A 299 7.28 12.39 -33.61
N LEU A 300 7.92 11.27 -33.31
CA LEU A 300 9.38 11.19 -33.08
C LEU A 300 10.14 10.96 -34.41
N LEU A 301 9.44 10.56 -35.48
CA LEU A 301 10.09 10.15 -36.76
C LEU A 301 10.80 11.33 -37.44
N PRO A 302 10.16 12.52 -37.61
CA PRO A 302 10.84 13.65 -38.23
C PRO A 302 12.18 13.97 -37.54
N THR A 303 12.17 14.06 -36.21
CA THR A 303 13.38 14.29 -35.39
C THR A 303 14.44 13.24 -35.74
N GLU A 304 14.08 11.97 -35.84
CA GLU A 304 15.06 10.89 -36.12
C GLU A 304 15.64 11.07 -37.53
N TRP A 305 14.88 11.51 -38.53
CA TRP A 305 15.47 11.76 -39.87
C TRP A 305 16.42 12.95 -39.75
N GLY A 306 16.03 13.97 -39.00
CA GLY A 306 16.84 15.17 -38.71
C GLY A 306 18.16 14.82 -38.08
N LYS A 307 18.19 13.78 -37.23
CA LYS A 307 19.43 13.29 -36.58
C LYS A 307 20.36 12.69 -37.64
N VAL A 308 19.80 11.97 -38.64
CA VAL A 308 20.59 11.39 -39.76
C VAL A 308 21.14 12.54 -40.59
N ALA A 309 20.35 13.59 -40.80
CA ALA A 309 20.75 14.79 -41.58
C ALA A 309 21.95 15.46 -40.90
N GLU A 310 21.86 15.72 -39.59
CA GLU A 310 22.92 16.41 -38.82
C GLU A 310 24.18 15.52 -38.81
N ALA A 311 24.03 14.22 -38.56
CA ALA A 311 25.16 13.25 -38.49
C ALA A 311 25.92 13.23 -39.82
N TYR A 312 25.20 13.26 -40.93
CA TYR A 312 25.77 13.19 -42.30
C TYR A 312 26.45 14.52 -42.65
N LEU A 313 25.88 15.65 -42.22
CA LEU A 313 26.42 17.01 -42.48
C LEU A 313 27.79 17.15 -41.79
N THR A 314 27.89 16.74 -40.52
CA THR A 314 29.12 16.79 -39.69
C THR A 314 30.18 15.81 -40.22
N ALA A 315 29.76 14.65 -40.73
CA ALA A 315 30.62 13.57 -41.24
C ALA A 315 31.39 14.00 -42.50
N ALA A 316 30.72 14.70 -43.42
CA ALA A 316 31.25 15.04 -44.77
C ALA A 316 32.61 15.74 -44.70
N PRO A 317 32.77 16.93 -44.06
CA PRO A 317 34.06 17.61 -44.04
C PRO A 317 35.17 16.75 -43.42
N ILE A 318 34.81 15.87 -42.48
CA ILE A 318 35.77 14.94 -41.79
C ILE A 318 36.25 13.89 -42.80
N ILE A 319 35.35 13.32 -43.62
CA ILE A 319 35.67 12.31 -44.66
C ILE A 319 36.59 12.95 -45.71
N ASN A 320 36.46 14.26 -45.90
CA ASN A 320 37.23 15.08 -46.89
C ASN A 320 38.68 15.22 -46.41
N GLN A 321 38.92 15.35 -45.09
CA GLN A 321 40.29 15.48 -44.50
C GLN A 321 41.13 14.21 -44.75
N ALA A 322 40.50 13.02 -44.85
CA ALA A 322 41.15 11.71 -45.10
C ALA A 322 41.84 11.70 -46.47
N GLY A 323 43.15 12.03 -46.49
CA GLY A 323 43.97 12.12 -47.72
C GLY A 323 45.13 11.11 -47.74
N SER A 324 45.31 10.29 -46.70
CA SER A 324 46.39 9.26 -46.60
C SER A 324 45.88 7.92 -47.15
N ALA A 325 46.75 6.91 -47.20
CA ALA A 325 46.42 5.52 -47.61
C ALA A 325 45.54 4.88 -46.53
N ALA A 326 46.04 4.91 -45.28
CA ALA A 326 45.43 4.31 -44.07
C ALA A 326 44.14 5.04 -43.66
N GLU A 327 44.01 6.33 -43.99
CA GLU A 327 42.79 7.13 -43.69
C GLU A 327 41.68 6.72 -44.68
N ILE A 328 42.00 6.55 -45.96
CA ILE A 328 41.03 6.11 -47.01
C ILE A 328 40.57 4.68 -46.69
N LYS A 329 41.49 3.82 -46.26
CA LYS A 329 41.20 2.40 -45.90
C LYS A 329 40.24 2.40 -44.70
N GLN A 330 40.46 3.28 -43.72
CA GLN A 330 39.64 3.41 -42.48
C GLN A 330 38.23 3.92 -42.86
N ALA A 331 38.14 4.87 -43.78
CA ALA A 331 36.87 5.44 -44.28
C ALA A 331 36.06 4.36 -45.03
N LYS A 332 36.72 3.56 -45.87
CA LYS A 332 36.06 2.47 -46.62
C LYS A 332 35.37 1.53 -45.61
N GLN A 333 36.10 1.23 -44.54
CA GLN A 333 35.70 0.35 -43.41
C GLN A 333 34.48 0.96 -42.69
N ILE A 334 34.55 2.25 -42.31
CA ILE A 334 33.46 2.97 -41.59
C ILE A 334 32.19 2.94 -42.48
N ILE A 335 32.35 3.15 -43.79
CA ILE A 335 31.21 3.18 -44.76
C ILE A 335 30.66 1.77 -44.99
N SER A 336 31.53 0.78 -45.22
CA SER A 336 31.09 -0.63 -45.46
C SER A 336 30.24 -1.14 -44.29
N LEU A 337 30.62 -0.79 -43.05
CA LEU A 337 29.92 -1.22 -41.80
C LEU A 337 28.53 -0.58 -41.74
N ASN A 338 28.46 0.73 -42.03
CA ASN A 338 27.20 1.50 -41.96
C ASN A 338 26.26 1.02 -43.10
N ALA A 339 26.82 0.55 -44.21
CA ALA A 339 26.02 -0.02 -45.34
C ALA A 339 25.25 -1.25 -44.85
N GLU A 340 25.94 -2.17 -44.18
CA GLU A 340 25.36 -3.43 -43.63
C GLU A 340 24.17 -3.06 -42.75
N LYS A 341 24.32 -2.02 -41.92
CA LYS A 341 23.27 -1.54 -40.98
C LYS A 341 22.04 -1.11 -41.79
N TRP A 342 22.24 -0.37 -42.89
CA TRP A 342 21.13 0.11 -43.74
C TRP A 342 20.49 -1.07 -44.49
N GLN A 343 21.27 -2.08 -44.91
CA GLN A 343 20.72 -3.27 -45.61
C GLN A 343 19.80 -4.04 -44.67
N LEU A 344 20.21 -4.20 -43.41
CA LEU A 344 19.43 -4.93 -42.39
C LEU A 344 18.10 -4.19 -42.21
N PHE A 345 18.19 -2.86 -42.10
CA PHE A 345 17.02 -1.94 -41.95
C PHE A 345 16.13 -2.11 -43.18
N SER A 346 16.70 -2.06 -44.39
CA SER A 346 15.95 -2.23 -45.66
C SER A 346 15.08 -3.51 -45.60
N LYS A 347 15.57 -4.60 -45.00
CA LYS A 347 14.81 -5.88 -44.92
C LYS A 347 13.61 -5.69 -43.98
N SER A 348 13.84 -5.07 -42.82
CA SER A 348 12.79 -4.76 -41.82
C SER A 348 11.65 -3.99 -42.53
N ILE A 349 12.03 -3.06 -43.43
CA ILE A 349 11.10 -2.20 -44.24
C ILE A 349 10.35 -3.08 -45.23
N ASP A 350 11.07 -3.91 -45.99
CA ASP A 350 10.45 -4.82 -47.01
C ASP A 350 9.32 -5.61 -46.34
N ASN A 351 9.56 -6.13 -45.13
CA ASN A 351 8.58 -7.00 -44.40
C ASN A 351 7.39 -6.15 -43.91
N ALA A 352 7.63 -4.91 -43.47
CA ALA A 352 6.57 -4.00 -42.99
C ALA A 352 5.63 -3.67 -44.14
N LYS A 353 6.19 -3.42 -45.34
CA LYS A 353 5.40 -3.07 -46.56
C LYS A 353 4.56 -4.28 -46.98
N ALA A 354 5.14 -5.49 -46.91
CA ALA A 354 4.46 -6.77 -47.23
C ALA A 354 3.30 -6.95 -46.24
N ASN A 355 3.51 -6.61 -44.97
CA ASN A 355 2.49 -6.73 -43.90
C ASN A 355 1.37 -5.73 -44.17
N TYR A 356 1.67 -4.46 -44.47
CA TYR A 356 0.64 -3.43 -44.75
C TYR A 356 -0.19 -3.87 -45.95
N ALA A 357 0.40 -4.60 -46.90
CA ALA A 357 -0.31 -5.10 -48.10
C ALA A 357 -1.23 -6.25 -47.69
N GLY A 358 -0.69 -7.25 -46.99
CA GLY A 358 -1.39 -8.49 -46.60
C GLY A 358 -2.48 -8.25 -45.57
N ASN A 359 -2.21 -7.36 -44.61
CA ASN A 359 -3.12 -7.04 -43.48
C ASN A 359 -4.23 -6.07 -43.92
N ASN A 360 -4.43 -5.87 -45.24
CA ASN A 360 -5.49 -4.96 -45.76
C ASN A 360 -6.85 -5.65 -45.63
N ILE A 361 -6.86 -6.98 -45.50
CA ILE A 361 -8.12 -7.79 -45.39
C ILE A 361 -8.14 -8.46 -44.01
N LEU A 362 -9.31 -8.50 -43.37
CA LEU A 362 -9.56 -9.11 -42.03
C LEU A 362 -10.45 -10.33 -42.25
N PRO A 363 -9.85 -11.50 -42.58
CA PRO A 363 -10.63 -12.69 -42.95
C PRO A 363 -11.58 -13.24 -41.89
N GLU A 364 -12.63 -13.96 -42.29
CA GLU A 364 -13.57 -14.67 -41.38
C GLU A 364 -12.85 -15.90 -40.80
N VAL A 365 -13.19 -16.33 -39.58
CA VAL A 365 -12.62 -17.59 -38.99
C VAL A 365 -13.75 -18.45 -38.46
N LEU A 366 -13.64 -19.76 -38.66
CA LEU A 366 -14.69 -20.78 -38.41
C LEU A 366 -14.10 -21.89 -37.54
N GLU A 367 -14.93 -22.55 -36.69
CA GLU A 367 -14.59 -23.74 -35.88
C GLU A 367 -15.37 -24.94 -36.45
N ASN B 3 -36.03 4.78 -3.22
CA ASN B 3 -36.55 3.39 -3.42
C ASN B 3 -35.37 2.39 -3.39
N LEU B 4 -35.68 1.12 -3.08
CA LEU B 4 -34.71 -0.01 -2.89
C LEU B 4 -33.99 -0.32 -4.20
N THR B 5 -34.74 -0.29 -5.31
CA THR B 5 -34.27 -0.57 -6.70
C THR B 5 -32.97 0.18 -7.03
N SER B 6 -32.61 1.22 -6.25
CA SER B 6 -31.48 2.15 -6.54
C SER B 6 -30.28 1.96 -5.60
N ILE B 7 -30.37 1.15 -4.52
CA ILE B 7 -29.21 0.98 -3.59
C ILE B 7 -28.17 0.11 -4.29
N ASP B 8 -26.90 0.46 -4.07
CA ASP B 8 -25.71 -0.20 -4.65
C ASP B 8 -24.83 -0.70 -3.50
N LEU B 9 -24.98 -1.97 -3.11
CA LEU B 9 -24.20 -2.55 -1.98
C LEU B 9 -23.02 -3.35 -2.55
N SER B 10 -22.66 -3.10 -3.81
CA SER B 10 -21.61 -3.83 -4.57
C SER B 10 -20.23 -3.33 -4.19
N PRO B 11 -19.19 -4.12 -4.53
CA PRO B 11 -17.80 -3.70 -4.39
C PRO B 11 -17.38 -2.64 -5.41
N GLN B 12 -18.26 -2.28 -6.34
CA GLN B 12 -17.97 -1.29 -7.42
C GLN B 12 -16.74 -1.81 -8.15
N THR B 13 -15.81 -0.96 -8.56
CA THR B 13 -14.64 -1.40 -9.37
C THR B 13 -13.48 -1.88 -8.48
N LEU B 14 -13.72 -2.22 -7.20
CA LEU B 14 -12.63 -2.64 -6.28
C LEU B 14 -11.94 -3.91 -6.78
N MET B 15 -12.69 -4.89 -7.30
CA MET B 15 -12.12 -6.19 -7.71
C MET B 15 -11.08 -5.93 -8.79
N ALA B 16 -11.47 -5.24 -9.86
CA ALA B 16 -10.59 -4.91 -11.00
C ALA B 16 -9.43 -4.04 -10.52
N MET B 17 -9.72 -3.04 -9.71
CA MET B 17 -8.72 -2.08 -9.19
C MET B 17 -7.61 -2.84 -8.45
N HIS B 18 -7.96 -3.84 -7.65
CA HIS B 18 -6.99 -4.67 -6.87
C HIS B 18 -6.19 -5.55 -7.83
N ILE B 19 -6.83 -6.12 -8.85
CA ILE B 19 -6.17 -6.97 -9.89
C ILE B 19 -5.14 -6.12 -10.64
N SER B 20 -5.48 -4.89 -11.04
CA SER B 20 -4.53 -4.03 -11.78
C SER B 20 -3.36 -3.65 -10.86
N ILE B 21 -3.56 -3.61 -9.53
CA ILE B 21 -2.46 -3.35 -8.55
C ILE B 21 -1.57 -4.59 -8.47
N SER B 22 -2.17 -5.76 -8.19
CA SER B 22 -1.47 -7.06 -8.09
C SER B 22 -0.49 -7.17 -9.28
N SER B 23 -0.98 -6.93 -10.50
CA SER B 23 -0.23 -7.10 -11.76
C SER B 23 1.16 -6.42 -11.68
N GLN B 24 1.23 -5.19 -11.19
CA GLN B 24 2.52 -4.44 -11.16
C GLN B 24 3.28 -4.76 -9.87
N ALA B 25 2.61 -4.78 -8.71
CA ALA B 25 3.24 -5.07 -7.41
C ALA B 25 3.94 -6.44 -7.44
N LEU B 26 3.29 -7.49 -7.98
CA LEU B 26 3.88 -8.85 -8.05
C LEU B 26 5.14 -8.80 -8.91
N LEU B 27 5.05 -8.16 -10.07
CA LEU B 27 6.20 -8.04 -10.99
C LEU B 27 7.32 -7.27 -10.27
N ASN B 28 6.98 -6.18 -9.56
CA ASN B 28 7.97 -5.31 -8.89
C ASN B 28 8.65 -6.12 -7.77
N GLN B 29 7.95 -7.13 -7.24
CA GLN B 29 8.46 -8.02 -6.18
C GLN B 29 9.63 -8.82 -6.78
N SER B 30 9.45 -9.30 -8.02
CA SER B 30 10.44 -10.12 -8.75
C SER B 30 11.64 -9.23 -9.15
N TYR B 31 11.38 -8.00 -9.57
CA TYR B 31 12.44 -7.04 -9.95
C TYR B 31 13.25 -6.64 -8.71
N SER B 32 12.63 -6.62 -7.52
CA SER B 32 13.34 -6.37 -6.25
C SER B 32 14.28 -7.54 -5.97
N ASN B 33 13.79 -8.76 -6.15
CA ASN B 33 14.60 -9.98 -5.90
C ASN B 33 15.79 -10.01 -6.87
N LEU B 34 15.60 -9.51 -8.08
CA LEU B 34 16.65 -9.52 -9.12
C LEU B 34 17.77 -8.58 -8.67
N LEU B 35 17.42 -7.37 -8.21
CA LEU B 35 18.40 -6.37 -7.72
C LEU B 35 19.23 -6.90 -6.53
N LEU B 36 18.60 -7.72 -5.67
CA LEU B 36 19.18 -8.27 -4.42
C LEU B 36 19.99 -9.54 -4.69
N SER B 37 19.74 -10.23 -5.81
CA SER B 37 20.43 -11.49 -6.19
C SER B 37 21.70 -11.17 -6.99
N GLN B 38 21.63 -10.09 -7.76
CA GLN B 38 22.73 -9.59 -8.62
C GLN B 38 24.01 -9.46 -7.79
N GLN B 39 25.08 -10.07 -8.30
CA GLN B 39 26.47 -9.95 -7.80
C GLN B 39 26.81 -8.46 -7.68
N LEU B 40 27.38 -8.02 -6.56
CA LEU B 40 27.86 -6.64 -6.34
C LEU B 40 29.14 -6.42 -7.15
N LEU B 41 29.53 -5.17 -7.38
CA LEU B 41 30.80 -4.82 -8.05
C LEU B 41 31.84 -4.73 -6.92
N THR B 42 32.85 -5.59 -6.93
CA THR B 42 33.91 -5.62 -5.88
C THR B 42 35.15 -4.91 -6.43
N SER B 43 35.52 -5.16 -7.69
CA SER B 43 36.77 -4.67 -8.36
C SER B 43 37.07 -3.21 -8.01
N GLN B 44 38.32 -2.94 -7.67
CA GLN B 44 38.84 -1.59 -7.33
C GLN B 44 40.15 -1.41 -8.09
N SER B 45 40.19 -1.92 -9.32
CA SER B 45 41.33 -1.84 -10.27
C SER B 45 40.92 -1.04 -11.51
N MET B 46 39.89 -0.17 -11.38
CA MET B 46 39.26 0.58 -12.51
C MET B 46 38.99 2.03 -12.08
N ASP B 47 38.47 2.88 -12.96
CA ASP B 47 38.30 4.33 -12.68
C ASP B 47 37.84 4.49 -11.23
N PRO B 48 38.66 5.06 -10.31
CA PRO B 48 38.24 5.21 -8.91
C PRO B 48 36.94 6.02 -8.79
N GLY B 49 36.84 7.12 -9.54
CA GLY B 49 35.72 8.09 -9.54
C GLY B 49 34.40 7.48 -9.95
N LEU B 50 34.37 6.65 -11.01
CA LEU B 50 33.15 5.99 -11.56
C LEU B 50 32.83 4.73 -10.74
N THR B 51 33.84 3.99 -10.30
CA THR B 51 33.65 2.78 -9.46
C THR B 51 32.79 3.15 -8.24
N VAL B 52 33.11 4.25 -7.55
CA VAL B 52 32.35 4.71 -6.34
C VAL B 52 30.91 5.10 -6.69
N LYS B 53 30.63 5.61 -7.90
CA LYS B 53 29.28 6.08 -8.31
C LYS B 53 28.38 4.86 -8.57
N ILE B 54 28.94 3.80 -9.15
CA ILE B 54 28.24 2.51 -9.41
C ILE B 54 27.95 1.81 -8.08
N LYS B 55 28.99 1.51 -7.27
CA LYS B 55 28.85 0.86 -5.93
C LYS B 55 27.80 1.60 -5.09
N ALA B 56 27.80 2.94 -5.10
CA ALA B 56 26.87 3.81 -4.34
C ALA B 56 25.45 3.62 -4.86
N TYR B 57 25.27 3.61 -6.18
CA TYR B 57 23.94 3.46 -6.82
C TYR B 57 23.42 2.03 -6.58
N GLN B 58 24.27 1.03 -6.81
CA GLN B 58 23.87 -0.40 -6.62
C GLN B 58 23.44 -0.62 -5.17
N ASN B 59 24.15 0.02 -4.23
CA ASN B 59 23.89 -0.08 -2.76
C ASN B 59 22.53 0.57 -2.47
N GLN B 60 22.32 1.80 -2.94
CA GLN B 60 21.10 2.60 -2.67
C GLN B 60 19.87 1.86 -3.26
N LEU B 61 20.04 1.12 -4.36
CA LEU B 61 18.94 0.35 -5.01
C LEU B 61 18.59 -0.89 -4.20
N ARG B 62 19.58 -1.64 -3.71
CA ARG B 62 19.32 -2.85 -2.89
C ARG B 62 18.55 -2.44 -1.63
N GLN B 63 18.86 -1.29 -1.03
CA GLN B 63 18.12 -0.77 0.15
C GLN B 63 16.64 -0.61 -0.23
N GLN B 64 16.35 0.02 -1.37
CA GLN B 64 14.94 0.29 -1.81
C GLN B 64 14.24 -1.00 -2.21
N ALA B 65 14.98 -1.96 -2.77
CA ALA B 65 14.46 -3.28 -3.19
C ALA B 65 14.07 -4.06 -1.94
N GLN B 66 14.94 -4.11 -0.94
CA GLN B 66 14.67 -4.80 0.35
C GLN B 66 13.43 -4.17 0.99
N VAL B 67 13.35 -2.83 1.04
CA VAL B 67 12.20 -2.13 1.66
C VAL B 67 10.92 -2.54 0.93
N PHE B 68 10.88 -2.45 -0.39
CA PHE B 68 9.68 -2.84 -1.16
C PHE B 68 9.31 -4.30 -0.82
N LYS B 69 10.28 -5.20 -0.92
CA LYS B 69 10.08 -6.66 -0.80
C LYS B 69 9.53 -7.05 0.56
N GLN B 70 10.09 -6.52 1.65
CA GLN B 70 9.76 -6.91 3.05
C GLN B 70 8.69 -6.02 3.69
N ASN B 71 8.72 -4.70 3.47
CA ASN B 71 7.83 -3.72 4.16
C ASN B 71 6.62 -3.32 3.30
N THR B 72 6.83 -2.76 2.10
CA THR B 72 5.75 -2.31 1.19
C THR B 72 4.81 -3.46 0.80
N VAL B 73 5.34 -4.66 0.56
CA VAL B 73 4.45 -5.82 0.21
C VAL B 73 3.52 -6.10 1.40
N ALA B 74 4.04 -6.05 2.63
CA ALA B 74 3.25 -6.28 3.87
C ALA B 74 2.17 -5.19 3.98
N GLU B 75 2.51 -3.94 3.73
CA GLU B 75 1.56 -2.80 3.73
C GLU B 75 0.41 -3.15 2.79
N LEU B 76 0.70 -3.66 1.56
CA LEU B 76 -0.33 -4.03 0.55
C LEU B 76 -1.18 -5.18 1.05
N ILE B 77 -0.56 -6.26 1.52
CA ILE B 77 -1.28 -7.47 2.02
C ILE B 77 -2.28 -6.99 3.07
N GLY B 78 -1.91 -5.97 3.85
CA GLY B 78 -2.79 -5.34 4.86
C GLY B 78 -4.06 -4.79 4.23
N LEU B 79 -3.94 -4.02 3.15
CA LEU B 79 -5.09 -3.40 2.45
C LEU B 79 -5.98 -4.46 1.80
N TYR B 80 -5.37 -5.52 1.29
CA TYR B 80 -6.14 -6.60 0.62
C TYR B 80 -6.97 -7.30 1.69
N THR B 81 -6.37 -7.61 2.86
CA THR B 81 -7.05 -8.30 3.98
C THR B 81 -8.29 -7.48 4.35
N LYS B 82 -8.18 -6.17 4.37
CA LYS B 82 -9.27 -5.23 4.71
C LYS B 82 -10.47 -5.51 3.79
N ALA B 83 -10.24 -5.75 2.50
CA ALA B 83 -11.29 -6.11 1.53
C ALA B 83 -11.92 -7.47 1.93
N SER B 84 -11.15 -8.52 2.20
CA SER B 84 -11.69 -9.82 2.68
C SER B 84 -12.60 -9.53 3.87
N ASN B 85 -12.06 -8.81 4.85
CA ASN B 85 -12.73 -8.43 6.12
C ASN B 85 -14.10 -7.84 5.77
N PHE B 86 -14.14 -6.92 4.81
CA PHE B 86 -15.40 -6.25 4.41
C PHE B 86 -16.35 -7.31 3.83
N ALA B 87 -15.85 -8.22 3.00
CA ALA B 87 -16.70 -9.30 2.43
C ALA B 87 -17.34 -10.08 3.56
N ALA B 88 -16.52 -10.45 4.56
CA ALA B 88 -16.95 -11.25 5.74
C ALA B 88 -18.10 -10.52 6.44
N LEU B 89 -17.99 -9.20 6.59
CA LEU B 89 -19.03 -8.37 7.25
C LEU B 89 -20.32 -8.38 6.43
N VAL B 90 -20.23 -8.32 5.10
CA VAL B 90 -21.44 -8.33 4.22
C VAL B 90 -22.15 -9.68 4.39
N ASN B 91 -21.41 -10.80 4.46
CA ASN B 91 -22.00 -12.15 4.69
C ASN B 91 -22.84 -12.14 5.95
N ALA B 92 -22.35 -11.49 7.02
CA ALA B 92 -23.05 -11.37 8.31
C ALA B 92 -24.43 -10.75 8.08
N VAL B 93 -24.49 -9.68 7.28
CA VAL B 93 -25.77 -8.98 6.93
C VAL B 93 -26.67 -9.99 6.20
N ASN B 94 -26.09 -10.78 5.30
CA ASN B 94 -26.83 -11.81 4.56
C ASN B 94 -27.48 -12.75 5.58
N ALA B 95 -26.67 -13.32 6.49
CA ALA B 95 -27.07 -14.28 7.55
C ALA B 95 -28.18 -13.70 8.43
N LEU B 96 -28.12 -12.40 8.71
CA LEU B 96 -29.14 -11.69 9.53
C LEU B 96 -30.52 -11.76 8.84
N TYR B 97 -30.57 -11.81 7.52
CA TYR B 97 -31.83 -11.79 6.73
C TYR B 97 -32.41 -13.19 6.55
N SER B 98 -31.59 -14.26 6.55
CA SER B 98 -32.06 -15.67 6.46
C SER B 98 -32.44 -16.18 7.87
N THR B 99 -32.70 -15.27 8.83
CA THR B 99 -33.30 -15.54 10.17
C THR B 99 -34.64 -14.81 10.27
N GLU B 100 -35.54 -15.28 11.15
CA GLU B 100 -36.92 -14.76 11.28
C GLU B 100 -37.00 -13.78 12.46
N ASP B 101 -36.34 -12.64 12.32
CA ASP B 101 -36.23 -11.53 13.30
C ASP B 101 -37.34 -10.51 13.01
N PRO B 102 -38.17 -10.12 14.02
CA PRO B 102 -39.22 -9.12 13.80
C PRO B 102 -38.72 -7.68 13.59
N GLN B 103 -37.46 -7.40 13.92
CA GLN B 103 -36.78 -6.08 13.77
C GLN B 103 -35.71 -6.15 12.67
N VAL B 104 -35.79 -7.15 11.77
CA VAL B 104 -34.76 -7.46 10.75
C VAL B 104 -34.31 -6.20 9.98
N SER B 105 -35.23 -5.31 9.58
CA SER B 105 -34.92 -4.11 8.76
C SER B 105 -34.19 -3.00 9.54
N GLN B 106 -34.48 -2.80 10.82
CA GLN B 106 -33.77 -1.76 11.64
C GLN B 106 -32.35 -2.23 11.92
N LYS B 107 -32.17 -3.54 12.18
CA LYS B 107 -30.86 -4.16 12.50
C LYS B 107 -29.99 -4.18 11.25
N GLY B 108 -30.62 -4.40 10.09
CA GLY B 108 -29.93 -4.38 8.79
C GLY B 108 -29.41 -2.99 8.48
N ALA B 109 -30.25 -1.97 8.63
CA ALA B 109 -29.92 -0.55 8.43
C ALA B 109 -28.72 -0.19 9.31
N GLU B 110 -28.78 -0.55 10.60
CA GLU B 110 -27.71 -0.27 11.60
C GLU B 110 -26.36 -0.81 11.08
N MET B 111 -26.33 -2.04 10.57
CA MET B 111 -25.07 -2.68 10.11
C MET B 111 -24.57 -2.04 8.83
N VAL B 112 -25.46 -1.80 7.87
CA VAL B 112 -25.05 -1.14 6.60
C VAL B 112 -24.43 0.22 6.97
N ALA B 113 -25.07 0.99 7.86
CA ALA B 113 -24.56 2.28 8.36
C ALA B 113 -23.17 2.08 8.96
N ALA B 114 -22.96 1.01 9.73
CA ALA B 114 -21.66 0.66 10.35
C ALA B 114 -20.61 0.33 9.29
N LEU B 115 -20.96 -0.41 8.23
CA LEU B 115 -20.01 -0.77 7.14
C LEU B 115 -19.60 0.51 6.40
N SER B 116 -20.48 1.51 6.31
CA SER B 116 -20.16 2.83 5.73
C SER B 116 -18.92 3.37 6.44
N ASP B 117 -18.94 3.33 7.78
CA ASP B 117 -17.84 3.74 8.67
C ASP B 117 -16.56 2.95 8.32
N VAL B 118 -16.66 1.63 8.27
CA VAL B 118 -15.52 0.72 8.00
C VAL B 118 -14.90 1.11 6.67
N ALA B 119 -15.72 1.25 5.64
CA ALA B 119 -15.31 1.66 4.29
C ALA B 119 -14.54 2.98 4.39
N GLN B 120 -15.01 3.91 5.20
CA GLN B 120 -14.35 5.23 5.34
C GLN B 120 -12.98 5.05 5.99
N HIS B 121 -12.81 4.08 6.90
CA HIS B 121 -11.52 3.74 7.55
C HIS B 121 -10.59 3.13 6.49
N TYR B 122 -11.11 2.20 5.68
CA TYR B 122 -10.34 1.52 4.61
C TYR B 122 -9.92 2.57 3.57
N GLN B 123 -10.71 3.61 3.34
CA GLN B 123 -10.34 4.71 2.41
C GLN B 123 -9.07 5.36 2.95
N ALA B 124 -9.11 5.79 4.21
CA ALA B 124 -8.01 6.51 4.90
C ALA B 124 -6.77 5.60 5.00
N ALA B 125 -6.98 4.29 5.17
CA ALA B 125 -5.90 3.28 5.26
C ALA B 125 -5.16 3.21 3.93
N ALA B 126 -5.92 3.18 2.84
CA ALA B 126 -5.39 3.16 1.47
C ALA B 126 -4.66 4.48 1.22
N GLN B 127 -5.23 5.62 1.61
CA GLN B 127 -4.55 6.93 1.38
C GLN B 127 -3.15 6.85 2.00
N ALA B 128 -3.04 6.35 3.23
CA ALA B 128 -1.78 6.28 4.00
C ALA B 128 -0.72 5.52 3.20
N VAL B 129 -1.11 4.38 2.61
CA VAL B 129 -0.20 3.54 1.80
C VAL B 129 0.18 4.29 0.53
N HIS B 130 -0.77 4.93 -0.15
CA HIS B 130 -0.49 5.66 -1.41
C HIS B 130 0.51 6.80 -1.14
N THR B 131 0.34 7.51 -0.03
CA THR B 131 1.21 8.65 0.30
C THR B 131 2.65 8.15 0.46
N GLN B 132 2.87 6.96 1.02
CA GLN B 132 4.24 6.39 1.19
C GLN B 132 4.80 6.02 -0.19
N LEU B 133 3.99 5.41 -1.06
CA LEU B 133 4.44 5.02 -2.42
C LEU B 133 4.83 6.27 -3.21
N GLN B 134 4.04 7.34 -3.08
CA GLN B 134 4.24 8.64 -3.77
C GLN B 134 5.58 9.24 -3.31
N ALA B 135 5.88 9.16 -2.01
CA ALA B 135 7.11 9.68 -1.40
C ALA B 135 8.33 8.95 -1.98
N LYS B 136 8.28 7.63 -2.04
CA LYS B 136 9.38 6.80 -2.59
C LYS B 136 9.55 7.17 -4.07
N ARG B 137 8.46 7.21 -4.84
CA ARG B 137 8.55 7.57 -6.28
C ARG B 137 9.36 8.86 -6.42
N GLU B 138 9.04 9.89 -5.64
CA GLU B 138 9.64 11.24 -5.72
C GLU B 138 11.13 11.20 -5.36
N MET B 139 11.59 10.13 -4.69
CA MET B 139 13.03 9.98 -4.33
C MET B 139 13.72 9.06 -5.36
N LEU B 140 13.03 8.04 -5.88
CA LEU B 140 13.54 7.08 -6.88
C LEU B 140 13.77 7.74 -8.24
N GLU B 141 12.84 8.58 -8.75
CA GLU B 141 12.96 9.18 -10.12
C GLU B 141 14.28 9.95 -10.21
N PRO B 142 14.55 10.95 -9.33
CA PRO B 142 15.81 11.70 -9.36
C PRO B 142 17.08 10.85 -9.12
N LEU B 143 16.97 9.73 -8.38
CA LEU B 143 18.11 8.82 -8.08
C LEU B 143 18.55 8.18 -9.39
N MET B 144 17.60 7.65 -10.16
CA MET B 144 17.83 7.00 -11.46
C MET B 144 18.19 8.10 -12.48
N GLY B 145 17.49 9.22 -12.45
CA GLY B 145 17.76 10.37 -13.35
C GLY B 145 19.21 10.82 -13.27
N ASN B 146 19.78 10.87 -12.06
CA ASN B 146 21.17 11.32 -11.80
C ASN B 146 22.14 10.28 -12.34
N PHE B 147 21.82 9.00 -12.20
CA PHE B 147 22.72 7.92 -12.65
C PHE B 147 22.71 7.90 -14.18
N LEU B 148 21.58 8.18 -14.82
CA LEU B 148 21.47 8.23 -16.32
C LEU B 148 22.37 9.35 -16.86
N ASN B 149 22.34 10.53 -16.25
CA ASN B 149 23.20 11.68 -16.65
C ASN B 149 24.68 11.30 -16.50
N VAL B 150 24.99 10.33 -15.62
CA VAL B 150 26.37 9.84 -15.39
C VAL B 150 26.77 8.91 -16.55
N ILE B 151 25.88 7.99 -16.93
CA ILE B 151 26.12 7.06 -18.08
C ILE B 151 26.23 7.88 -19.36
N ASP B 152 25.38 8.89 -19.53
CA ASP B 152 25.30 9.73 -20.76
C ASP B 152 26.61 10.51 -20.93
N ALA B 153 27.09 11.20 -19.89
CA ALA B 153 28.35 11.98 -19.91
C ALA B 153 29.51 11.09 -20.39
N ILE B 154 29.55 9.83 -19.93
CA ILE B 154 30.60 8.84 -20.32
C ILE B 154 30.43 8.48 -21.80
N GLU B 155 29.21 8.16 -22.24
CA GLU B 155 28.88 7.75 -23.64
C GLU B 155 29.16 8.88 -24.63
N GLN B 156 28.85 10.14 -24.30
CA GLN B 156 29.05 11.33 -25.17
C GLN B 156 30.51 11.51 -25.58
N GLY B 157 31.45 10.81 -24.91
CA GLY B 157 32.90 10.94 -25.17
C GLY B 157 33.49 9.70 -25.81
N LEU B 158 32.65 8.73 -26.20
CA LEU B 158 33.10 7.47 -26.84
C LEU B 158 33.21 7.67 -28.35
N ASN B 159 34.02 6.83 -29.00
CA ASN B 159 34.13 6.81 -30.48
C ASN B 159 32.80 6.25 -31.02
N ALA B 160 32.62 6.22 -32.35
CA ALA B 160 31.36 5.79 -33.01
C ALA B 160 31.10 4.29 -32.82
N GLU B 161 32.16 3.45 -32.87
CA GLU B 161 32.03 1.98 -32.74
C GLU B 161 31.45 1.60 -31.37
N ALA B 162 31.86 2.30 -30.30
CA ALA B 162 31.43 2.05 -28.91
C ALA B 162 30.01 2.57 -28.67
N LYS B 163 29.66 3.72 -29.25
CA LYS B 163 28.29 4.29 -29.14
C LYS B 163 27.30 3.29 -29.75
N GLN B 164 27.67 2.62 -30.84
CA GLN B 164 26.78 1.64 -31.54
C GLN B 164 26.63 0.41 -30.63
N GLN B 165 27.74 -0.06 -30.05
CA GLN B 165 27.74 -1.23 -29.14
C GLN B 165 26.83 -0.92 -27.94
N ALA B 166 26.85 0.31 -27.46
CA ALA B 166 26.06 0.78 -26.31
C ALA B 166 24.58 0.89 -26.68
N GLN B 167 24.26 1.35 -27.89
CA GLN B 167 22.86 1.50 -28.38
C GLN B 167 22.27 0.09 -28.52
N THR B 168 23.03 -0.83 -29.12
CA THR B 168 22.60 -2.24 -29.31
C THR B 168 22.12 -2.77 -27.95
N ILE B 169 22.90 -2.54 -26.89
CA ILE B 169 22.61 -2.99 -25.49
C ILE B 169 21.34 -2.29 -25.01
N ALA B 170 21.26 -0.96 -25.13
CA ALA B 170 20.10 -0.16 -24.68
C ALA B 170 18.83 -0.71 -25.33
N GLU B 171 18.88 -0.97 -26.65
CA GLU B 171 17.72 -1.45 -27.46
C GLU B 171 17.32 -2.84 -27.00
N LEU B 172 18.27 -3.74 -26.72
CA LEU B 172 18.00 -5.12 -26.27
C LEU B 172 17.34 -5.10 -24.88
N ASN B 173 17.84 -4.33 -23.92
CA ASN B 173 17.26 -4.23 -22.55
C ASN B 173 15.80 -3.77 -22.67
N GLU B 174 15.50 -2.84 -23.59
CA GLU B 174 14.13 -2.30 -23.83
C GLU B 174 13.24 -3.44 -24.35
N ALA B 175 13.76 -4.29 -25.22
CA ALA B 175 13.02 -5.42 -25.84
C ALA B 175 12.73 -6.49 -24.79
N ILE B 176 13.74 -6.85 -24.00
CA ILE B 176 13.72 -7.88 -22.92
C ILE B 176 12.62 -7.54 -21.90
N ALA B 177 12.49 -6.26 -21.56
CA ALA B 177 11.49 -5.75 -20.61
C ALA B 177 10.09 -6.05 -21.13
N LYS B 178 9.86 -5.81 -22.43
CA LYS B 178 8.55 -6.06 -23.08
C LYS B 178 8.26 -7.56 -23.06
N ASN B 179 9.27 -8.42 -23.28
CA ASN B 179 9.13 -9.90 -23.25
C ASN B 179 8.72 -10.34 -21.84
N ILE B 180 9.43 -9.90 -20.81
CA ILE B 180 9.15 -10.28 -19.41
C ILE B 180 7.71 -9.93 -19.10
N GLN B 181 7.30 -8.69 -19.40
CA GLN B 181 5.92 -8.20 -19.15
C GLN B 181 4.93 -9.17 -19.85
N SER B 182 5.21 -9.60 -21.07
CA SER B 182 4.33 -10.54 -21.83
C SER B 182 4.20 -11.89 -21.10
N ILE B 183 5.30 -12.38 -20.52
CA ILE B 183 5.40 -13.68 -19.78
C ILE B 183 4.63 -13.57 -18.46
N ALA B 184 4.86 -12.49 -17.74
CA ALA B 184 4.21 -12.21 -16.44
C ALA B 184 2.70 -12.14 -16.66
N ASP B 185 2.24 -11.54 -17.75
CA ASP B 185 0.78 -11.41 -18.08
C ASP B 185 0.16 -12.80 -18.22
N ALA B 186 0.84 -13.69 -18.93
CA ALA B 186 0.41 -15.09 -19.21
C ALA B 186 0.36 -15.87 -17.89
N GLY B 187 1.37 -15.71 -17.02
CA GLY B 187 1.38 -16.34 -15.69
C GLY B 187 0.24 -15.82 -14.81
N PHE B 188 -0.05 -14.53 -14.88
CA PHE B 188 -1.01 -13.80 -14.03
C PHE B 188 -2.47 -14.10 -14.40
N LYS B 189 -2.76 -14.49 -15.63
CA LYS B 189 -4.13 -14.85 -16.11
C LYS B 189 -5.21 -13.88 -15.58
N ALA B 190 -4.98 -12.57 -15.68
CA ALA B 190 -5.92 -11.47 -15.28
C ALA B 190 -6.47 -11.70 -13.87
N GLY B 191 -5.60 -12.08 -12.93
CA GLY B 191 -5.92 -12.22 -11.49
C GLY B 191 -6.18 -13.64 -11.04
N GLU B 192 -6.55 -14.53 -11.95
CA GLU B 192 -6.87 -15.94 -11.61
C GLU B 192 -5.64 -16.84 -11.69
N GLY B 193 -4.49 -16.30 -12.04
CA GLY B 193 -3.28 -17.14 -12.18
C GLY B 193 -2.36 -16.98 -11.00
N VAL B 194 -1.17 -17.55 -11.13
CA VAL B 194 -0.05 -17.53 -10.15
C VAL B 194 1.18 -16.99 -10.88
N VAL B 195 1.53 -15.69 -10.76
CA VAL B 195 2.83 -15.17 -11.31
C VAL B 195 4.03 -15.91 -10.69
N GLN B 196 4.88 -16.49 -11.55
CA GLN B 196 6.08 -17.25 -11.14
C GLN B 196 7.23 -16.97 -12.12
N LEU B 197 8.28 -16.34 -11.64
CA LEU B 197 9.43 -15.87 -12.47
C LEU B 197 10.72 -16.37 -11.82
N GLY B 198 11.68 -16.80 -12.63
CA GLY B 198 12.97 -17.34 -12.17
C GLY B 198 14.09 -16.38 -12.47
N GLN B 199 15.35 -16.82 -12.38
CA GLN B 199 16.55 -15.99 -12.71
C GLN B 199 17.72 -16.90 -13.06
N SER B 200 18.72 -16.35 -13.76
CA SER B 200 19.97 -17.06 -14.15
C SER B 200 20.97 -16.04 -14.66
N ILE B 201 22.24 -16.43 -14.77
CA ILE B 201 23.26 -15.56 -15.38
C ILE B 201 22.93 -15.54 -16.88
N VAL B 202 22.90 -14.36 -17.50
CA VAL B 202 22.51 -14.19 -18.94
C VAL B 202 23.68 -13.61 -19.73
N ALA B 203 24.57 -12.89 -19.05
CA ALA B 203 25.74 -12.22 -19.66
C ALA B 203 26.87 -12.07 -18.64
N ALA B 204 28.01 -11.53 -19.08
CA ALA B 204 29.20 -11.35 -18.24
C ALA B 204 30.07 -10.24 -18.85
N VAL B 205 30.82 -9.55 -17.99
CA VAL B 205 31.72 -8.41 -18.36
C VAL B 205 33.13 -8.72 -17.85
N PRO B 206 34.03 -9.25 -18.70
CA PRO B 206 35.43 -9.46 -18.31
C PRO B 206 36.06 -8.15 -17.80
N LEU B 207 36.85 -8.23 -16.71
CA LEU B 207 37.59 -7.09 -16.08
C LEU B 207 39.12 -7.30 -16.18
N GLY B 208 39.78 -7.85 -15.14
CA GLY B 208 41.24 -8.16 -15.08
C GLY B 208 42.11 -7.12 -15.78
N PRO B 209 43.07 -7.49 -16.69
CA PRO B 209 43.72 -6.49 -17.55
C PRO B 209 42.88 -6.31 -18.84
N ALA B 229 37.67 -11.01 -11.63
CA ALA B 229 37.79 -11.80 -12.88
C ALA B 229 36.69 -11.33 -13.85
N SER B 230 35.43 -11.30 -13.43
CA SER B 230 34.30 -10.83 -14.27
C SER B 230 33.02 -10.54 -13.47
N TYR B 231 32.29 -9.52 -13.90
CA TYR B 231 30.99 -9.10 -13.35
C TYR B 231 29.89 -9.94 -14.00
N MET B 232 29.26 -10.84 -13.24
CA MET B 232 28.19 -11.77 -13.73
C MET B 232 26.81 -11.10 -13.65
N ILE B 233 26.10 -11.03 -14.79
CA ILE B 233 24.79 -10.33 -14.93
C ILE B 233 23.63 -11.32 -14.79
N SER B 234 22.78 -11.07 -13.79
CA SER B 234 21.55 -11.85 -13.50
C SER B 234 20.38 -11.25 -14.29
N GLY B 235 19.53 -12.11 -14.84
CA GLY B 235 18.32 -11.70 -15.59
C GLY B 235 17.13 -12.56 -15.23
N ILE B 236 15.91 -12.00 -15.27
CA ILE B 236 14.64 -12.75 -15.04
C ILE B 236 14.54 -13.81 -16.13
N GLN B 237 13.88 -14.94 -15.83
CA GLN B 237 13.62 -16.03 -16.81
C GLN B 237 12.22 -16.58 -16.54
N ALA B 238 11.57 -17.19 -17.52
CA ALA B 238 10.28 -17.88 -17.29
C ALA B 238 10.63 -19.18 -16.58
N ILE B 239 9.73 -19.69 -15.72
CA ILE B 239 9.96 -20.97 -14.98
C ILE B 239 9.10 -22.04 -15.64
N SER B 240 9.64 -23.26 -15.85
CA SER B 240 8.99 -24.31 -16.69
C SER B 240 8.77 -23.61 -18.04
N ALA B 241 9.75 -23.59 -18.94
CA ALA B 241 9.67 -22.90 -20.25
C ALA B 241 8.57 -23.51 -21.15
N GLY B 242 7.77 -24.47 -20.63
CA GLY B 242 6.66 -25.14 -21.36
C GLY B 242 5.28 -24.74 -20.84
N ALA B 243 5.10 -24.66 -19.50
CA ALA B 243 3.84 -24.26 -18.81
C ALA B 243 3.54 -22.77 -19.07
N SER B 244 4.20 -22.18 -20.08
CA SER B 244 4.02 -20.78 -20.57
C SER B 244 2.89 -20.73 -21.61
N GLY B 245 1.94 -19.82 -21.43
CA GLY B 245 0.92 -19.51 -22.46
C GLY B 245 1.41 -18.36 -23.36
N ALA B 246 2.74 -18.16 -23.43
CA ALA B 246 3.40 -17.05 -24.15
C ALA B 246 4.71 -17.56 -24.77
N GLN B 247 4.62 -18.60 -25.59
CA GLN B 247 5.79 -19.26 -26.25
C GLN B 247 6.62 -18.22 -27.03
N GLN B 248 5.98 -17.30 -27.74
CA GLN B 248 6.70 -16.30 -28.60
C GLN B 248 7.55 -15.41 -27.70
N ALA B 249 6.99 -14.91 -26.59
CA ALA B 249 7.75 -14.07 -25.65
C ALA B 249 8.97 -14.85 -25.11
N VAL B 250 8.79 -16.12 -24.74
CA VAL B 250 9.88 -16.97 -24.18
C VAL B 250 10.99 -17.16 -25.22
N ASN B 251 10.61 -17.32 -26.49
CA ASN B 251 11.54 -17.49 -27.64
C ASN B 251 12.31 -16.18 -27.85
N GLU B 252 11.63 -15.03 -27.84
CA GLU B 252 12.28 -13.71 -28.01
C GLU B 252 13.23 -13.50 -26.83
N LEU B 253 12.82 -13.84 -25.61
CA LEU B 253 13.66 -13.64 -24.41
C LEU B 253 14.97 -14.43 -24.56
N LYS B 254 14.90 -15.68 -25.02
CA LYS B 254 16.09 -16.55 -25.18
C LYS B 254 17.03 -15.88 -26.20
N ALA B 255 16.50 -15.53 -27.37
CA ALA B 255 17.19 -14.88 -28.51
C ALA B 255 17.82 -13.57 -28.06
N ASN B 256 17.07 -12.73 -27.36
CA ASN B 256 17.54 -11.41 -26.89
C ASN B 256 18.69 -11.59 -25.86
N TYR B 257 18.58 -12.52 -24.92
CA TYR B 257 19.66 -12.75 -23.92
C TYR B 257 20.92 -13.19 -24.68
N ALA B 258 20.80 -14.06 -25.68
CA ALA B 258 21.95 -14.52 -26.49
C ALA B 258 22.68 -13.29 -27.05
N LYS B 259 21.95 -12.37 -27.69
CA LYS B 259 22.49 -11.12 -28.31
C LYS B 259 23.04 -10.19 -27.23
N LEU B 260 22.40 -10.12 -26.06
CA LEU B 260 22.84 -9.24 -24.95
C LEU B 260 24.23 -9.67 -24.49
N ALA B 261 24.44 -10.97 -24.35
CA ALA B 261 25.72 -11.59 -23.92
C ALA B 261 26.83 -11.12 -24.86
N VAL B 262 26.61 -11.27 -26.17
CA VAL B 262 27.54 -10.93 -27.28
C VAL B 262 27.87 -9.43 -27.20
N ALA B 263 26.85 -8.59 -27.01
CA ALA B 263 26.96 -7.12 -27.03
C ALA B 263 27.79 -6.61 -25.85
N TYR B 264 27.67 -7.21 -24.65
CA TYR B 264 28.47 -6.80 -23.45
C TYR B 264 29.94 -7.23 -23.68
N ARG B 265 30.17 -8.42 -24.24
CA ARG B 265 31.54 -8.91 -24.55
C ARG B 265 32.25 -7.87 -25.43
N ALA B 266 31.51 -7.32 -26.41
CA ALA B 266 32.01 -6.31 -27.37
C ALA B 266 32.34 -4.99 -26.67
N LEU B 267 31.40 -4.40 -25.95
CA LEU B 267 31.58 -3.08 -25.26
C LEU B 267 32.68 -3.18 -24.20
N ALA B 268 32.79 -4.35 -23.56
CA ALA B 268 33.74 -4.64 -22.46
C ALA B 268 35.20 -4.54 -22.92
N THR B 269 35.52 -5.01 -24.13
CA THR B 269 36.92 -5.07 -24.63
C THR B 269 37.63 -3.75 -24.28
N ALA B 270 36.99 -2.59 -24.55
CA ALA B 270 37.62 -1.26 -24.42
C ALA B 270 37.14 -0.48 -23.19
N ASN B 271 35.88 -0.57 -22.79
CA ASN B 271 35.34 0.24 -21.64
C ASN B 271 35.28 -0.64 -20.39
N ALA B 272 34.29 -1.52 -20.27
CA ALA B 272 34.20 -2.55 -19.20
C ALA B 272 33.41 -1.97 -18.04
N LEU B 273 33.86 -0.86 -17.49
CA LEU B 273 33.20 -0.24 -16.32
C LEU B 273 31.87 0.37 -16.78
N LEU B 274 31.79 0.88 -18.03
CA LEU B 274 30.53 1.43 -18.58
C LEU B 274 29.52 0.27 -18.71
N SER B 275 29.99 -0.87 -19.23
CA SER B 275 29.18 -2.11 -19.43
C SER B 275 28.48 -2.44 -18.11
N VAL B 276 29.23 -2.39 -17.01
CA VAL B 276 28.70 -2.70 -15.65
C VAL B 276 27.60 -1.68 -15.33
N ALA B 277 27.93 -0.39 -15.38
CA ALA B 277 26.99 0.72 -15.10
C ALA B 277 25.67 0.51 -15.85
N LYS B 278 25.75 0.11 -17.12
CA LYS B 278 24.57 -0.09 -18.01
C LYS B 278 23.75 -1.30 -17.52
N SER B 279 24.43 -2.38 -17.15
CA SER B 279 23.80 -3.63 -16.62
C SER B 279 22.98 -3.34 -15.35
N VAL B 280 23.51 -2.49 -14.47
CA VAL B 280 22.86 -2.08 -13.20
C VAL B 280 21.64 -1.20 -13.51
N GLN B 281 21.81 -0.21 -14.37
CA GLN B 281 20.77 0.77 -14.77
C GLN B 281 19.60 0.04 -15.43
N ALA B 282 19.86 -1.03 -16.19
CA ALA B 282 18.80 -1.85 -16.84
C ALA B 282 17.90 -2.47 -15.78
N GLN B 283 18.50 -2.97 -14.68
CA GLN B 283 17.81 -3.59 -13.52
C GLN B 283 17.02 -2.50 -12.77
N ALA B 284 17.62 -1.34 -12.55
CA ALA B 284 16.99 -0.19 -11.87
C ALA B 284 15.74 0.24 -12.64
N GLN B 285 15.87 0.41 -13.96
CA GLN B 285 14.79 0.82 -14.88
C GLN B 285 13.56 -0.06 -14.63
N LEU B 286 13.71 -1.39 -14.64
CA LEU B 286 12.58 -2.32 -14.49
C LEU B 286 11.88 -2.00 -13.15
N PHE B 287 12.68 -1.90 -12.09
CA PHE B 287 12.19 -1.66 -10.71
C PHE B 287 11.47 -0.31 -10.62
N VAL B 288 12.12 0.78 -11.03
CA VAL B 288 11.55 2.15 -10.89
C VAL B 288 10.33 2.33 -11.79
N ASP B 289 10.36 1.82 -13.02
CA ASP B 289 9.21 1.98 -13.96
C ASP B 289 7.99 1.31 -13.32
N THR B 290 8.12 0.06 -12.85
CA THR B 290 6.94 -0.68 -12.33
C THR B 290 6.57 -0.14 -10.94
N TYR B 291 7.52 0.49 -10.22
CA TYR B 291 7.18 1.12 -8.92
C TYR B 291 6.20 2.26 -9.21
N VAL B 292 6.51 3.04 -10.24
CA VAL B 292 5.68 4.21 -10.66
C VAL B 292 4.28 3.71 -11.04
N LEU B 293 4.20 2.60 -11.78
CA LEU B 293 2.90 2.05 -12.22
C LEU B 293 2.13 1.57 -10.98
N THR B 294 2.83 1.03 -9.98
CA THR B 294 2.20 0.56 -8.74
C THR B 294 1.57 1.77 -8.07
N GLU B 295 2.33 2.85 -7.87
CA GLU B 295 1.86 4.13 -7.27
C GLU B 295 0.62 4.64 -8.01
N GLN B 296 0.61 4.61 -9.35
CA GLN B 296 -0.47 5.18 -10.19
C GLN B 296 -1.78 4.37 -10.04
N ARG B 297 -1.71 3.03 -10.02
CA ARG B 297 -2.92 2.18 -9.88
C ARG B 297 -3.48 2.34 -8.46
N MET B 298 -2.61 2.55 -7.49
CA MET B 298 -2.92 2.69 -6.05
C MET B 298 -3.59 4.05 -5.79
N ALA B 299 -3.32 5.05 -6.63
CA ALA B 299 -3.82 6.43 -6.45
C ALA B 299 -5.37 6.47 -6.44
N LEU B 300 -6.01 5.56 -7.18
CA LEU B 300 -7.49 5.56 -7.37
C LEU B 300 -8.22 4.81 -6.25
N LEU B 301 -7.48 4.03 -5.44
CA LEU B 301 -8.08 3.10 -4.44
C LEU B 301 -8.83 3.85 -3.34
N PRO B 302 -8.25 4.89 -2.70
CA PRO B 302 -8.94 5.62 -1.65
C PRO B 302 -10.31 6.12 -2.10
N THR B 303 -10.36 6.78 -3.26
CA THR B 303 -11.60 7.29 -3.88
C THR B 303 -12.62 6.15 -3.98
N GLU B 304 -12.19 4.99 -4.46
CA GLU B 304 -13.13 3.85 -4.65
C GLU B 304 -13.67 3.38 -3.31
N TRP B 305 -12.90 3.35 -2.23
CA TRP B 305 -13.45 2.95 -0.91
C TRP B 305 -14.43 4.04 -0.45
N GLY B 306 -14.12 5.31 -0.69
CA GLY B 306 -15.00 6.46 -0.41
C GLY B 306 -16.34 6.33 -1.11
N LYS B 307 -16.34 5.79 -2.33
CA LYS B 307 -17.59 5.54 -3.12
C LYS B 307 -18.42 4.44 -2.43
N VAL B 308 -17.78 3.41 -1.87
CA VAL B 308 -18.48 2.32 -1.12
C VAL B 308 -19.09 2.93 0.14
N ALA B 309 -18.36 3.85 0.78
CA ALA B 309 -18.80 4.52 2.02
C ALA B 309 -20.07 5.33 1.72
N GLU B 310 -20.05 6.16 0.67
CA GLU B 310 -21.21 7.02 0.27
C GLU B 310 -22.39 6.12 -0.09
N ALA B 311 -22.18 5.08 -0.91
CA ALA B 311 -23.24 4.17 -1.39
C ALA B 311 -23.93 3.50 -0.19
N TYR B 312 -23.16 3.08 0.82
CA TYR B 312 -23.65 2.37 2.02
C TYR B 312 -24.40 3.34 2.94
N LEU B 313 -23.94 4.59 3.06
CA LEU B 313 -24.57 5.63 3.91
C LEU B 313 -25.98 5.95 3.39
N THR B 314 -26.10 6.16 2.08
CA THR B 314 -27.36 6.42 1.31
C THR B 314 -28.34 5.24 1.45
N ALA B 315 -27.82 4.02 1.36
CA ALA B 315 -28.58 2.75 1.35
C ALA B 315 -29.27 2.49 2.68
N ALA B 316 -28.60 2.77 3.80
CA ALA B 316 -29.05 2.45 5.18
C ALA B 316 -30.47 2.96 5.47
N PRO B 317 -30.77 4.28 5.43
CA PRO B 317 -32.13 4.76 5.74
C PRO B 317 -33.19 4.14 4.82
N ILE B 318 -32.82 3.80 3.59
CA ILE B 318 -33.72 3.17 2.57
C ILE B 318 -34.06 1.74 3.02
N ILE B 319 -33.06 0.98 3.47
CA ILE B 319 -33.26 -0.43 3.92
C ILE B 319 -34.10 -0.45 5.20
N ASN B 320 -34.06 0.66 5.96
CA ASN B 320 -34.82 0.86 7.23
C ASN B 320 -36.31 1.02 6.91
N GLN B 321 -36.64 1.71 5.79
CA GLN B 321 -38.04 1.99 5.36
C GLN B 321 -38.76 0.68 5.00
N ALA B 322 -38.05 -0.35 4.52
CA ALA B 322 -38.60 -1.68 4.12
C ALA B 322 -39.21 -2.40 5.33
N GLY B 323 -40.52 -2.22 5.55
CA GLY B 323 -41.27 -2.78 6.70
C GLY B 323 -42.40 -3.72 6.29
N SER B 324 -42.63 -3.94 4.98
CA SER B 324 -43.68 -4.85 4.44
C SER B 324 -43.10 -6.26 4.26
N ALA B 325 -43.92 -7.22 3.81
CA ALA B 325 -43.52 -8.63 3.55
C ALA B 325 -42.63 -8.66 2.30
N ALA B 326 -43.16 -8.11 1.20
CA ALA B 326 -42.56 -8.05 -0.15
C ALA B 326 -41.35 -7.11 -0.17
N GLU B 327 -41.29 -6.11 0.71
CA GLU B 327 -40.13 -5.16 0.80
C GLU B 327 -38.96 -5.88 1.48
N ILE B 328 -39.23 -6.65 2.56
CA ILE B 328 -38.18 -7.44 3.28
C ILE B 328 -37.65 -8.52 2.34
N LYS B 329 -38.52 -9.18 1.57
CA LYS B 329 -38.15 -10.23 0.60
C LYS B 329 -37.23 -9.61 -0.47
N GLN B 330 -37.57 -8.40 -0.95
CA GLN B 330 -36.82 -7.67 -2.02
C GLN B 330 -35.43 -7.29 -1.49
N ALA B 331 -35.36 -6.81 -0.23
CA ALA B 331 -34.11 -6.41 0.42
C ALA B 331 -33.20 -7.63 0.62
N LYS B 332 -33.77 -8.76 1.06
CA LYS B 332 -33.00 -10.02 1.27
C LYS B 332 -32.33 -10.40 -0.05
N GLN B 333 -33.07 -10.28 -1.15
CA GLN B 333 -32.67 -10.56 -2.55
C GLN B 333 -31.52 -9.61 -2.96
N ILE B 334 -31.69 -8.30 -2.77
CA ILE B 334 -30.67 -7.26 -3.13
C ILE B 334 -29.38 -7.54 -2.34
N ILE B 335 -29.50 -7.93 -1.06
CA ILE B 335 -28.34 -8.22 -0.16
C ILE B 335 -27.68 -9.55 -0.55
N SER B 336 -28.46 -10.62 -0.76
CA SER B 336 -27.93 -11.95 -1.15
C SER B 336 -27.11 -11.84 -2.44
N LEU B 337 -27.56 -11.04 -3.41
CA LEU B 337 -26.86 -10.85 -4.72
C LEU B 337 -25.53 -10.11 -4.51
N ASN B 338 -25.55 -9.04 -3.70
CA ASN B 338 -24.34 -8.23 -3.44
C ASN B 338 -23.36 -9.07 -2.62
N ALA B 339 -23.83 -10.01 -1.80
CA ALA B 339 -22.97 -10.92 -1.02
C ALA B 339 -22.14 -11.79 -1.97
N GLU B 340 -22.78 -12.40 -2.98
CA GLU B 340 -22.11 -13.25 -4.00
C GLU B 340 -20.97 -12.45 -4.64
N LYS B 341 -21.22 -11.18 -4.94
CA LYS B 341 -20.23 -10.26 -5.59
C LYS B 341 -19.03 -10.11 -4.67
N TRP B 342 -19.25 -9.93 -3.37
CA TRP B 342 -18.18 -9.77 -2.36
C TRP B 342 -17.44 -11.10 -2.16
N GLN B 343 -18.12 -12.25 -2.21
CA GLN B 343 -17.47 -13.58 -2.04
C GLN B 343 -16.53 -13.82 -3.21
N LEU B 344 -16.96 -13.48 -4.42
CA LEU B 344 -16.14 -13.67 -5.64
C LEU B 344 -14.89 -12.80 -5.52
N PHE B 345 -15.07 -11.56 -5.06
CA PHE B 345 -13.98 -10.58 -4.81
C PHE B 345 -13.06 -11.18 -3.75
N SER B 346 -13.60 -11.67 -2.64
CA SER B 346 -12.81 -12.30 -1.55
C SER B 346 -11.87 -13.39 -2.13
N LYS B 347 -12.31 -14.16 -3.13
CA LYS B 347 -11.48 -15.22 -3.75
C LYS B 347 -10.32 -14.58 -4.51
N SER B 348 -10.61 -13.55 -5.31
CA SER B 348 -9.60 -12.77 -6.08
C SER B 348 -8.50 -12.32 -5.11
N ILE B 349 -8.91 -11.87 -3.91
CA ILE B 349 -8.00 -11.37 -2.83
C ILE B 349 -7.18 -12.55 -2.27
N ASP B 350 -7.83 -13.66 -1.93
CA ASP B 350 -7.15 -14.86 -1.38
C ASP B 350 -6.00 -15.28 -2.31
N ASN B 351 -6.24 -15.24 -3.62
CA ASN B 351 -5.25 -15.70 -4.64
C ASN B 351 -4.10 -14.67 -4.72
N ALA B 352 -4.41 -13.38 -4.64
CA ALA B 352 -3.39 -12.30 -4.68
C ALA B 352 -2.47 -12.45 -3.46
N LYS B 353 -3.03 -12.71 -2.27
CA LYS B 353 -2.27 -12.84 -1.01
C LYS B 353 -1.37 -14.08 -1.05
N ALA B 354 -1.89 -15.18 -1.63
CA ALA B 354 -1.14 -16.45 -1.80
C ALA B 354 0.04 -16.17 -2.74
N ASN B 355 -0.19 -15.36 -3.77
CA ASN B 355 0.83 -15.01 -4.77
C ASN B 355 1.90 -14.13 -4.12
N TYR B 356 1.52 -13.11 -3.36
CA TYR B 356 2.49 -12.21 -2.68
C TYR B 356 3.35 -13.04 -1.71
N ALA B 357 2.80 -14.10 -1.13
CA ALA B 357 3.55 -14.98 -0.20
C ALA B 357 4.54 -15.83 -1.00
N GLY B 358 4.05 -16.51 -2.06
CA GLY B 358 4.84 -17.45 -2.89
C GLY B 358 5.91 -16.75 -3.71
N ASN B 359 5.58 -15.59 -4.26
CA ASN B 359 6.46 -14.80 -5.16
C ASN B 359 7.52 -14.01 -4.37
N ASN B 360 7.70 -14.30 -3.08
CA ASN B 360 8.71 -13.60 -2.23
C ASN B 360 10.12 -14.12 -2.54
N ILE B 361 10.22 -15.29 -3.18
CA ILE B 361 11.53 -15.90 -3.58
C ILE B 361 11.59 -15.97 -5.13
N LEU B 362 12.76 -15.69 -5.72
CA LEU B 362 13.02 -15.71 -7.18
C LEU B 362 13.97 -16.88 -7.46
N PRO B 363 13.41 -18.09 -7.68
CA PRO B 363 14.24 -19.29 -7.85
C PRO B 363 15.24 -19.30 -9.00
N GLU B 364 16.36 -20.04 -8.87
CA GLU B 364 17.37 -20.22 -9.95
C GLU B 364 16.76 -21.16 -11.02
N VAL B 365 17.16 -21.01 -12.29
CA VAL B 365 16.74 -21.93 -13.41
C VAL B 365 17.96 -22.17 -14.33
N LEU B 366 17.72 -22.76 -15.51
CA LEU B 366 18.77 -23.21 -16.47
C LEU B 366 18.89 -22.24 -17.66
N ASN C 2 16.88 -54.99 17.40
CA ASN C 2 16.27 -53.88 18.20
C ASN C 2 14.73 -54.02 18.12
N ASN C 3 13.97 -53.31 18.97
CA ASN C 3 12.48 -53.39 19.11
C ASN C 3 11.81 -52.06 18.68
N LEU C 4 10.49 -52.04 18.45
CA LEU C 4 9.69 -50.84 18.02
C LEU C 4 9.69 -49.76 19.10
N THR C 5 9.56 -50.21 20.35
CA THR C 5 9.42 -49.37 21.58
C THR C 5 10.61 -48.39 21.69
N SER C 6 11.68 -48.60 20.90
CA SER C 6 12.94 -47.82 20.98
C SER C 6 13.15 -46.85 19.80
N ILE C 7 12.33 -46.85 18.76
CA ILE C 7 12.53 -45.91 17.61
C ILE C 7 12.16 -44.48 18.03
N ASP C 8 12.95 -43.53 17.54
CA ASP C 8 12.83 -42.09 17.81
C ASP C 8 12.64 -41.36 16.47
N LEU C 9 11.38 -41.08 16.10
CA LEU C 9 11.05 -40.37 14.84
C LEU C 9 10.78 -38.89 15.14
N SER C 10 11.25 -38.42 16.29
CA SER C 10 11.01 -37.03 16.81
C SER C 10 11.96 -36.05 16.14
N PRO C 11 11.65 -34.74 16.24
CA PRO C 11 12.54 -33.67 15.81
C PRO C 11 13.76 -33.50 16.70
N GLN C 12 13.86 -34.27 17.78
CA GLN C 12 14.95 -34.16 18.79
C GLN C 12 14.94 -32.72 19.29
N THR C 13 16.08 -32.09 19.54
CA THR C 13 16.16 -30.72 20.11
C THR C 13 16.08 -29.65 18.99
N LEU C 14 15.59 -29.98 17.78
CA LEU C 14 15.54 -29.01 16.66
C LEU C 14 14.65 -27.80 17.02
N MET C 15 13.48 -28.03 17.65
CA MET C 15 12.53 -26.92 17.92
C MET C 15 13.22 -25.89 18.81
N ALA C 16 13.78 -26.33 19.95
CA ALA C 16 14.48 -25.45 20.92
C ALA C 16 15.68 -24.79 20.24
N MET C 17 16.47 -25.59 19.51
CA MET C 17 17.71 -25.14 18.86
C MET C 17 17.38 -23.99 17.90
N HIS C 18 16.28 -24.09 17.16
CA HIS C 18 15.83 -23.03 16.19
C HIS C 18 15.36 -21.79 16.96
N ILE C 19 14.64 -21.96 18.08
CA ILE C 19 14.17 -20.82 18.92
C ILE C 19 15.39 -20.07 19.48
N SER C 20 16.42 -20.77 19.97
CA SER C 20 17.63 -20.08 20.49
C SER C 20 18.38 -19.37 19.33
N ILE C 21 18.25 -19.82 18.09
CA ILE C 21 18.83 -19.12 16.89
C ILE C 21 17.98 -17.87 16.61
N SER C 22 16.66 -18.01 16.45
CA SER C 22 15.71 -16.88 16.21
C SER C 22 16.04 -15.73 17.17
N SER C 23 16.20 -16.04 18.46
CA SER C 23 16.45 -15.06 19.54
C SER C 23 17.57 -14.09 19.17
N GLN C 24 18.69 -14.59 18.66
CA GLN C 24 19.88 -13.75 18.38
C GLN C 24 19.76 -13.18 16.97
N ALA C 25 19.40 -13.99 15.97
CA ALA C 25 19.26 -13.53 14.57
C ALA C 25 18.24 -12.37 14.47
N LEU C 26 17.07 -12.46 15.13
CA LEU C 26 16.06 -11.37 15.09
C LEU C 26 16.64 -10.09 15.71
N LEU C 27 17.27 -10.22 16.87
CA LEU C 27 17.89 -9.07 17.54
C LEU C 27 18.98 -8.49 16.63
N ASN C 28 19.78 -9.35 15.99
CA ASN C 28 20.92 -8.90 15.14
C ASN C 28 20.36 -8.18 13.92
N GLN C 29 19.12 -8.50 13.53
CA GLN C 29 18.41 -7.85 12.42
C GLN C 29 18.19 -6.38 12.82
N SER C 30 17.76 -6.15 14.06
CA SER C 30 17.47 -4.79 14.63
C SER C 30 18.78 -4.01 14.81
N TYR C 31 19.86 -4.67 15.24
CA TYR C 31 21.21 -4.03 15.40
C TYR C 31 21.76 -3.65 14.02
N SER C 32 21.43 -4.42 12.97
CA SER C 32 21.80 -4.09 11.58
C SER C 32 21.07 -2.81 11.17
N ASN C 33 19.77 -2.74 11.47
CA ASN C 33 18.92 -1.57 11.11
C ASN C 33 19.44 -0.32 11.82
N LEU C 34 19.94 -0.49 13.04
CA LEU C 34 20.46 0.65 13.83
C LEU C 34 21.73 1.19 13.17
N LEU C 35 22.66 0.32 12.77
CA LEU C 35 23.92 0.71 12.07
C LEU C 35 23.63 1.46 10.76
N LEU C 36 22.54 1.08 10.06
CA LEU C 36 22.17 1.61 8.72
C LEU C 36 21.35 2.91 8.86
N SER C 37 20.71 3.13 10.02
CA SER C 37 19.87 4.34 10.29
C SER C 37 20.76 5.48 10.83
N GLN C 38 21.79 5.11 11.57
CA GLN C 38 22.77 6.04 12.18
C GLN C 38 23.32 7.00 11.10
N GLN C 39 23.24 8.31 11.38
CA GLN C 39 23.89 9.39 10.61
C GLN C 39 25.39 9.07 10.45
N LEU C 40 25.94 9.22 9.24
CA LEU C 40 27.40 9.09 8.95
C LEU C 40 28.14 10.30 9.53
N LEU C 41 29.47 10.23 9.62
CA LEU C 41 30.31 11.32 10.16
C LEU C 41 30.34 12.55 9.23
N THR C 42 30.91 12.48 8.02
CA THR C 42 31.00 13.59 7.01
C THR C 42 32.04 14.69 7.34
N SER C 43 32.06 15.29 8.54
CA SER C 43 32.97 16.40 8.92
C SER C 43 34.42 16.11 8.52
N GLN C 44 35.13 17.10 7.97
CA GLN C 44 36.55 17.03 7.58
C GLN C 44 37.30 18.21 8.21
N SER C 45 36.88 18.62 9.41
CA SER C 45 37.45 19.76 10.17
C SER C 45 38.03 19.24 11.50
N MET C 46 38.44 17.97 11.54
CA MET C 46 38.96 17.29 12.75
C MET C 46 40.17 16.42 12.41
N ASP C 47 40.80 15.77 13.40
CA ASP C 47 42.05 14.99 13.17
C ASP C 47 41.91 14.24 11.85
N PRO C 48 42.72 14.57 10.81
CA PRO C 48 42.62 13.87 9.52
C PRO C 48 42.81 12.35 9.67
N GLY C 49 43.82 11.94 10.45
CA GLY C 49 44.23 10.54 10.69
C GLY C 49 43.14 9.69 11.34
N LEU C 50 42.46 10.22 12.36
CA LEU C 50 41.38 9.49 13.13
C LEU C 50 40.05 9.59 12.36
N THR C 51 39.77 10.71 11.70
CA THR C 51 38.54 10.89 10.88
C THR C 51 38.47 9.74 9.86
N VAL C 52 39.58 9.43 9.16
CA VAL C 52 39.62 8.34 8.12
C VAL C 52 39.38 6.97 8.77
N LYS C 53 39.80 6.74 10.02
CA LYS C 53 39.67 5.43 10.71
C LYS C 53 38.20 5.20 11.09
N ILE C 54 37.49 6.26 11.51
CA ILE C 54 36.04 6.22 11.88
C ILE C 54 35.22 6.00 10.60
N LYS C 55 35.34 6.89 9.60
CA LYS C 55 34.60 6.78 8.31
C LYS C 55 34.80 5.38 7.70
N ALA C 56 36.02 4.83 7.74
CA ALA C 56 36.38 3.49 7.19
C ALA C 56 35.65 2.40 7.97
N TYR C 57 35.66 2.49 9.30
CA TYR C 57 35.02 1.49 10.20
C TYR C 57 33.50 1.59 10.05
N GLN C 58 32.94 2.80 10.06
CA GLN C 58 31.48 3.03 9.95
C GLN C 58 31.00 2.46 8.60
N ASN C 59 31.80 2.65 7.55
CA ASN C 59 31.50 2.18 6.17
C ASN C 59 31.50 0.65 6.16
N GLN C 60 32.57 0.04 6.68
CA GLN C 60 32.78 -1.43 6.67
C GLN C 60 31.65 -2.10 7.49
N LEU C 61 31.11 -1.44 8.53
CA LEU C 61 30.01 -1.97 9.37
C LEU C 61 28.68 -1.95 8.60
N ARG C 62 28.38 -0.85 7.94
CA ARG C 62 27.11 -0.73 7.16
C ARG C 62 27.09 -1.80 6.05
N GLN C 63 28.23 -2.08 5.41
CA GLN C 63 28.32 -3.15 4.37
C GLN C 63 27.93 -4.48 5.02
N GLN C 64 28.45 -4.81 6.20
CA GLN C 64 28.17 -6.11 6.87
C GLN C 64 26.75 -6.16 7.42
N ALA C 65 26.19 -5.02 7.81
CA ALA C 65 24.80 -4.88 8.31
C ALA C 65 23.85 -5.18 7.14
N GLN C 66 24.09 -4.54 5.99
CA GLN C 66 23.30 -4.77 4.75
C GLN C 66 23.39 -6.26 4.38
N VAL C 67 24.59 -6.84 4.36
CA VAL C 67 24.79 -8.28 3.97
C VAL C 67 23.96 -9.15 4.90
N PHE C 68 24.08 -8.98 6.21
CA PHE C 68 23.30 -9.77 7.20
C PHE C 68 21.80 -9.64 6.89
N LYS C 69 21.33 -8.40 6.77
CA LYS C 69 19.89 -8.06 6.62
C LYS C 69 19.29 -8.67 5.34
N GLN C 70 19.97 -8.53 4.20
CA GLN C 70 19.47 -8.91 2.84
C GLN C 70 19.85 -10.34 2.43
N ASN C 71 21.06 -10.82 2.75
CA ASN C 71 21.56 -12.16 2.31
C ASN C 71 21.45 -13.21 3.43
N THR C 72 22.13 -13.02 4.57
CA THR C 72 22.21 -14.01 5.68
C THR C 72 20.82 -14.32 6.26
N VAL C 73 19.93 -13.35 6.43
CA VAL C 73 18.57 -13.61 6.97
C VAL C 73 17.87 -14.56 6.01
N ALA C 74 17.97 -14.33 4.69
CA ALA C 74 17.34 -15.17 3.64
C ALA C 74 17.93 -16.59 3.71
N GLU C 75 19.24 -16.71 3.86
CA GLU C 75 19.93 -18.03 4.01
C GLU C 75 19.31 -18.78 5.20
N LEU C 76 19.08 -18.11 6.33
CA LEU C 76 18.45 -18.72 7.55
C LEU C 76 17.00 -19.12 7.26
N ILE C 77 16.19 -18.22 6.69
CA ILE C 77 14.77 -18.52 6.35
C ILE C 77 14.75 -19.80 5.50
N GLY C 78 15.78 -20.00 4.67
CA GLY C 78 15.97 -21.20 3.85
C GLY C 78 16.06 -22.46 4.69
N LEU C 79 16.88 -22.45 5.75
CA LEU C 79 17.06 -23.62 6.66
C LEU C 79 15.79 -23.90 7.45
N TYR C 80 15.06 -22.85 7.84
CA TYR C 80 13.80 -23.00 8.60
C TYR C 80 12.78 -23.69 7.69
N THR C 81 12.66 -23.24 6.43
CA THR C 81 11.71 -23.81 5.44
C THR C 81 11.96 -25.31 5.34
N LYS C 82 13.24 -25.71 5.30
CA LYS C 82 13.64 -27.14 5.18
C LYS C 82 13.00 -27.93 6.32
N ALA C 83 12.94 -27.39 7.53
CA ALA C 83 12.29 -28.02 8.70
C ALA C 83 10.77 -28.16 8.43
N SER C 84 10.07 -27.12 7.99
CA SER C 84 8.62 -27.21 7.62
C SER C 84 8.47 -28.37 6.63
N ASN C 85 9.30 -28.34 5.57
CA ASN C 85 9.30 -29.35 4.48
C ASN C 85 9.36 -30.74 5.12
N PHE C 86 10.27 -30.94 6.07
CA PHE C 86 10.41 -32.26 6.74
C PHE C 86 9.13 -32.60 7.51
N ALA C 87 8.54 -31.64 8.21
CA ALA C 87 7.26 -31.87 8.93
C ALA C 87 6.22 -32.38 7.94
N ALA C 88 6.09 -31.71 6.80
CA ALA C 88 5.14 -32.05 5.73
C ALA C 88 5.33 -33.52 5.32
N LEU C 89 6.58 -33.95 5.15
CA LEU C 89 6.91 -35.36 4.76
C LEU C 89 6.44 -36.33 5.84
N VAL C 90 6.63 -36.00 7.12
CA VAL C 90 6.24 -36.89 8.25
C VAL C 90 4.71 -37.06 8.24
N ASN C 91 3.94 -35.99 8.00
CA ASN C 91 2.45 -36.07 7.90
C ASN C 91 2.05 -37.12 6.87
N ALA C 92 2.74 -37.15 5.74
CA ALA C 92 2.48 -38.09 4.63
C ALA C 92 2.56 -39.52 5.15
N VAL C 93 3.61 -39.82 5.94
CA VAL C 93 3.82 -41.17 6.55
C VAL C 93 2.63 -41.47 7.46
N ASN C 94 2.18 -40.47 8.21
CA ASN C 94 1.01 -40.60 9.10
C ASN C 94 -0.19 -41.04 8.26
N ALA C 95 -0.50 -40.28 7.20
CA ALA C 95 -1.64 -40.51 6.27
C ALA C 95 -1.55 -41.92 5.64
N LEU C 96 -0.35 -42.40 5.33
CA LEU C 96 -0.11 -43.75 4.75
C LEU C 96 -0.64 -44.83 5.70
N TYR C 97 -0.58 -44.59 7.02
CA TYR C 97 -0.96 -45.61 8.04
C TYR C 97 -2.46 -45.55 8.37
N SER C 98 -3.13 -44.40 8.22
CA SER C 98 -4.59 -44.25 8.49
C SER C 98 -5.37 -44.65 7.23
N THR C 99 -4.74 -45.40 6.32
CA THR C 99 -5.39 -46.07 5.14
C THR C 99 -5.20 -47.60 5.28
N GLU C 100 -6.03 -48.39 4.60
CA GLU C 100 -6.05 -49.88 4.73
C GLU C 100 -5.22 -50.54 3.61
N ASP C 101 -3.90 -50.38 3.70
CA ASP C 101 -2.89 -50.88 2.73
C ASP C 101 -2.36 -52.22 3.22
N PRO C 102 -2.41 -53.31 2.39
CA PRO C 102 -1.92 -54.62 2.82
C PRO C 102 -0.39 -54.74 2.92
N GLN C 103 0.35 -53.79 2.33
CA GLN C 103 1.84 -53.74 2.30
C GLN C 103 2.34 -52.57 3.16
N VAL C 104 1.48 -52.06 4.06
CA VAL C 104 1.69 -50.80 4.84
C VAL C 104 3.08 -50.73 5.46
N SER C 105 3.62 -51.82 6.04
CA SER C 105 4.92 -51.80 6.78
C SER C 105 6.13 -51.73 5.83
N GLN C 106 6.10 -52.32 4.64
CA GLN C 106 7.26 -52.23 3.69
C GLN C 106 7.28 -50.83 3.08
N LYS C 107 6.12 -50.25 2.79
CA LYS C 107 5.97 -48.88 2.19
C LYS C 107 6.38 -47.83 3.23
N GLY C 108 6.06 -48.07 4.49
CA GLY C 108 6.43 -47.19 5.62
C GLY C 108 7.93 -47.16 5.79
N ALA C 109 8.57 -48.34 5.81
CA ALA C 109 10.03 -48.50 5.94
C ALA C 109 10.73 -47.74 4.81
N GLU C 110 10.26 -47.92 3.56
CA GLU C 110 10.83 -47.24 2.36
C GLU C 110 10.86 -45.71 2.57
N MET C 111 9.77 -45.13 3.08
CA MET C 111 9.66 -43.65 3.25
C MET C 111 10.54 -43.18 4.40
N VAL C 112 10.52 -43.89 5.52
CA VAL C 112 11.38 -43.52 6.67
C VAL C 112 12.83 -43.52 6.18
N ALA C 113 13.25 -44.55 5.44
CA ALA C 113 14.60 -44.67 4.85
C ALA C 113 14.87 -43.43 3.98
N ALA C 114 13.90 -43.00 3.19
CA ALA C 114 14.00 -41.81 2.29
C ALA C 114 14.16 -40.52 3.11
N LEU C 115 13.41 -40.36 4.20
CA LEU C 115 13.52 -39.13 5.05
C LEU C 115 14.90 -39.08 5.70
N SER C 116 15.50 -40.24 6.00
CA SER C 116 16.89 -40.32 6.51
C SER C 116 17.81 -39.55 5.55
N ASP C 117 17.66 -39.83 4.25
CA ASP C 117 18.42 -39.17 3.15
C ASP C 117 18.18 -37.66 3.18
N VAL C 118 16.92 -37.23 3.23
CA VAL C 118 16.53 -35.80 3.24
C VAL C 118 17.21 -35.12 4.43
N ALA C 119 17.09 -35.71 5.62
CA ALA C 119 17.70 -35.19 6.85
C ALA C 119 19.21 -35.02 6.62
N GLN C 120 19.83 -35.97 5.92
CA GLN C 120 21.30 -35.92 5.68
C GLN C 120 21.61 -34.72 4.76
N HIS C 121 20.72 -34.40 3.81
CA HIS C 121 20.85 -33.22 2.90
C HIS C 121 20.68 -31.94 3.73
N TYR C 122 19.68 -31.89 4.61
CA TYR C 122 19.43 -30.72 5.49
C TYR C 122 20.63 -30.53 6.43
N GLN C 123 21.30 -31.59 6.85
CA GLN C 123 22.53 -31.47 7.68
C GLN C 123 23.58 -30.70 6.87
N ALA C 124 23.86 -31.15 5.65
CA ALA C 124 24.88 -30.55 4.75
C ALA C 124 24.49 -29.11 4.39
N ALA C 125 23.18 -28.83 4.28
CA ALA C 125 22.64 -27.48 3.96
C ALA C 125 22.95 -26.54 5.11
N ALA C 126 22.73 -27.01 6.33
CA ALA C 126 23.00 -26.27 7.57
C ALA C 126 24.52 -26.06 7.66
N GLN C 127 25.33 -27.08 7.40
CA GLN C 127 26.80 -26.91 7.46
C GLN C 127 27.19 -25.74 6.58
N ALA C 128 26.66 -25.65 5.36
CA ALA C 128 27.00 -24.59 4.37
C ALA C 128 26.76 -23.21 4.97
N VAL C 129 25.62 -23.03 5.63
CA VAL C 129 25.25 -21.74 6.27
C VAL C 129 26.18 -21.47 7.45
N HIS C 130 26.47 -22.47 8.29
CA HIS C 130 27.36 -22.28 9.46
C HIS C 130 28.77 -21.90 8.98
N THR C 131 29.28 -22.51 7.92
CA THR C 131 30.63 -22.18 7.40
C THR C 131 30.69 -20.71 6.98
N GLN C 132 29.60 -20.16 6.41
CA GLN C 132 29.57 -18.72 6.01
C GLN C 132 29.53 -17.84 7.26
N LEU C 133 28.76 -18.20 8.28
CA LEU C 133 28.67 -17.42 9.55
C LEU C 133 30.04 -17.42 10.22
N GLN C 134 30.73 -18.57 10.22
CA GLN C 134 32.06 -18.77 10.83
C GLN C 134 33.07 -17.86 10.12
N ALA C 135 33.01 -17.77 8.79
CA ALA C 135 33.89 -16.93 7.94
C ALA C 135 33.71 -15.45 8.30
N LYS C 136 32.47 -14.98 8.39
CA LYS C 136 32.16 -13.58 8.78
C LYS C 136 32.69 -13.34 10.19
N ARG C 137 32.40 -14.22 11.13
CA ARG C 137 32.88 -14.03 12.53
C ARG C 137 34.39 -13.77 12.50
N GLU C 138 35.15 -14.60 11.78
CA GLU C 138 36.63 -14.53 11.71
C GLU C 138 37.10 -13.22 11.08
N MET C 139 36.25 -12.50 10.36
CA MET C 139 36.59 -11.17 9.73
C MET C 139 36.09 -10.03 10.63
N LEU C 140 34.95 -10.19 11.29
CA LEU C 140 34.34 -9.16 12.17
C LEU C 140 35.13 -8.98 13.47
N GLU C 141 35.60 -10.04 14.12
CA GLU C 141 36.31 -9.94 15.43
C GLU C 141 37.55 -9.07 15.27
N PRO C 142 38.50 -9.36 14.33
CA PRO C 142 39.67 -8.51 14.13
C PRO C 142 39.37 -7.07 13.69
N LEU C 143 38.24 -6.85 13.00
CA LEU C 143 37.81 -5.51 12.53
C LEU C 143 37.48 -4.64 13.75
N MET C 144 36.68 -5.19 14.67
CA MET C 144 36.28 -4.52 15.94
C MET C 144 37.49 -4.46 16.86
N GLY C 145 38.26 -5.54 16.95
CA GLY C 145 39.50 -5.63 17.74
C GLY C 145 40.47 -4.49 17.42
N ASN C 146 40.63 -4.19 16.14
CA ASN C 146 41.57 -3.14 15.65
C ASN C 146 41.02 -1.76 16.01
N PHE C 147 39.71 -1.57 15.95
CA PHE C 147 39.08 -0.26 16.22
C PHE C 147 39.17 0.00 17.74
N LEU C 148 39.04 -1.04 18.58
CA LEU C 148 39.18 -0.91 20.06
C LEU C 148 40.60 -0.46 20.42
N ASN C 149 41.62 -1.07 19.81
CA ASN C 149 43.05 -0.68 20.05
C ASN C 149 43.25 0.79 19.65
N VAL C 150 42.42 1.31 18.73
CA VAL C 150 42.48 2.74 18.27
C VAL C 150 41.87 3.64 19.35
N ILE C 151 40.71 3.27 19.90
CA ILE C 151 40.04 4.05 20.98
C ILE C 151 40.95 4.04 22.23
N ASP C 152 41.53 2.89 22.54
CA ASP C 152 42.37 2.70 23.76
C ASP C 152 43.62 3.58 23.70
N ALA C 153 44.36 3.54 22.59
CA ALA C 153 45.59 4.35 22.38
C ALA C 153 45.27 5.83 22.59
N ILE C 154 44.10 6.31 22.14
CA ILE C 154 43.65 7.72 22.30
C ILE C 154 43.39 7.99 23.79
N GLU C 155 42.64 7.12 24.47
CA GLU C 155 42.26 7.26 25.90
C GLU C 155 43.50 7.25 26.81
N GLN C 156 44.50 6.39 26.55
CA GLN C 156 45.76 6.27 27.35
C GLN C 156 46.54 7.60 27.41
N GLY C 157 46.21 8.58 26.58
CA GLY C 157 46.90 9.89 26.56
C GLY C 157 46.04 11.03 27.06
N LEU C 158 44.87 10.75 27.64
CA LEU C 158 43.95 11.80 28.18
C LEU C 158 44.31 12.12 29.62
N ASN C 159 43.91 13.30 30.10
CA ASN C 159 44.06 13.69 31.53
C ASN C 159 43.02 12.86 32.32
N ALA C 160 43.01 12.94 33.64
CA ALA C 160 42.13 12.16 34.54
C ALA C 160 40.65 12.55 34.37
N GLU C 161 40.34 13.83 34.18
CA GLU C 161 38.94 14.32 34.08
C GLU C 161 38.26 13.71 32.84
N ALA C 162 38.99 13.58 31.72
CA ALA C 162 38.48 13.03 30.44
C ALA C 162 38.36 11.51 30.52
N LYS C 163 39.30 10.82 31.18
CA LYS C 163 39.24 9.35 31.35
C LYS C 163 37.99 8.99 32.14
N GLN C 164 37.60 9.80 33.13
CA GLN C 164 36.39 9.52 33.96
C GLN C 164 35.15 9.72 33.09
N GLN C 165 35.12 10.79 32.29
CA GLN C 165 33.99 11.10 31.39
C GLN C 165 33.84 9.96 30.37
N ALA C 166 34.96 9.39 29.92
CA ALA C 166 35.01 8.25 28.95
C ALA C 166 34.52 6.96 29.61
N GLN C 167 34.88 6.72 30.88
CA GLN C 167 34.47 5.49 31.61
C GLN C 167 32.97 5.58 31.87
N THR C 168 32.46 6.75 32.27
CA THR C 168 31.01 6.97 32.51
C THR C 168 30.24 6.52 31.28
N ILE C 169 30.72 6.91 30.08
CA ILE C 169 30.12 6.55 28.76
C ILE C 169 30.21 5.03 28.57
N ALA C 170 31.40 4.44 28.72
CA ALA C 170 31.63 3.00 28.53
C ALA C 170 30.68 2.22 29.44
N GLU C 171 30.54 2.62 30.70
CA GLU C 171 29.69 1.96 31.73
C GLU C 171 28.21 2.05 31.33
N LEU C 172 27.76 3.21 30.83
CA LEU C 172 26.34 3.42 30.41
C LEU C 172 26.02 2.56 29.18
N ASN C 173 26.88 2.53 28.16
CA ASN C 173 26.67 1.68 26.94
C ASN C 173 26.54 0.21 27.37
N GLU C 174 27.33 -0.24 28.35
CA GLU C 174 27.29 -1.64 28.87
C GLU C 174 25.93 -1.89 29.52
N ALA C 175 25.39 -0.91 30.25
CA ALA C 175 24.10 -1.02 30.97
C ALA C 175 22.94 -1.06 29.97
N ILE C 176 22.98 -0.17 28.98
CA ILE C 176 21.95 0.00 27.92
C ILE C 176 21.79 -1.31 27.14
N ALA C 177 22.89 -1.99 26.87
CA ALA C 177 22.92 -3.28 26.13
C ALA C 177 22.11 -4.32 26.91
N LYS C 178 22.31 -4.39 28.22
CA LYS C 178 21.60 -5.34 29.10
C LYS C 178 20.10 -5.01 29.11
N ASN C 179 19.74 -3.73 29.09
CA ASN C 179 18.32 -3.26 29.08
C ASN C 179 17.65 -3.72 27.78
N ILE C 180 18.28 -3.44 26.62
CA ILE C 180 17.70 -3.82 25.30
C ILE C 180 17.46 -5.33 25.30
N GLN C 181 18.46 -6.11 25.69
CA GLN C 181 18.38 -7.58 25.75
C GLN C 181 17.15 -7.99 26.58
N SER C 182 16.91 -7.35 27.71
CA SER C 182 15.77 -7.67 28.61
C SER C 182 14.42 -7.41 27.91
N ILE C 183 14.36 -6.33 27.12
CA ILE C 183 13.15 -5.87 26.38
C ILE C 183 12.88 -6.84 25.23
N ALA C 184 13.91 -7.18 24.48
CA ALA C 184 13.82 -8.10 23.33
C ALA C 184 13.33 -9.46 23.80
N ASP C 185 13.79 -9.93 24.97
CA ASP C 185 13.40 -11.26 25.54
C ASP C 185 11.88 -11.28 25.80
N ALA C 186 11.37 -10.18 26.38
CA ALA C 186 9.93 -9.98 26.72
C ALA C 186 9.11 -9.95 25.45
N GLY C 187 9.57 -9.24 24.41
CA GLY C 187 8.90 -9.19 23.11
C GLY C 187 8.85 -10.56 22.42
N PHE C 188 9.94 -11.32 22.53
CA PHE C 188 10.17 -12.61 21.83
C PHE C 188 9.34 -13.76 22.43
N LYS C 189 8.95 -13.67 23.71
CA LYS C 189 8.12 -14.68 24.43
C LYS C 189 8.56 -16.12 24.13
N ALA C 190 9.86 -16.41 24.18
CA ALA C 190 10.47 -17.76 24.00
C ALA C 190 9.96 -18.41 22.71
N GLY C 191 9.88 -17.64 21.62
CA GLY C 191 9.56 -18.13 20.26
C GLY C 191 8.12 -17.86 19.85
N GLU C 192 7.20 -17.71 20.80
CA GLU C 192 5.76 -17.53 20.53
C GLU C 192 5.38 -16.06 20.39
N GLY C 193 6.34 -15.14 20.47
CA GLY C 193 6.05 -13.71 20.42
C GLY C 193 6.08 -13.16 19.01
N VAL C 194 5.64 -11.91 18.86
CA VAL C 194 5.60 -11.13 17.59
C VAL C 194 6.50 -9.91 17.80
N VAL C 195 7.78 -10.02 17.46
CA VAL C 195 8.84 -9.03 17.86
C VAL C 195 8.73 -7.67 17.16
N GLN C 196 9.03 -6.59 17.89
CA GLN C 196 9.07 -5.19 17.40
C GLN C 196 9.98 -4.35 18.32
N LEU C 197 10.98 -3.70 17.73
CA LEU C 197 11.91 -2.76 18.40
C LEU C 197 11.93 -1.45 17.59
N GLY C 198 12.00 -0.30 18.26
CA GLY C 198 12.02 1.02 17.59
C GLY C 198 13.37 1.68 17.68
N GLN C 199 13.46 2.97 17.34
CA GLN C 199 14.69 3.79 17.40
C GLN C 199 14.32 5.27 17.53
N SER C 200 15.27 6.08 18.00
CA SER C 200 15.17 7.56 18.10
C SER C 200 16.56 8.11 18.40
N ILE C 201 16.77 9.40 18.20
CA ILE C 201 18.05 10.04 18.59
C ILE C 201 18.01 10.11 20.12
N VAL C 202 19.10 9.70 20.78
CA VAL C 202 19.17 9.57 22.27
C VAL C 202 20.22 10.51 22.85
N ALA C 203 21.22 10.89 22.03
CA ALA C 203 22.36 11.72 22.43
C ALA C 203 22.89 12.50 21.22
N ALA C 204 23.86 13.38 21.46
CA ALA C 204 24.46 14.24 20.42
C ALA C 204 25.86 14.66 20.83
N VAL C 205 26.74 14.90 19.87
CA VAL C 205 28.16 15.32 20.05
C VAL C 205 28.39 16.62 19.28
N PRO C 206 28.30 17.81 19.90
CA PRO C 206 28.63 19.05 19.19
C PRO C 206 30.09 19.01 18.69
N LEU C 207 30.39 19.44 17.46
CA LEU C 207 31.78 19.39 16.91
C LEU C 207 32.19 20.75 16.32
N GLY C 208 32.18 20.90 14.98
CA GLY C 208 32.58 22.11 14.22
C GLY C 208 32.34 23.43 14.96
N ALA C 229 26.56 20.32 11.64
CA ALA C 229 27.75 20.45 12.52
C ALA C 229 27.41 19.97 13.92
N SER C 230 26.84 18.76 14.05
CA SER C 230 26.51 18.05 15.32
C SER C 230 26.22 16.56 14.99
N TYR C 231 26.94 15.59 15.57
CA TYR C 231 26.81 14.14 15.26
C TYR C 231 25.68 13.55 16.12
N MET C 232 24.55 13.20 15.49
CA MET C 232 23.33 12.71 16.18
C MET C 232 23.39 11.19 16.34
N ILE C 233 23.26 10.71 17.59
CA ILE C 233 23.38 9.27 17.98
C ILE C 233 22.01 8.61 18.05
N SER C 234 21.80 7.57 17.23
CA SER C 234 20.57 6.76 17.17
C SER C 234 20.68 5.60 18.17
N GLY C 235 19.60 5.27 18.87
CA GLY C 235 19.56 4.16 19.84
C GLY C 235 18.25 3.40 19.75
N ILE C 236 18.28 2.10 20.05
CA ILE C 236 17.09 1.21 20.09
C ILE C 236 16.14 1.74 21.18
N GLN C 237 14.85 1.53 21.01
CA GLN C 237 13.79 1.92 21.99
C GLN C 237 12.72 0.83 22.00
N ALA C 238 12.02 0.66 23.10
CA ALA C 238 10.88 -0.26 23.15
C ALA C 238 9.72 0.45 22.45
N ILE C 239 8.81 -0.29 21.84
CA ILE C 239 7.59 0.27 21.20
C ILE C 239 6.59 0.71 22.28
N SER C 240 6.38 -0.07 23.35
CA SER C 240 5.33 0.19 24.38
C SER C 240 3.93 0.21 23.71
N ALA C 241 3.44 -0.96 23.28
CA ALA C 241 2.08 -1.14 22.68
C ALA C 241 0.97 -0.92 23.74
N GLY C 242 1.32 -0.36 24.91
CA GLY C 242 0.46 -0.17 26.09
C GLY C 242 1.17 -0.44 27.43
N ALA C 243 2.24 -1.26 27.45
CA ALA C 243 3.07 -1.67 28.62
C ALA C 243 3.75 -3.00 28.25
N SER C 244 5.06 -2.98 27.95
CA SER C 244 5.83 -4.05 27.23
C SER C 244 6.00 -5.38 27.98
N GLY C 245 5.78 -5.47 29.31
CA GLY C 245 5.99 -6.73 30.07
C GLY C 245 7.46 -6.94 30.47
N ALA C 246 8.24 -5.87 30.31
CA ALA C 246 9.62 -5.66 30.85
C ALA C 246 9.71 -4.19 31.25
N GLN C 247 8.77 -3.72 32.08
CA GLN C 247 8.62 -2.29 32.46
C GLN C 247 9.91 -1.80 33.11
N GLN C 248 10.54 -2.61 33.96
CA GLN C 248 11.75 -2.22 34.72
C GLN C 248 12.87 -1.93 33.71
N ALA C 249 13.08 -2.79 32.71
CA ALA C 249 14.13 -2.56 31.69
C ALA C 249 13.83 -1.26 30.94
N VAL C 250 12.57 -1.01 30.56
CA VAL C 250 12.15 0.22 29.80
C VAL C 250 12.47 1.47 30.64
N ASN C 251 12.25 1.39 31.96
CA ASN C 251 12.49 2.50 32.91
C ASN C 251 14.01 2.73 33.03
N GLU C 252 14.80 1.66 33.17
CA GLU C 252 16.29 1.76 33.22
C GLU C 252 16.80 2.37 31.91
N LEU C 253 16.25 1.92 30.78
CA LEU C 253 16.68 2.41 29.45
C LEU C 253 16.43 3.91 29.35
N LYS C 254 15.28 4.42 29.82
CA LYS C 254 14.95 5.87 29.77
C LYS C 254 16.01 6.64 30.58
N ALA C 255 16.21 6.23 31.84
CA ALA C 255 17.16 6.80 32.81
C ALA C 255 18.58 6.79 32.23
N ASN C 256 19.03 5.64 31.70
CA ASN C 256 20.39 5.47 31.13
C ASN C 256 20.58 6.40 29.90
N TYR C 257 19.61 6.49 28.99
CA TYR C 257 19.73 7.38 27.81
C TYR C 257 19.89 8.83 28.29
N ALA C 258 19.12 9.24 29.31
CA ALA C 258 19.20 10.61 29.87
C ALA C 258 20.66 10.91 30.26
N LYS C 259 21.26 9.99 31.02
CA LYS C 259 22.66 10.14 31.53
C LYS C 259 23.65 10.05 30.37
N LEU C 260 23.38 9.22 29.36
CA LEU C 260 24.27 9.05 28.18
C LEU C 260 24.39 10.38 27.45
N ALA C 261 23.26 11.08 27.26
CA ALA C 261 23.19 12.38 26.57
C ALA C 261 24.16 13.36 27.24
N VAL C 262 24.02 13.48 28.55
CA VAL C 262 24.80 14.39 29.44
C VAL C 262 26.29 14.05 29.33
N ALA C 263 26.64 12.76 29.38
CA ALA C 263 28.03 12.24 29.39
C ALA C 263 28.76 12.56 28.08
N TYR C 264 28.09 12.46 26.92
CA TYR C 264 28.69 12.79 25.59
C TYR C 264 28.92 14.32 25.51
N ARG C 265 27.95 15.12 25.99
CA ARG C 265 28.07 16.60 26.01
C ARG C 265 29.37 16.96 26.75
N ALA C 266 29.66 16.27 27.86
CA ALA C 266 30.83 16.49 28.72
C ALA C 266 32.13 16.14 27.99
N LEU C 267 32.27 14.91 27.48
CA LEU C 267 33.51 14.45 26.82
C LEU C 267 33.78 15.26 25.55
N ALA C 268 32.70 15.69 24.87
CA ALA C 268 32.74 16.43 23.58
C ALA C 268 33.42 17.80 23.73
N THR C 269 33.22 18.50 24.85
CA THR C 269 33.77 19.87 25.04
C THR C 269 35.24 19.89 24.58
N ALA C 270 36.06 18.91 25.01
CA ALA C 270 37.52 18.85 24.72
C ALA C 270 37.85 17.77 23.66
N ASN C 271 37.23 16.58 23.73
CA ASN C 271 37.48 15.44 22.80
C ASN C 271 36.16 15.01 22.13
N ALA C 272 35.81 15.68 21.04
CA ALA C 272 34.57 15.47 20.25
C ALA C 272 34.71 14.27 19.32
N LEU C 273 35.86 14.13 18.66
CA LEU C 273 36.07 13.04 17.66
C LEU C 273 36.15 11.70 18.39
N LEU C 274 36.70 11.65 19.60
CA LEU C 274 36.75 10.39 20.41
C LEU C 274 35.32 10.01 20.79
N SER C 275 34.50 10.98 21.21
CA SER C 275 33.07 10.80 21.56
C SER C 275 32.36 10.07 20.42
N VAL C 276 32.61 10.51 19.17
CA VAL C 276 32.01 9.91 17.94
C VAL C 276 32.48 8.45 17.88
N ALA C 277 33.78 8.22 17.86
CA ALA C 277 34.41 6.88 17.77
C ALA C 277 33.75 5.93 18.78
N LYS C 278 33.51 6.40 20.01
CA LYS C 278 32.92 5.59 21.12
C LYS C 278 31.47 5.25 20.80
N SER C 279 30.71 6.22 20.29
CA SER C 279 29.28 6.08 19.88
C SER C 279 29.12 4.99 18.81
N VAL C 280 30.04 4.96 17.83
CA VAL C 280 30.07 3.98 16.70
C VAL C 280 30.41 2.59 17.25
N GLN C 281 31.48 2.49 18.05
CA GLN C 281 31.97 1.22 18.65
C GLN C 281 30.89 0.58 19.53
N ALA C 282 30.06 1.38 20.21
CA ALA C 282 28.95 0.87 21.06
C ALA C 282 27.95 0.12 20.18
N GLN C 283 27.65 0.69 19.00
CA GLN C 283 26.70 0.12 17.99
C GLN C 283 27.33 -1.16 17.40
N ALA C 284 28.61 -1.11 17.06
CA ALA C 284 29.38 -2.25 16.49
C ALA C 284 29.35 -3.43 17.47
N GLN C 285 29.66 -3.17 18.75
CA GLN C 285 29.69 -4.15 19.86
C GLN C 285 28.38 -4.94 19.82
N LEU C 286 27.21 -4.28 19.82
CA LEU C 286 25.92 -5.00 19.86
C LEU C 286 25.80 -5.93 18.64
N PHE C 287 26.13 -5.43 17.45
CA PHE C 287 26.06 -6.18 16.17
C PHE C 287 27.02 -7.37 16.21
N VAL C 288 28.30 -7.14 16.50
CA VAL C 288 29.34 -8.21 16.45
C VAL C 288 29.12 -9.23 17.57
N ASP C 289 28.76 -8.80 18.77
CA ASP C 289 28.52 -9.74 19.90
C ASP C 289 27.37 -10.68 19.52
N THR C 290 26.24 -10.16 19.04
CA THR C 290 25.07 -11.04 18.76
C THR C 290 25.31 -11.81 17.46
N TYR C 291 26.20 -11.32 16.58
CA TYR C 291 26.58 -12.10 15.37
C TYR C 291 27.28 -13.38 15.86
N VAL C 292 28.19 -13.22 16.81
CA VAL C 292 28.97 -14.35 17.40
C VAL C 292 27.99 -15.34 18.04
N LEU C 293 26.99 -14.85 18.77
CA LEU C 293 25.98 -15.73 19.42
C LEU C 293 25.17 -16.46 18.34
N THR C 294 24.90 -15.79 17.23
CA THR C 294 24.14 -16.40 16.11
C THR C 294 24.97 -17.55 15.57
N GLU C 295 26.26 -17.32 15.25
CA GLU C 295 27.23 -18.34 14.78
C GLU C 295 27.26 -19.53 15.73
N GLN C 296 27.31 -19.29 17.05
CA GLN C 296 27.45 -20.35 18.10
C GLN C 296 26.20 -21.24 18.18
N ARG C 297 25.00 -20.68 18.10
CA ARG C 297 23.75 -21.47 18.19
C ARG C 297 23.60 -22.31 16.91
N MET C 298 24.04 -21.76 15.78
CA MET C 298 24.00 -22.40 14.45
C MET C 298 25.02 -23.54 14.37
N ALA C 299 26.10 -23.50 15.14
CA ALA C 299 27.19 -24.51 15.12
C ALA C 299 26.67 -25.91 15.44
N LEU C 300 25.65 -26.01 16.27
CA LEU C 300 25.09 -27.32 16.72
C LEU C 300 24.06 -27.90 15.75
N LEU C 301 23.57 -27.10 14.81
CA LEU C 301 22.44 -27.48 13.92
C LEU C 301 22.78 -28.61 12.99
N PRO C 302 23.93 -28.60 12.27
CA PRO C 302 24.30 -29.72 11.39
C PRO C 302 24.28 -31.06 12.14
N THR C 303 24.96 -31.12 13.29
CA THR C 303 25.01 -32.33 14.14
C THR C 303 23.57 -32.79 14.46
N GLU C 304 22.68 -31.88 14.82
CA GLU C 304 21.29 -32.25 15.22
C GLU C 304 20.54 -32.79 14.00
N TRP C 305 20.74 -32.29 12.77
CA TRP C 305 20.06 -32.90 11.59
C TRP C 305 20.65 -34.30 11.39
N GLY C 306 21.98 -34.46 11.55
CA GLY C 306 22.68 -35.75 11.45
C GLY C 306 22.11 -36.78 12.43
N LYS C 307 21.70 -36.34 13.62
CA LYS C 307 21.05 -37.21 14.64
C LYS C 307 19.67 -37.67 14.14
N VAL C 308 18.91 -36.81 13.45
CA VAL C 308 17.58 -37.18 12.85
C VAL C 308 17.84 -38.20 11.73
N ALA C 309 18.91 -38.01 10.96
CA ALA C 309 19.31 -38.92 9.86
C ALA C 309 19.60 -40.31 10.41
N GLU C 310 20.44 -40.40 11.45
CA GLU C 310 20.84 -41.68 12.09
C GLU C 310 19.61 -42.35 12.71
N ALA C 311 18.78 -41.61 13.44
CA ALA C 311 17.57 -42.13 14.12
C ALA C 311 16.62 -42.74 13.10
N TYR C 312 16.44 -42.09 11.95
CA TYR C 312 15.52 -42.53 10.87
C TYR C 312 16.08 -43.76 10.16
N LEU C 313 17.41 -43.82 9.96
CA LEU C 313 18.11 -44.96 9.28
C LEU C 313 17.91 -46.25 10.10
N THR C 314 18.14 -46.18 11.42
CA THR C 314 17.98 -47.26 12.43
C THR C 314 16.53 -47.74 12.48
N ALA C 315 15.59 -46.80 12.44
CA ALA C 315 14.14 -47.02 12.62
C ALA C 315 13.54 -47.82 11.47
N ALA C 316 13.96 -47.54 10.22
CA ALA C 316 13.38 -48.12 8.98
C ALA C 316 13.31 -49.64 9.00
N PRO C 317 14.44 -50.39 9.11
CA PRO C 317 14.37 -51.85 9.12
C PRO C 317 13.48 -52.40 10.23
N ILE C 318 13.39 -51.70 11.36
CA ILE C 318 12.55 -52.07 12.54
C ILE C 318 11.07 -51.93 12.18
N ILE C 319 10.68 -50.83 11.51
CA ILE C 319 9.27 -50.57 11.09
C ILE C 319 8.86 -51.62 10.06
N ASN C 320 9.83 -52.16 9.31
CA ASN C 320 9.65 -53.20 8.26
C ASN C 320 9.29 -54.53 8.94
N GLN C 321 9.90 -54.85 10.09
CA GLN C 321 9.71 -56.11 10.84
C GLN C 321 8.26 -56.20 11.38
N ALA C 322 7.59 -55.07 11.66
CA ALA C 322 6.19 -54.99 12.16
C ALA C 322 5.21 -55.55 11.11
N GLY C 323 4.89 -56.85 11.19
CA GLY C 323 4.03 -57.58 10.23
C GLY C 323 2.77 -58.15 10.86
N SER C 324 2.55 -57.97 12.18
CA SER C 324 1.35 -58.45 12.91
C SER C 324 0.27 -57.37 12.91
N ALA C 325 -0.91 -57.65 13.47
CA ALA C 325 -2.03 -56.70 13.63
C ALA C 325 -1.65 -55.63 14.67
N ALA C 326 -1.26 -56.10 15.86
CA ALA C 326 -0.90 -55.29 17.05
C ALA C 326 0.41 -54.53 16.84
N GLU C 327 1.32 -55.04 16.00
CA GLU C 327 2.61 -54.36 15.67
C GLU C 327 2.32 -53.18 14.72
N ILE C 328 1.45 -53.35 13.73
CA ILE C 328 1.06 -52.28 12.76
C ILE C 328 0.30 -51.19 13.53
N LYS C 329 -0.58 -51.59 14.45
CA LYS C 329 -1.37 -50.64 15.29
C LYS C 329 -0.40 -49.81 16.14
N GLN C 330 0.62 -50.46 16.72
CA GLN C 330 1.65 -49.83 17.60
C GLN C 330 2.50 -48.86 16.77
N ALA C 331 2.88 -49.23 15.55
CA ALA C 331 3.67 -48.39 14.62
C ALA C 331 2.86 -47.14 14.22
N LYS C 332 1.57 -47.31 13.90
CA LYS C 332 0.67 -46.18 13.53
C LYS C 332 0.69 -45.16 14.67
N GLN C 333 0.61 -45.65 15.91
CA GLN C 333 0.62 -44.90 17.18
C GLN C 333 1.96 -44.15 17.36
N ILE C 334 3.09 -44.85 17.20
CA ILE C 334 4.47 -44.27 17.33
C ILE C 334 4.60 -43.12 16.30
N ILE C 335 4.10 -43.34 15.08
CA ILE C 335 4.20 -42.35 13.96
C ILE C 335 3.23 -41.18 14.19
N SER C 336 1.98 -41.45 14.56
CA SER C 336 0.97 -40.40 14.84
C SER C 336 1.47 -39.41 15.90
N LEU C 337 2.13 -39.92 16.96
CA LEU C 337 2.67 -39.09 18.08
C LEU C 337 3.83 -38.23 17.59
N ASN C 338 4.73 -38.81 16.82
CA ASN C 338 5.92 -38.08 16.30
C ASN C 338 5.46 -37.03 15.28
N ALA C 339 4.34 -37.25 14.58
CA ALA C 339 3.76 -36.28 13.63
C ALA C 339 3.34 -35.03 14.40
N GLU C 340 2.61 -35.17 15.52
CA GLU C 340 2.14 -34.05 16.38
C GLU C 340 3.35 -33.21 16.78
N LYS C 341 4.47 -33.85 17.13
CA LYS C 341 5.73 -33.17 17.54
C LYS C 341 6.23 -32.30 16.37
N TRP C 342 6.21 -32.83 15.15
CA TRP C 342 6.67 -32.09 13.93
C TRP C 342 5.68 -30.97 13.60
N GLN C 343 4.36 -31.17 13.80
CA GLN C 343 3.34 -30.12 13.51
C GLN C 343 3.56 -28.93 14.44
N LEU C 344 3.84 -29.21 15.73
CA LEU C 344 4.05 -28.15 16.74
C LEU C 344 5.29 -27.35 16.32
N PHE C 345 6.34 -28.06 15.92
CA PHE C 345 7.63 -27.50 15.43
C PHE C 345 7.31 -26.63 14.21
N SER C 346 6.56 -27.16 13.25
CA SER C 346 6.17 -26.42 12.02
C SER C 346 5.55 -25.06 12.39
N LYS C 347 4.74 -24.97 13.45
CA LYS C 347 4.10 -23.69 13.88
C LYS C 347 5.18 -22.72 14.39
N SER C 348 6.08 -23.21 15.23
CA SER C 348 7.23 -22.43 15.76
C SER C 348 8.01 -21.81 14.60
N ILE C 349 8.19 -22.57 13.51
CA ILE C 349 8.90 -22.16 12.26
C ILE C 349 8.07 -21.09 11.54
N ASP C 350 6.77 -21.32 11.33
CA ASP C 350 5.86 -20.34 10.68
C ASP C 350 5.99 -18.97 11.35
N ASN C 351 6.03 -18.95 12.69
CA ASN C 351 6.06 -17.69 13.49
C ASN C 351 7.45 -17.03 13.35
N ALA C 352 8.52 -17.83 13.34
CA ALA C 352 9.91 -17.31 13.17
C ALA C 352 10.03 -16.62 11.82
N LYS C 353 9.49 -17.24 10.76
CA LYS C 353 9.53 -16.69 9.37
C LYS C 353 8.72 -15.40 9.28
N ALA C 354 7.56 -15.34 9.93
CA ALA C 354 6.69 -14.13 9.98
C ALA C 354 7.45 -13.00 10.68
N ASN C 355 8.17 -13.34 11.75
CA ASN C 355 8.98 -12.38 12.54
C ASN C 355 10.14 -11.87 11.67
N TYR C 356 10.89 -12.75 11.00
CA TYR C 356 12.03 -12.33 10.15
C TYR C 356 11.54 -11.40 9.05
N ALA C 357 10.29 -11.59 8.57
CA ALA C 357 9.71 -10.73 7.52
C ALA C 357 9.36 -9.37 8.12
N GLY C 358 8.61 -9.36 9.23
CA GLY C 358 8.09 -8.14 9.90
C GLY C 358 9.19 -7.30 10.53
N ASN C 359 10.19 -7.94 11.13
CA ASN C 359 11.31 -7.29 11.86
C ASN C 359 12.36 -6.74 10.87
N ASN C 360 12.07 -6.64 9.57
CA ASN C 360 12.97 -6.01 8.57
C ASN C 360 13.03 -4.49 8.78
N ILE C 361 12.04 -3.91 9.46
CA ILE C 361 11.95 -2.44 9.68
C ILE C 361 12.18 -2.12 11.16
N LEU C 362 12.93 -1.04 11.44
CA LEU C 362 13.16 -0.49 12.81
C LEU C 362 12.46 0.87 12.89
N PRO C 363 11.13 0.90 13.15
CA PRO C 363 10.36 2.15 13.15
C PRO C 363 10.82 3.26 14.12
N GLU C 364 10.47 4.52 13.86
CA GLU C 364 10.73 5.68 14.75
C GLU C 364 9.82 5.60 15.97
N VAL C 365 10.24 6.18 17.10
CA VAL C 365 9.49 6.16 18.40
C VAL C 365 9.36 7.60 18.91
N LEU C 366 8.23 7.92 19.55
CA LEU C 366 7.87 9.29 20.04
C LEU C 366 7.96 9.48 21.57
N GLU C 367 7.91 8.39 22.38
CA GLU C 367 7.96 8.41 23.88
C GLU C 367 9.36 7.97 24.37
N ASN D 3 -3.76 -18.90 24.99
CA ASN D 3 -4.96 -19.63 25.51
C ASN D 3 -6.17 -18.67 25.56
N LEU D 4 -7.37 -19.24 25.41
CA LEU D 4 -8.67 -18.52 25.30
C LEU D 4 -9.01 -17.79 26.59
N THR D 5 -8.71 -18.41 27.72
CA THR D 5 -9.00 -17.89 29.10
C THR D 5 -8.44 -16.46 29.29
N SER D 6 -7.60 -15.96 28.37
CA SER D 6 -6.90 -14.63 28.48
C SER D 6 -7.46 -13.58 27.51
N ILE D 7 -8.32 -13.92 26.54
CA ILE D 7 -8.85 -12.90 25.59
C ILE D 7 -9.90 -12.04 26.30
N ASP D 8 -9.90 -10.76 25.97
CA ASP D 8 -10.81 -9.73 26.52
C ASP D 8 -11.60 -9.10 25.37
N LEU D 9 -12.82 -9.57 25.10
CA LEU D 9 -13.66 -9.01 23.99
C LEU D 9 -14.67 -8.02 24.55
N SER D 10 -14.44 -7.53 25.77
CA SER D 10 -15.36 -6.63 26.51
C SER D 10 -15.24 -5.19 26.02
N PRO D 11 -16.24 -4.35 26.37
CA PRO D 11 -16.18 -2.92 26.13
C PRO D 11 -15.19 -2.19 27.04
N GLN D 12 -14.55 -2.91 27.97
CA GLN D 12 -13.60 -2.32 28.94
C GLN D 12 -14.36 -1.21 29.68
N THR D 13 -13.74 -0.08 30.01
CA THR D 13 -14.41 1.01 30.78
C THR D 13 -15.20 1.96 29.87
N LEU D 14 -15.52 1.59 28.64
CA LEU D 14 -16.25 2.48 27.67
C LEU D 14 -17.63 2.87 28.23
N MET D 15 -18.38 1.94 28.83
CA MET D 15 -19.76 2.23 29.29
C MET D 15 -19.69 3.35 30.33
N ALA D 16 -18.88 3.19 31.37
CA ALA D 16 -18.71 4.19 32.44
C ALA D 16 -18.17 5.50 31.87
N MET D 17 -17.15 5.40 31.02
CA MET D 17 -16.45 6.57 30.42
C MET D 17 -17.48 7.43 29.67
N HIS D 18 -18.41 6.80 28.94
CA HIS D 18 -19.47 7.51 28.17
C HIS D 18 -20.47 8.17 29.12
N ILE D 19 -20.83 7.47 30.20
CA ILE D 19 -21.78 7.98 31.22
C ILE D 19 -21.16 9.23 31.87
N SER D 20 -19.87 9.21 32.24
CA SER D 20 -19.23 10.37 32.88
C SER D 20 -19.16 11.54 31.89
N ILE D 21 -19.12 11.28 30.58
CA ILE D 21 -19.14 12.36 29.53
C ILE D 21 -20.56 12.93 29.46
N SER D 22 -21.56 12.08 29.25
CA SER D 22 -23.00 12.47 29.19
C SER D 22 -23.30 13.45 30.35
N SER D 23 -22.91 13.10 31.57
CA SER D 23 -23.17 13.87 32.81
C SER D 23 -22.83 15.35 32.65
N GLN D 24 -21.66 15.67 32.09
CA GLN D 24 -21.20 17.07 31.95
C GLN D 24 -21.75 17.67 30.65
N ALA D 25 -21.66 16.97 29.54
CA ALA D 25 -22.15 17.46 28.22
C ALA D 25 -23.65 17.80 28.30
N LEU D 26 -24.49 16.96 28.92
CA LEU D 26 -25.95 17.23 29.05
C LEU D 26 -26.16 18.51 29.87
N LEU D 27 -25.47 18.63 31.00
CA LEU D 27 -25.56 19.84 31.86
C LEU D 27 -25.09 21.05 31.03
N ASN D 28 -24.00 20.91 30.28
CA ASN D 28 -23.43 22.03 29.48
C ASN D 28 -24.41 22.43 28.38
N GLN D 29 -25.24 21.49 27.95
CA GLN D 29 -26.31 21.72 26.94
C GLN D 29 -27.31 22.70 27.56
N SER D 30 -27.67 22.49 28.83
CA SER D 30 -28.63 23.31 29.60
C SER D 30 -28.03 24.69 29.88
N TYR D 31 -26.74 24.76 30.19
CA TYR D 31 -26.04 26.05 30.46
C TYR D 31 -25.90 26.83 29.16
N SER D 32 -25.81 26.16 28.02
CA SER D 32 -25.81 26.84 26.69
C SER D 32 -27.19 27.43 26.46
N ASN D 33 -28.26 26.67 26.74
CA ASN D 33 -29.65 27.13 26.56
C ASN D 33 -29.91 28.32 27.47
N LEU D 34 -29.31 28.34 28.65
CA LEU D 34 -29.52 29.44 29.63
C LEU D 34 -28.89 30.71 29.05
N LEU D 35 -27.67 30.64 28.53
CA LEU D 35 -26.97 31.80 27.92
C LEU D 35 -27.75 32.35 26.71
N LEU D 36 -28.42 31.47 25.95
CA LEU D 36 -29.15 31.83 24.69
C LEU D 36 -30.57 32.30 25.00
N SER D 37 -31.13 31.98 26.16
CA SER D 37 -32.50 32.38 26.57
C SER D 37 -32.46 33.73 27.29
N GLN D 38 -31.37 33.98 28.01
CA GLN D 38 -31.15 35.21 28.80
C GLN D 38 -31.39 36.43 27.89
N GLN D 39 -32.22 37.36 28.36
CA GLN D 39 -32.50 38.62 27.64
C GLN D 39 -31.16 39.39 27.55
N LEU D 40 -30.90 39.97 26.38
CA LEU D 40 -29.69 40.79 26.08
C LEU D 40 -29.79 42.13 26.82
N LEU D 41 -28.67 42.85 26.96
CA LEU D 41 -28.66 44.23 27.50
C LEU D 41 -28.88 45.13 26.28
N THR D 42 -29.98 45.89 26.25
CA THR D 42 -30.30 46.79 25.10
C THR D 42 -29.90 48.22 25.48
N SER D 43 -30.20 48.64 26.71
CA SER D 43 -30.00 50.02 27.24
C SER D 43 -28.65 50.61 26.84
N GLN D 44 -28.65 51.86 26.37
CA GLN D 44 -27.42 52.63 26.05
C GLN D 44 -27.57 54.02 26.71
N SER D 45 -28.16 54.02 27.90
CA SER D 45 -28.36 55.20 28.78
C SER D 45 -27.62 54.94 30.11
N MET D 46 -26.49 54.24 30.04
CA MET D 46 -25.60 53.92 31.20
C MET D 46 -24.14 54.07 30.77
N ASP D 47 -23.17 53.84 31.67
CA ASP D 47 -21.73 54.05 31.35
C ASP D 47 -21.47 53.54 29.94
N PRO D 48 -21.13 54.41 28.96
CA PRO D 48 -20.87 53.97 27.58
C PRO D 48 -19.76 52.91 27.51
N GLY D 49 -18.66 53.14 28.26
CA GLY D 49 -17.44 52.29 28.27
C GLY D 49 -17.69 50.88 28.76
N LEU D 50 -18.47 50.72 29.84
CA LEU D 50 -18.78 49.40 30.45
C LEU D 50 -19.94 48.72 29.70
N THR D 51 -20.92 49.49 29.22
CA THR D 51 -22.07 48.95 28.44
C THR D 51 -21.51 48.13 27.26
N VAL D 52 -20.53 48.67 26.51
CA VAL D 52 -19.97 47.98 25.30
C VAL D 52 -19.21 46.71 25.71
N LYS D 53 -18.60 46.66 26.91
CA LYS D 53 -17.79 45.47 27.36
C LYS D 53 -18.74 44.32 27.71
N ILE D 54 -19.90 44.62 28.31
CA ILE D 54 -20.95 43.62 28.67
C ILE D 54 -21.59 43.08 27.38
N LYS D 55 -22.16 43.95 26.53
CA LYS D 55 -22.81 43.56 25.24
C LYS D 55 -21.85 42.69 24.41
N ALA D 56 -20.55 43.05 24.35
CA ALA D 56 -19.51 42.33 23.59
C ALA D 56 -19.30 40.93 24.17
N TYR D 57 -19.22 40.84 25.51
CA TYR D 57 -19.00 39.56 26.22
C TYR D 57 -20.24 38.68 26.08
N GLN D 58 -21.44 39.25 26.31
CA GLN D 58 -22.72 38.49 26.20
C GLN D 58 -22.85 37.93 24.77
N ASN D 59 -22.46 38.71 23.76
CA ASN D 59 -22.53 38.29 22.33
C ASN D 59 -21.52 37.14 22.09
N GLN D 60 -20.27 37.30 22.55
CA GLN D 60 -19.21 36.30 22.30
C GLN D 60 -19.58 34.98 23.02
N LEU D 61 -20.32 35.02 24.12
CA LEU D 61 -20.79 33.82 24.87
C LEU D 61 -21.92 33.11 24.12
N ARG D 62 -22.89 33.85 23.60
CA ARG D 62 -24.02 33.27 22.83
C ARG D 62 -23.46 32.56 21.60
N GLN D 63 -22.42 33.10 20.95
CA GLN D 63 -21.75 32.45 19.79
C GLN D 63 -21.23 31.08 20.22
N GLN D 64 -20.54 30.99 21.36
CA GLN D 64 -19.93 29.71 21.83
C GLN D 64 -21.01 28.74 22.32
N ALA D 65 -22.10 29.28 22.88
CA ALA D 65 -23.26 28.50 23.37
C ALA D 65 -23.95 27.87 22.18
N GLN D 66 -24.23 28.65 21.13
CA GLN D 66 -24.86 28.15 19.89
C GLN D 66 -23.95 27.08 19.28
N VAL D 67 -22.63 27.30 19.18
CA VAL D 67 -21.69 26.30 18.59
C VAL D 67 -21.82 24.98 19.36
N PHE D 68 -21.70 25.02 20.69
CA PHE D 68 -21.83 23.80 21.52
C PHE D 68 -23.17 23.12 21.24
N LYS D 69 -24.27 23.87 21.35
CA LYS D 69 -25.66 23.35 21.22
C LYS D 69 -25.91 22.69 19.86
N GLN D 70 -25.52 23.33 18.75
CA GLN D 70 -25.85 22.91 17.35
C GLN D 70 -24.77 22.00 16.74
N ASN D 71 -23.48 22.27 16.97
CA ASN D 71 -22.35 21.53 16.31
C ASN D 71 -21.75 20.46 17.23
N THR D 72 -21.21 20.85 18.38
CA THR D 72 -20.52 19.92 19.32
C THR D 72 -21.47 18.81 19.79
N VAL D 73 -22.74 19.08 20.09
CA VAL D 73 -23.68 18.02 20.54
C VAL D 73 -23.81 16.98 19.41
N ALA D 74 -23.91 17.42 18.15
CA ALA D 74 -24.03 16.53 16.96
C ALA D 74 -22.75 15.69 16.83
N GLU D 75 -21.58 16.31 16.99
CA GLU D 75 -20.28 15.60 16.98
C GLU D 75 -20.32 14.47 18.01
N LEU D 76 -20.81 14.72 19.22
CA LEU D 76 -20.91 13.70 20.32
C LEU D 76 -21.89 12.60 19.91
N ILE D 77 -23.09 12.95 19.46
CA ILE D 77 -24.12 11.94 19.06
C ILE D 77 -23.46 11.00 18.04
N GLY D 78 -22.58 11.55 17.22
CA GLY D 78 -21.81 10.79 16.21
C GLY D 78 -20.95 9.72 16.86
N LEU D 79 -20.17 10.08 17.89
CA LEU D 79 -19.28 9.16 18.62
C LEU D 79 -20.07 8.08 19.34
N TYR D 80 -21.23 8.44 19.89
CA TYR D 80 -22.05 7.48 20.65
C TYR D 80 -22.60 6.45 19.66
N THR D 81 -23.11 6.89 18.51
CA THR D 81 -23.66 5.98 17.46
C THR D 81 -22.58 4.94 17.11
N LYS D 82 -21.33 5.37 16.99
CA LYS D 82 -20.19 4.49 16.64
C LYS D 82 -20.12 3.33 17.64
N ALA D 83 -20.34 3.59 18.93
CA ALA D 83 -20.37 2.54 19.97
C ALA D 83 -21.55 1.59 19.71
N SER D 84 -22.79 2.08 19.47
CA SER D 84 -23.93 1.19 19.13
C SER D 84 -23.50 0.31 17.97
N ASN D 85 -22.99 0.94 16.91
CA ASN D 85 -22.52 0.28 15.67
C ASN D 85 -21.59 -0.87 16.04
N PHE D 86 -20.64 -0.64 16.94
CA PHE D 86 -19.68 -1.69 17.36
C PHE D 86 -20.45 -2.81 18.06
N ALA D 87 -21.40 -2.48 18.93
CA ALA D 87 -22.22 -3.50 19.62
C ALA D 87 -22.90 -4.38 18.56
N ALA D 88 -23.52 -3.75 17.56
CA ALA D 88 -24.24 -4.44 16.46
C ALA D 88 -23.30 -5.43 15.78
N LEU D 89 -22.05 -5.04 15.53
CA LEU D 89 -21.04 -5.94 14.89
C LEU D 89 -20.72 -7.13 15.79
N VAL D 90 -20.61 -6.91 17.10
CA VAL D 90 -20.30 -8.01 18.07
C VAL D 90 -21.47 -9.02 18.05
N ASN D 91 -22.73 -8.57 17.99
CA ASN D 91 -23.91 -9.47 17.90
C ASN D 91 -23.76 -10.41 16.71
N ALA D 92 -23.30 -9.89 15.58
CA ALA D 92 -23.08 -10.65 14.33
C ALA D 92 -22.15 -11.83 14.63
N VAL D 93 -21.06 -11.58 15.36
CA VAL D 93 -20.06 -12.62 15.75
C VAL D 93 -20.80 -13.66 16.62
N ASN D 94 -21.66 -13.19 17.52
CA ASN D 94 -22.46 -14.09 18.38
C ASN D 94 -23.28 -15.01 17.48
N ALA D 95 -24.08 -14.44 16.57
CA ALA D 95 -24.98 -15.13 15.60
C ALA D 95 -24.20 -16.16 14.76
N LEU D 96 -22.95 -15.84 14.39
CA LEU D 96 -22.06 -16.75 13.62
C LEU D 96 -21.79 -18.03 14.41
N TYR D 97 -21.78 -17.99 15.74
CA TYR D 97 -21.45 -19.15 16.64
C TYR D 97 -22.72 -19.98 16.94
N SER D 98 -23.93 -19.40 16.91
CA SER D 98 -25.23 -20.11 17.11
C SER D 98 -25.66 -20.80 15.79
N THR D 99 -24.75 -20.92 14.81
CA THR D 99 -24.95 -21.70 13.53
C THR D 99 -23.91 -22.83 13.49
N GLU D 100 -24.18 -23.85 12.67
CA GLU D 100 -23.35 -25.08 12.55
C GLU D 100 -22.43 -24.96 11.32
N ASP D 101 -21.45 -24.06 11.41
CA ASP D 101 -20.45 -23.76 10.34
C ASP D 101 -19.20 -24.60 10.58
N PRO D 102 -18.70 -25.37 9.59
CA PRO D 102 -17.48 -26.17 9.77
C PRO D 102 -16.17 -25.36 9.84
N GLN D 103 -16.20 -24.09 9.44
CA GLN D 103 -15.05 -23.15 9.43
C GLN D 103 -15.30 -22.03 10.46
N VAL D 104 -16.18 -22.27 11.43
CA VAL D 104 -16.68 -21.24 12.41
C VAL D 104 -15.51 -20.46 13.03
N SER D 105 -14.41 -21.11 13.41
CA SER D 105 -13.27 -20.47 14.14
C SER D 105 -12.42 -19.57 13.21
N GLN D 106 -12.24 -19.89 11.93
CA GLN D 106 -11.46 -19.03 10.99
C GLN D 106 -12.29 -17.78 10.67
N LYS D 107 -13.61 -17.93 10.49
CA LYS D 107 -14.56 -16.82 10.17
C LYS D 107 -14.69 -15.91 11.38
N GLY D 108 -14.67 -16.47 12.59
CA GLY D 108 -14.73 -15.71 13.86
C GLY D 108 -13.50 -14.84 14.02
N ALA D 109 -12.32 -15.44 13.84
CA ALA D 109 -11.00 -14.77 13.90
C ALA D 109 -10.98 -13.60 12.92
N GLU D 110 -11.40 -13.82 11.67
CA GLU D 110 -11.45 -12.79 10.59
C GLU D 110 -12.26 -11.58 11.05
N MET D 111 -13.43 -11.78 11.65
CA MET D 111 -14.31 -10.67 12.08
C MET D 111 -13.71 -9.95 13.29
N VAL D 112 -13.22 -10.69 14.28
CA VAL D 112 -12.59 -10.06 15.47
C VAL D 112 -11.44 -9.18 14.96
N ALA D 113 -10.59 -9.68 14.05
CA ALA D 113 -9.47 -8.92 13.44
C ALA D 113 -10.03 -7.65 12.79
N ALA D 114 -11.17 -7.76 12.09
CA ALA D 114 -11.83 -6.60 11.42
C ALA D 114 -12.32 -5.58 12.44
N LEU D 115 -12.91 -6.02 13.56
CA LEU D 115 -13.43 -5.09 14.60
C LEU D 115 -12.24 -4.35 15.24
N SER D 116 -11.06 -4.98 15.32
CA SER D 116 -9.81 -4.33 15.79
C SER D 116 -9.60 -3.04 14.97
N ASP D 117 -9.71 -3.16 13.65
CA ASP D 117 -9.61 -2.03 12.68
C ASP D 117 -10.64 -0.95 13.01
N VAL D 118 -11.91 -1.35 13.14
CA VAL D 118 -13.05 -0.43 13.41
C VAL D 118 -12.76 0.34 14.69
N ALA D 119 -12.38 -0.37 15.74
CA ALA D 119 -12.01 0.22 17.04
C ALA D 119 -10.93 1.27 16.82
N GLN D 120 -9.94 0.99 15.97
CA GLN D 120 -8.83 1.93 15.71
C GLN D 120 -9.39 3.19 15.01
N HIS D 121 -10.41 3.05 14.16
CA HIS D 121 -11.09 4.19 13.48
C HIS D 121 -11.87 5.01 14.52
N TYR D 122 -12.60 4.33 15.41
CA TYR D 122 -13.39 4.99 16.48
C TYR D 122 -12.43 5.72 17.44
N GLN D 123 -11.22 5.21 17.65
CA GLN D 123 -10.20 5.90 18.48
C GLN D 123 -9.89 7.26 17.82
N ALA D 124 -9.54 7.23 16.53
CA ALA D 124 -9.17 8.43 15.74
C ALA D 124 -10.35 9.42 15.67
N ALA D 125 -11.59 8.91 15.63
CA ALA D 125 -12.83 9.70 15.57
C ALA D 125 -12.98 10.47 16.88
N ALA D 126 -12.76 9.79 18.00
CA ALA D 126 -12.82 10.39 19.35
C ALA D 126 -11.69 11.42 19.47
N GLN D 127 -10.48 11.11 19.01
CA GLN D 127 -9.36 12.07 19.10
C GLN D 127 -9.80 13.40 18.45
N ALA D 128 -10.42 13.32 17.27
CA ALA D 128 -10.84 14.49 16.46
C ALA D 128 -11.76 15.39 17.30
N VAL D 129 -12.72 14.77 17.99
CA VAL D 129 -13.71 15.50 18.84
C VAL D 129 -12.98 16.13 20.02
N HIS D 130 -12.09 15.39 20.68
CA HIS D 130 -11.35 15.93 21.86
C HIS D 130 -10.50 17.14 21.44
N THR D 131 -9.86 17.08 20.30
CA THR D 131 -8.98 18.19 19.82
C THR D 131 -9.84 19.45 19.62
N GLN D 132 -11.09 19.33 19.17
CA GLN D 132 -12.01 20.51 19.00
C GLN D 132 -12.39 21.05 20.37
N LEU D 133 -12.73 20.18 21.33
CA LEU D 133 -13.10 20.62 22.71
C LEU D 133 -11.92 21.35 23.35
N GLN D 134 -10.71 20.83 23.17
CA GLN D 134 -9.45 21.39 23.72
C GLN D 134 -9.22 22.79 23.15
N ALA D 135 -9.44 22.98 21.85
CA ALA D 135 -9.29 24.27 21.13
C ALA D 135 -10.26 25.31 21.70
N LYS D 136 -11.53 24.95 21.87
CA LYS D 136 -12.54 25.88 22.45
C LYS D 136 -12.12 26.22 23.87
N ARG D 137 -11.75 25.23 24.68
CA ARG D 137 -11.33 25.51 26.08
C ARG D 137 -10.26 26.60 26.08
N GLU D 138 -9.23 26.46 25.23
CA GLU D 138 -8.06 27.39 25.18
C GLU D 138 -8.49 28.81 24.75
N MET D 139 -9.68 28.97 24.15
CA MET D 139 -10.19 30.31 23.74
C MET D 139 -11.20 30.82 24.78
N LEU D 140 -11.97 29.94 25.42
CA LEU D 140 -12.96 30.29 26.47
C LEU D 140 -12.30 30.78 27.77
N GLU D 141 -11.22 30.12 28.24
CA GLU D 141 -10.57 30.49 29.54
C GLU D 141 -10.15 31.97 29.50
N PRO D 142 -9.32 32.42 28.53
CA PRO D 142 -8.92 33.82 28.45
C PRO D 142 -10.07 34.83 28.25
N LEU D 143 -11.16 34.42 27.60
CA LEU D 143 -12.34 35.27 27.33
C LEU D 143 -13.00 35.63 28.66
N MET D 144 -13.23 34.62 29.51
CA MET D 144 -13.83 34.78 30.85
C MET D 144 -12.81 35.48 31.77
N GLY D 145 -11.54 35.06 31.69
CA GLY D 145 -10.45 35.67 32.48
C GLY D 145 -10.38 37.18 32.31
N ASN D 146 -10.56 37.67 31.08
CA ASN D 146 -10.47 39.12 30.73
C ASN D 146 -11.68 39.85 31.28
N PHE D 147 -12.85 39.23 31.26
CA PHE D 147 -14.08 39.88 31.75
C PHE D 147 -14.01 39.95 33.28
N LEU D 148 -13.40 38.94 33.94
CA LEU D 148 -13.23 38.94 35.42
C LEU D 148 -12.33 40.12 35.84
N ASN D 149 -11.21 40.36 35.14
CA ASN D 149 -10.30 41.51 35.41
C ASN D 149 -11.07 42.82 35.26
N VAL D 150 -12.13 42.83 34.45
CA VAL D 150 -13.00 44.04 34.20
C VAL D 150 -13.92 44.23 35.40
N ILE D 151 -14.56 43.17 35.89
CA ILE D 151 -15.45 43.24 37.09
C ILE D 151 -14.62 43.62 38.31
N ASP D 152 -13.42 43.05 38.43
CA ASP D 152 -12.52 43.23 39.61
C ASP D 152 -12.07 44.69 39.70
N ALA D 153 -11.57 45.27 38.59
CA ALA D 153 -11.12 46.69 38.52
C ALA D 153 -12.23 47.61 39.04
N ILE D 154 -13.49 47.34 38.66
CA ILE D 154 -14.67 48.13 39.08
C ILE D 154 -14.89 47.96 40.59
N GLU D 155 -14.92 46.71 41.07
CA GLU D 155 -15.18 46.37 42.50
C GLU D 155 -14.09 46.93 43.43
N GLN D 156 -12.80 46.90 43.04
CA GLN D 156 -11.70 47.31 43.95
C GLN D 156 -11.74 48.83 44.18
N GLY D 157 -12.65 49.57 43.55
CA GLY D 157 -12.82 51.02 43.75
C GLY D 157 -14.12 51.36 44.44
N LEU D 158 -14.88 50.37 44.92
CA LEU D 158 -16.18 50.58 45.61
C LEU D 158 -15.94 50.82 47.11
N ASN D 159 -16.89 51.46 47.77
CA ASN D 159 -16.89 51.65 49.24
C ASN D 159 -17.16 50.26 49.86
N ALA D 160 -17.09 50.14 51.18
CA ALA D 160 -17.25 48.88 51.94
C ALA D 160 -18.69 48.32 51.81
N GLU D 161 -19.72 49.17 51.83
CA GLU D 161 -21.14 48.73 51.78
C GLU D 161 -21.43 48.00 50.45
N ALA D 162 -20.88 48.48 49.34
CA ALA D 162 -21.07 47.92 47.99
C ALA D 162 -20.26 46.64 47.82
N LYS D 163 -19.03 46.58 48.36
CA LYS D 163 -18.19 45.36 48.29
C LYS D 163 -18.92 44.21 48.99
N GLN D 164 -19.61 44.49 50.10
CA GLN D 164 -20.34 43.44 50.88
C GLN D 164 -21.54 42.97 50.04
N GLN D 165 -22.26 43.91 49.42
CA GLN D 165 -23.45 43.59 48.56
C GLN D 165 -22.99 42.73 47.39
N ALA D 166 -21.79 43.01 46.85
CA ALA D 166 -21.17 42.27 45.71
C ALA D 166 -20.74 40.87 46.16
N GLN D 167 -20.18 40.73 47.36
CA GLN D 167 -19.72 39.45 47.95
C GLN D 167 -20.95 38.56 48.17
N THR D 168 -22.03 39.12 48.77
CA THR D 168 -23.28 38.38 49.05
C THR D 168 -23.74 37.72 47.75
N ILE D 169 -23.71 38.46 46.64
CA ILE D 169 -24.11 37.99 45.29
C ILE D 169 -23.15 36.88 44.85
N ALA D 170 -21.84 37.12 44.88
CA ALA D 170 -20.81 36.15 44.46
C ALA D 170 -21.01 34.83 45.22
N GLU D 171 -21.24 34.91 46.53
CA GLU D 171 -21.43 33.75 47.44
C GLU D 171 -22.70 32.99 47.06
N LEU D 172 -23.80 33.69 46.78
CA LEU D 172 -25.10 33.06 46.42
C LEU D 172 -25.01 32.35 45.06
N ASN D 173 -24.39 32.96 44.04
CA ASN D 173 -24.21 32.33 42.71
C ASN D 173 -23.41 31.02 42.89
N GLU D 174 -22.40 31.01 43.77
CA GLU D 174 -21.56 29.82 44.02
C GLU D 174 -22.40 28.73 44.68
N ALA D 175 -23.34 29.08 45.56
CA ALA D 175 -24.22 28.14 46.30
C ALA D 175 -25.22 27.51 45.34
N ILE D 176 -25.85 28.35 44.51
CA ILE D 176 -26.89 27.99 43.51
C ILE D 176 -26.31 26.96 42.52
N ALA D 177 -25.05 27.14 42.12
CA ALA D 177 -24.34 26.24 41.18
C ALA D 177 -24.26 24.85 41.79
N LYS D 178 -23.92 24.75 43.07
CA LYS D 178 -23.80 23.44 43.77
C LYS D 178 -25.19 22.79 43.84
N ASN D 179 -26.27 23.56 44.07
CA ASN D 179 -27.66 23.06 44.12
C ASN D 179 -28.04 22.48 42.74
N ILE D 180 -27.83 23.23 41.65
CA ILE D 180 -28.16 22.77 40.27
C ILE D 180 -27.45 21.45 40.03
N GLN D 181 -26.14 21.38 40.29
CA GLN D 181 -25.32 20.15 40.07
C GLN D 181 -25.99 18.99 40.83
N SER D 182 -26.46 19.20 42.05
CA SER D 182 -27.13 18.15 42.89
C SER D 182 -28.43 17.65 42.22
N ILE D 183 -29.19 18.57 41.62
CA ILE D 183 -30.50 18.33 40.93
C ILE D 183 -30.25 17.58 39.63
N ALA D 184 -29.26 18.02 38.85
CA ALA D 184 -28.90 17.41 37.56
C ALA D 184 -28.47 15.96 37.81
N ASP D 185 -27.74 15.69 38.89
CA ASP D 185 -27.24 14.32 39.24
C ASP D 185 -28.45 13.40 39.48
N ALA D 186 -29.44 13.88 40.23
CA ALA D 186 -30.69 13.17 40.58
C ALA D 186 -31.52 12.91 39.33
N GLY D 187 -31.62 13.88 38.42
CA GLY D 187 -32.34 13.72 37.15
C GLY D 187 -31.66 12.68 36.25
N PHE D 188 -30.33 12.69 36.22
CA PHE D 188 -29.47 11.84 35.36
C PHE D 188 -29.43 10.37 35.79
N LYS D 189 -29.70 10.07 37.07
CA LYS D 189 -29.72 8.69 37.62
C LYS D 189 -28.58 7.81 37.09
N ALA D 190 -27.35 8.32 37.10
CA ALA D 190 -26.10 7.60 36.70
C ALA D 190 -26.25 6.94 35.34
N GLY D 191 -26.85 7.64 34.38
CA GLY D 191 -26.96 7.22 32.97
C GLY D 191 -28.31 6.67 32.60
N GLU D 192 -29.06 6.16 33.56
CA GLU D 192 -30.36 5.48 33.32
C GLU D 192 -31.53 6.48 33.44
N GLY D 193 -31.26 7.77 33.65
CA GLY D 193 -32.35 8.75 33.83
C GLY D 193 -32.82 9.37 32.53
N VAL D 194 -33.96 10.07 32.58
CA VAL D 194 -34.54 10.87 31.46
C VAL D 194 -34.49 12.34 31.86
N VAL D 195 -33.40 13.01 31.48
CA VAL D 195 -32.95 14.39 31.85
C VAL D 195 -33.91 15.44 31.34
N GLN D 196 -34.16 16.44 32.18
CA GLN D 196 -35.02 17.62 31.95
C GLN D 196 -34.68 18.68 33.02
N LEU D 197 -34.33 19.89 32.58
CA LEU D 197 -34.09 21.08 33.44
C LEU D 197 -34.94 22.23 32.87
N GLY D 198 -35.50 23.10 33.71
CA GLY D 198 -36.33 24.24 33.28
C GLY D 198 -35.59 25.56 33.46
N GLN D 199 -36.32 26.67 33.35
CA GLN D 199 -35.80 28.05 33.55
C GLN D 199 -36.96 28.99 33.89
N SER D 200 -36.65 30.12 34.52
CA SER D 200 -37.63 31.19 34.87
C SER D 200 -36.84 32.43 35.29
N ILE D 201 -37.51 33.57 35.35
CA ILE D 201 -36.87 34.81 35.85
C ILE D 201 -36.74 34.60 37.37
N VAL D 202 -35.55 34.85 37.93
CA VAL D 202 -35.25 34.59 39.37
C VAL D 202 -34.88 35.89 40.08
N ALA D 203 -34.40 36.88 39.33
CA ALA D 203 -33.99 38.21 39.85
C ALA D 203 -34.16 39.28 38.77
N ALA D 204 -33.95 40.53 39.14
CA ALA D 204 -34.10 41.70 38.24
C ALA D 204 -33.20 42.83 38.72
N VAL D 205 -32.76 43.67 37.79
CA VAL D 205 -31.87 44.83 38.04
C VAL D 205 -32.53 46.08 37.46
N PRO D 206 -33.23 46.90 38.28
CA PRO D 206 -33.79 48.16 37.77
C PRO D 206 -32.70 49.07 37.16
N LEU D 207 -32.97 49.67 35.98
CA LEU D 207 -32.05 50.57 35.22
C LEU D 207 -32.65 52.00 35.08
N GLY D 208 -33.31 52.30 33.94
CA GLY D 208 -33.94 53.59 33.58
C GLY D 208 -33.07 54.78 33.97
N SER D 226 -39.17 55.57 26.98
CA SER D 226 -38.77 54.38 27.77
C SER D 226 -37.66 53.61 27.04
N ASP D 227 -36.64 53.13 27.77
CA ASP D 227 -35.54 52.31 27.22
C ASP D 227 -35.83 50.85 27.64
N GLN D 228 -35.10 50.27 28.61
CA GLN D 228 -35.27 48.84 29.00
C GLN D 228 -36.08 48.66 30.31
N ALA D 229 -36.11 49.64 31.23
CA ALA D 229 -36.88 49.58 32.51
C ALA D 229 -36.23 48.58 33.48
N SER D 230 -35.99 47.32 33.06
CA SER D 230 -35.32 46.31 33.93
C SER D 230 -34.63 45.17 33.16
N TYR D 231 -33.44 44.78 33.62
CA TYR D 231 -32.68 43.62 33.09
C TYR D 231 -33.15 42.40 33.88
N MET D 232 -33.90 41.49 33.24
CA MET D 232 -34.49 40.27 33.81
C MET D 232 -33.47 39.12 33.74
N ILE D 233 -33.17 38.53 34.90
CA ILE D 233 -32.15 37.44 35.06
C ILE D 233 -32.84 36.08 35.02
N SER D 234 -32.45 35.25 34.06
CA SER D 234 -32.94 33.86 33.86
C SER D 234 -32.04 32.93 34.68
N GLY D 235 -32.65 31.92 35.31
CA GLY D 235 -31.92 30.91 36.11
C GLY D 235 -32.49 29.53 35.85
N ILE D 236 -31.65 28.49 35.93
CA ILE D 236 -32.07 27.07 35.81
C ILE D 236 -33.06 26.78 36.94
N GLN D 237 -33.99 25.86 36.73
CA GLN D 237 -34.96 25.41 37.75
C GLN D 237 -35.14 23.90 37.58
N ALA D 238 -35.50 23.18 38.63
CA ALA D 238 -35.91 21.77 38.52
C ALA D 238 -37.31 21.81 37.91
N ILE D 239 -37.70 20.79 37.15
CA ILE D 239 -39.03 20.73 36.48
C ILE D 239 -40.15 20.72 37.54
N SER D 240 -41.29 21.32 37.20
CA SER D 240 -42.53 21.30 38.02
C SER D 240 -42.77 19.84 38.43
N ALA D 241 -42.25 19.39 39.58
CA ALA D 241 -42.35 17.99 40.05
C ALA D 241 -41.36 17.07 39.30
N GLY D 242 -40.24 17.64 38.82
CA GLY D 242 -39.23 16.94 37.99
C GLY D 242 -37.93 16.61 38.70
N ALA D 243 -37.93 16.58 40.05
CA ALA D 243 -36.82 16.14 40.94
C ALA D 243 -37.40 15.29 42.08
N SER D 244 -37.65 15.87 43.27
CA SER D 244 -38.12 15.17 44.51
C SER D 244 -37.15 14.03 44.91
N GLY D 245 -36.26 13.63 44.00
CA GLY D 245 -35.13 12.73 44.26
C GLY D 245 -33.93 13.48 44.82
N ALA D 246 -34.03 14.82 44.86
CA ALA D 246 -33.06 15.76 45.47
C ALA D 246 -33.85 16.92 46.12
N GLN D 247 -34.81 16.60 46.99
CA GLN D 247 -35.74 17.58 47.61
C GLN D 247 -34.95 18.67 48.32
N GLN D 248 -33.87 18.32 49.04
CA GLN D 248 -33.07 19.27 49.84
C GLN D 248 -32.45 20.32 48.89
N ALA D 249 -31.86 19.87 47.80
CA ALA D 249 -31.25 20.79 46.80
C ALA D 249 -32.33 21.73 46.25
N VAL D 250 -33.52 21.23 45.90
CA VAL D 250 -34.65 22.02 45.34
C VAL D 250 -35.08 23.08 46.34
N ASN D 251 -35.11 22.75 47.63
CA ASN D 251 -35.50 23.68 48.72
C ASN D 251 -34.42 24.76 48.87
N GLU D 252 -33.14 24.38 48.87
CA GLU D 252 -31.99 25.34 48.94
C GLU D 252 -32.05 26.27 47.71
N LEU D 253 -32.30 25.71 46.52
CA LEU D 253 -32.36 26.50 45.27
C LEU D 253 -33.46 27.57 45.39
N LYS D 254 -34.64 27.21 45.90
CA LYS D 254 -35.78 28.17 46.07
C LYS D 254 -35.33 29.31 46.99
N ALA D 255 -34.82 28.95 48.18
CA ALA D 255 -34.31 29.85 49.25
C ALA D 255 -33.22 30.76 48.69
N ASN D 256 -32.23 30.19 47.99
CA ASN D 256 -31.09 30.95 47.41
C ASN D 256 -31.59 31.95 46.34
N TYR D 257 -32.51 31.56 45.46
CA TYR D 257 -33.06 32.50 44.42
C TYR D 257 -33.74 33.67 45.15
N ALA D 258 -34.50 33.39 46.21
CA ALA D 258 -35.19 34.44 47.01
C ALA D 258 -34.15 35.48 47.46
N LYS D 259 -33.05 35.02 48.06
CA LYS D 259 -31.95 35.88 48.59
C LYS D 259 -31.22 36.59 47.44
N LEU D 260 -31.05 35.91 46.31
CA LEU D 260 -30.36 36.48 45.12
C LEU D 260 -31.14 37.69 44.62
N ALA D 261 -32.47 37.58 44.55
CA ALA D 261 -33.38 38.66 44.09
C ALA D 261 -33.14 39.90 44.93
N VAL D 262 -33.18 39.74 46.25
CA VAL D 262 -33.02 40.81 47.26
C VAL D 262 -31.64 41.46 47.11
N ALA D 263 -30.60 40.65 46.95
CA ALA D 263 -29.18 41.10 46.88
C ALA D 263 -28.93 41.96 45.64
N TYR D 264 -29.52 41.62 44.48
CA TYR D 264 -29.37 42.41 43.22
C TYR D 264 -30.10 43.76 43.40
N ARG D 265 -31.29 43.74 44.01
CA ARG D 265 -32.09 44.98 44.25
C ARG D 265 -31.21 45.95 45.05
N ALA D 266 -30.47 45.44 46.03
CA ALA D 266 -29.58 46.22 46.92
C ALA D 266 -28.40 46.84 46.15
N LEU D 267 -27.60 46.02 45.46
CA LEU D 267 -26.41 46.49 44.72
C LEU D 267 -26.83 47.44 43.58
N ALA D 268 -28.01 47.22 42.99
CA ALA D 268 -28.55 47.98 41.84
C ALA D 268 -28.83 49.45 42.22
N THR D 269 -29.31 49.73 43.43
CA THR D 269 -29.68 51.12 43.84
C THR D 269 -28.54 52.08 43.41
N ALA D 270 -27.28 51.73 43.66
CA ALA D 270 -26.08 52.57 43.40
C ALA D 270 -25.28 52.10 42.19
N ASN D 271 -25.07 50.78 42.03
CA ASN D 271 -24.27 50.17 40.93
C ASN D 271 -25.14 49.15 40.17
N ALA D 272 -25.94 49.61 39.22
CA ALA D 272 -26.90 48.81 38.43
C ALA D 272 -26.18 48.07 37.30
N LEU D 273 -25.28 48.75 36.60
CA LEU D 273 -24.59 48.17 35.44
C LEU D 273 -23.60 47.10 35.91
N LEU D 274 -23.00 47.24 37.09
CA LEU D 274 -22.10 46.20 37.67
C LEU D 274 -22.94 44.95 37.98
N SER D 275 -24.11 45.14 38.58
CA SER D 275 -25.09 44.06 38.89
C SER D 275 -25.32 43.21 37.64
N VAL D 276 -25.54 43.86 36.50
CA VAL D 276 -25.77 43.18 35.18
C VAL D 276 -24.51 42.37 34.85
N ALA D 277 -23.35 43.01 34.80
CA ALA D 277 -22.04 42.37 34.49
C ALA D 277 -21.85 41.11 35.32
N LYS D 278 -22.20 41.16 36.61
CA LYS D 278 -22.06 40.03 37.57
C LYS D 278 -23.03 38.91 37.19
N SER D 279 -24.27 39.24 36.85
CA SER D 279 -25.34 38.30 36.43
C SER D 279 -24.91 37.50 35.20
N VAL D 280 -24.25 38.16 34.23
CA VAL D 280 -23.75 37.54 32.97
C VAL D 280 -22.59 36.61 33.28
N GLN D 281 -21.62 37.09 34.07
CA GLN D 281 -20.40 36.33 34.47
C GLN D 281 -20.79 35.06 35.25
N ALA D 282 -21.86 35.10 36.04
CA ALA D 282 -22.36 33.93 36.81
C ALA D 282 -22.76 32.82 35.84
N GLN D 283 -23.45 33.21 34.75
CA GLN D 283 -23.93 32.30 33.68
C GLN D 283 -22.72 31.77 32.90
N ALA D 284 -21.76 32.62 32.57
CA ALA D 284 -20.52 32.26 31.84
C ALA D 284 -19.75 31.19 32.63
N GLN D 285 -19.56 31.44 33.94
CA GLN D 285 -18.85 30.53 34.86
C GLN D 285 -19.40 29.11 34.72
N LEU D 286 -20.72 28.93 34.84
CA LEU D 286 -21.35 27.60 34.78
C LEU D 286 -20.98 26.92 33.45
N PHE D 287 -21.12 27.65 32.34
CA PHE D 287 -20.86 27.16 30.96
C PHE D 287 -19.39 26.77 30.82
N VAL D 288 -18.48 27.68 31.14
CA VAL D 288 -17.02 27.45 30.93
C VAL D 288 -16.51 26.36 31.88
N ASP D 289 -16.94 26.34 33.13
CA ASP D 289 -16.50 25.30 34.10
C ASP D 289 -16.88 23.92 33.56
N THR D 290 -18.14 23.72 33.16
CA THR D 290 -18.60 22.36 32.73
C THR D 290 -18.05 22.07 31.32
N TYR D 291 -17.70 23.09 30.53
CA TYR D 291 -17.06 22.85 29.22
C TYR D 291 -15.69 22.19 29.49
N VAL D 292 -14.97 22.73 30.47
CA VAL D 292 -13.62 22.22 30.86
C VAL D 292 -13.76 20.76 31.33
N LEU D 293 -14.79 20.46 32.12
CA LEU D 293 -15.01 19.08 32.63
C LEU D 293 -15.35 18.17 31.46
N THR D 294 -16.06 18.68 30.46
CA THR D 294 -16.45 17.90 29.26
C THR D 294 -15.15 17.53 28.54
N GLU D 295 -14.28 18.50 28.28
CA GLU D 295 -12.96 18.30 27.65
C GLU D 295 -12.16 17.23 28.40
N GLN D 296 -12.13 17.30 29.74
CA GLN D 296 -11.29 16.40 30.59
C GLN D 296 -11.80 14.96 30.54
N ARG D 297 -13.12 14.73 30.59
CA ARG D 297 -13.69 13.35 30.55
C ARG D 297 -13.44 12.73 29.18
N MET D 298 -13.50 13.56 28.15
CA MET D 298 -13.35 13.17 26.73
C MET D 298 -11.90 12.80 26.41
N ALA D 299 -10.93 13.36 27.17
CA ALA D 299 -9.49 13.17 26.94
C ALA D 299 -9.09 11.69 26.99
N LEU D 300 -9.75 10.89 27.80
CA LEU D 300 -9.38 9.46 28.04
C LEU D 300 -10.00 8.50 27.01
N LEU D 301 -10.98 8.99 26.23
CA LEU D 301 -11.80 8.12 25.33
C LEU D 301 -10.99 7.52 24.20
N PRO D 302 -10.15 8.30 23.47
CA PRO D 302 -9.32 7.73 22.40
C PRO D 302 -8.49 6.54 22.90
N THR D 303 -7.78 6.71 24.00
CA THR D 303 -6.98 5.63 24.63
C THR D 303 -7.86 4.40 24.86
N GLU D 304 -9.07 4.58 25.40
CA GLU D 304 -9.96 3.42 25.72
C GLU D 304 -10.38 2.72 24.44
N TRP D 305 -10.64 3.42 23.32
CA TRP D 305 -10.97 2.70 22.06
C TRP D 305 -9.72 1.94 21.59
N GLY D 306 -8.54 2.58 21.70
CA GLY D 306 -7.23 1.96 21.39
C GLY D 306 -7.01 0.67 22.18
N LYS D 307 -7.47 0.62 23.42
CA LYS D 307 -7.38 -0.59 24.29
C LYS D 307 -8.27 -1.71 23.73
N VAL D 308 -9.45 -1.38 23.21
CA VAL D 308 -10.37 -2.37 22.57
C VAL D 308 -9.69 -2.89 21.29
N ALA D 309 -9.02 -2.00 20.56
CA ALA D 309 -8.30 -2.34 19.31
C ALA D 309 -7.20 -3.35 19.61
N GLU D 310 -6.35 -3.07 20.61
CA GLU D 310 -5.22 -3.95 21.01
C GLU D 310 -5.78 -5.29 21.50
N ALA D 311 -6.80 -5.28 22.35
CA ALA D 311 -7.40 -6.51 22.93
C ALA D 311 -7.94 -7.42 21.83
N TYR D 312 -8.59 -6.83 20.80
CA TYR D 312 -9.21 -7.56 19.67
C TYR D 312 -8.13 -8.11 18.73
N LEU D 313 -7.05 -7.37 18.51
CA LEU D 313 -5.92 -7.79 17.65
C LEU D 313 -5.23 -9.05 18.24
N THR D 314 -4.95 -9.04 19.54
CA THR D 314 -4.37 -10.15 20.37
C THR D 314 -5.26 -11.40 20.32
N ALA D 315 -6.58 -11.18 20.47
CA ALA D 315 -7.63 -12.21 20.59
C ALA D 315 -7.78 -13.03 19.30
N ALA D 316 -7.73 -12.38 18.14
CA ALA D 316 -8.02 -12.99 16.82
C ALA D 316 -7.20 -14.25 16.56
N PRO D 317 -5.84 -14.23 16.52
CA PRO D 317 -5.07 -15.44 16.22
C PRO D 317 -5.36 -16.57 17.22
N ILE D 318 -5.69 -16.22 18.47
CA ILE D 318 -6.02 -17.17 19.57
C ILE D 318 -7.37 -17.86 19.25
N ILE D 319 -8.39 -17.10 18.81
CA ILE D 319 -9.74 -17.64 18.47
C ILE D 319 -9.61 -18.58 17.27
N ASN D 320 -8.61 -18.33 16.42
CA ASN D 320 -8.31 -19.11 15.18
C ASN D 320 -7.77 -20.49 15.57
N GLN D 321 -6.93 -20.57 16.61
CA GLN D 321 -6.30 -21.84 17.10
C GLN D 321 -7.36 -22.80 17.65
N ALA D 322 -8.50 -22.31 18.17
CA ALA D 322 -9.63 -23.12 18.71
C ALA D 322 -10.25 -23.99 17.62
N GLY D 323 -9.77 -25.23 17.45
CA GLY D 323 -10.19 -26.18 16.39
C GLY D 323 -10.81 -27.45 16.93
N SER D 324 -10.92 -27.62 18.25
CA SER D 324 -11.54 -28.82 18.91
C SER D 324 -13.04 -28.55 19.13
N ALA D 325 -13.78 -29.54 19.66
CA ALA D 325 -15.21 -29.42 20.01
C ALA D 325 -15.34 -28.52 21.25
N ALA D 326 -14.60 -28.85 22.31
CA ALA D 326 -14.58 -28.17 23.63
C ALA D 326 -13.96 -26.76 23.55
N GLU D 327 -13.05 -26.52 22.59
CA GLU D 327 -12.41 -25.19 22.38
C GLU D 327 -13.44 -24.26 21.70
N ILE D 328 -14.18 -24.77 20.70
CA ILE D 328 -15.25 -24.00 19.98
C ILE D 328 -16.37 -23.67 20.99
N LYS D 329 -16.74 -24.63 21.83
CA LYS D 329 -17.81 -24.45 22.86
C LYS D 329 -17.37 -23.36 23.84
N GLN D 330 -16.10 -23.35 24.24
CA GLN D 330 -15.51 -22.35 25.20
C GLN D 330 -15.49 -20.96 24.55
N ALA D 331 -15.12 -20.87 23.28
CA ALA D 331 -15.11 -19.61 22.49
C ALA D 331 -16.53 -19.06 22.35
N LYS D 332 -17.52 -19.91 22.04
CA LYS D 332 -18.94 -19.49 21.89
C LYS D 332 -19.40 -18.84 23.19
N GLN D 333 -19.00 -19.44 24.32
CA GLN D 333 -19.29 -19.02 25.72
C GLN D 333 -18.65 -17.64 25.96
N ILE D 334 -17.35 -17.49 25.66
CA ILE D 334 -16.58 -16.23 25.88
C ILE D 334 -17.23 -15.12 25.04
N ILE D 335 -17.65 -15.42 23.81
CA ILE D 335 -18.26 -14.44 22.87
C ILE D 335 -19.69 -14.09 23.31
N SER D 336 -20.51 -15.09 23.65
CA SER D 336 -21.91 -14.87 24.08
C SER D 336 -21.93 -13.95 25.31
N LEU D 337 -21.00 -14.11 26.24
CA LEU D 337 -20.92 -13.29 27.50
C LEU D 337 -20.52 -11.84 27.15
N ASN D 338 -19.53 -11.67 26.29
CA ASN D 338 -19.04 -10.32 25.89
C ASN D 338 -20.13 -9.61 25.07
N ALA D 339 -20.98 -10.35 24.35
CA ALA D 339 -22.10 -9.79 23.57
C ALA D 339 -23.09 -9.13 24.53
N GLU D 340 -23.47 -9.81 25.61
CA GLU D 340 -24.41 -9.29 26.64
C GLU D 340 -23.87 -7.96 27.15
N LYS D 341 -22.56 -7.86 27.39
CA LYS D 341 -21.87 -6.64 27.90
C LYS D 341 -22.07 -5.51 26.88
N TRP D 342 -21.91 -5.79 25.58
CA TRP D 342 -22.08 -4.78 24.50
C TRP D 342 -23.55 -4.39 24.35
N GLN D 343 -24.49 -5.32 24.52
CA GLN D 343 -25.95 -5.00 24.44
C GLN D 343 -26.34 -4.06 25.57
N LEU D 344 -25.83 -4.30 26.78
CA LEU D 344 -26.11 -3.47 27.98
C LEU D 344 -25.59 -2.06 27.69
N PHE D 345 -24.37 -1.99 27.16
CA PHE D 345 -23.69 -0.71 26.77
C PHE D 345 -24.56 -0.03 25.72
N SER D 346 -24.98 -0.75 24.67
CA SER D 346 -25.84 -0.21 23.59
C SER D 346 -27.07 0.49 24.19
N LYS D 347 -27.68 -0.05 25.26
CA LYS D 347 -28.87 0.56 25.91
C LYS D 347 -28.47 1.89 26.53
N SER D 348 -27.37 1.90 27.30
CA SER D 348 -26.81 3.12 27.95
C SER D 348 -26.65 4.22 26.88
N ILE D 349 -26.18 3.84 25.68
CA ILE D 349 -25.95 4.75 24.52
C ILE D 349 -27.30 5.25 23.99
N ASP D 350 -28.25 4.35 23.75
CA ASP D 350 -29.60 4.71 23.23
C ASP D 350 -30.22 5.78 24.13
N ASN D 351 -30.08 5.64 25.45
CA ASN D 351 -30.67 6.57 26.43
C ASN D 351 -29.93 7.91 26.42
N ALA D 352 -28.61 7.90 26.28
CA ALA D 352 -27.78 9.14 26.21
C ALA D 352 -28.20 9.94 24.97
N LYS D 353 -28.39 9.26 23.81
CA LYS D 353 -28.77 9.91 22.54
C LYS D 353 -30.19 10.50 22.65
N ALA D 354 -31.11 9.78 23.32
CA ALA D 354 -32.51 10.24 23.57
C ALA D 354 -32.44 11.47 24.45
N ASN D 355 -31.55 11.49 25.43
CA ASN D 355 -31.37 12.63 26.37
C ASN D 355 -30.78 13.83 25.59
N TYR D 356 -29.75 13.65 24.76
CA TYR D 356 -29.16 14.76 23.97
C TYR D 356 -30.23 15.35 23.05
N ALA D 357 -31.18 14.53 22.58
CA ALA D 357 -32.30 14.99 21.71
C ALA D 357 -33.30 15.80 22.57
N GLY D 358 -33.76 15.23 23.67
CA GLY D 358 -34.81 15.78 24.55
C GLY D 358 -34.36 17.00 25.30
N ASN D 359 -33.11 17.00 25.77
CA ASN D 359 -32.50 18.08 26.58
C ASN D 359 -32.05 19.24 25.69
N ASN D 360 -32.46 19.28 24.40
CA ASN D 360 -32.12 20.39 23.48
C ASN D 360 -32.99 21.61 23.79
N ILE D 361 -34.10 21.41 24.51
CA ILE D 361 -35.03 22.50 24.90
C ILE D 361 -34.91 22.69 26.42
N LEU D 362 -34.88 23.95 26.87
CA LEU D 362 -34.89 24.36 28.31
C LEU D 362 -36.22 25.03 28.60
N PRO D 363 -37.33 24.28 28.82
CA PRO D 363 -38.67 24.87 28.95
C PRO D 363 -38.87 25.89 30.08
N GLU D 364 -39.81 26.82 29.91
CA GLU D 364 -40.15 27.83 30.96
C GLU D 364 -40.99 27.14 32.05
N VAL D 365 -40.88 27.58 33.30
CA VAL D 365 -41.67 27.10 34.48
C VAL D 365 -42.00 28.34 35.34
N LEU D 366 -43.20 28.38 35.94
CA LEU D 366 -43.68 29.47 36.85
C LEU D 366 -44.14 28.81 38.15
#